data_7COW
#
_entry.id   7COW
#
_cell.length_a   66.215
_cell.length_b   105.053
_cell.length_c   171.126
_cell.angle_alpha   86.590
_cell.angle_beta   88.950
_cell.angle_gamma   88.250
#
_symmetry.space_group_name_H-M   'P 1'
#
loop_
_entity.id
_entity.type
_entity.pdbx_description
1 polymer 'DNA (353-MER)'
2 polymer 'DNA (353-MER)'
3 polymer 'Histone H3.1'
4 polymer 'Histone H4'
5 polymer 'Histone H2A type 1-B/E'
6 polymer 'Histone H2B type 1-J'
7 polymer 'Histone H1.0'
8 non-polymer 'CALCIUM ION'
9 non-polymer 'POTASSIUM ION'
10 non-polymer 'CHLORIDE ION'
11 water water
#
loop_
_entity_poly.entity_id
_entity_poly.type
_entity_poly.pdbx_seq_one_letter_code
_entity_poly.pdbx_strand_id
1 'polydeoxyribonucleotide'
;(DC)(DG)(DC)(DT)(DG)(DC)(DG)(DA)(DA)(DA)(DA)(DA)(DA)(DA)(DA)(DA)(DA)(DC)(DG)(DC)
(DA)(DT)(DC)(DC)(DC)(DG)(DG)(DT)(DG)(DC)(DC)(DG)(DA)(DG)(DG)(DC)(DC)(DG)(DC)(DT)
(DC)(DA)(DA)(DT)(DT)(DG)(DG)(DT)(DC)(DG)(DT)(DA)(DG)(DA)(DC)(DA)(DG)(DC)(DT)(DC)
(DT)(DA)(DG)(DC)(DA)(DC)(DC)(DG)(DC)(DT)(DT)(DA)(DA)(DA)(DC)(DG)(DC)(DA)(DC)(DG)
(DT)(DA)(DC)(DG)(DC)(DG)(DC)(DT)(DG)(DT)(DC)(DT)(DA)(DC)(DC)(DG)(DC)(DG)(DT)(DT)
(DT)(DT)(DA)(DA)(DC)(DC)(DG)(DC)(DC)(DA)(DC)(DT)(DA)(DG)(DA)(DA)(DG)(DC)(DG)(DC)
(DT)(DT)(DA)(DC)(DT)(DA)(DG)(DT)(DC)(DT)(DC)(DC)(DA)(DG)(DG)(DC)(DA)(DC)(DG)(DT)
(DG)(DT)(DG)(DA)(DG)(DA)(DC)(DC)(DG)(DG)(DC)(DA)(DC)(DA)(DT)(DG)(DA)(DA)(DA)(DA)
(DA)(DA)(DA)(DA)(DA)(DA)(DT)(DG)(DC)(DA)(DT)(DG)(DC)(DT)(DC)(DG)(DA)(DG)(DT)(DA)
(DT)(DG)(DA)(DA)(DA)(DA)(DA)(DA)(DA)(DA)(DA)(DA)(DT)(DC)(DG)(DC)(DA)(DT)(DC)(DC)
(DC)(DG)(DG)(DT)(DG)(DC)(DC)(DG)(DA)(DG)(DG)(DC)(DC)(DG)(DC)(DT)(DC)(DA)(DA)(DT)
(DT)(DG)(DG)(DT)(DC)(DG)(DT)(DA)(DG)(DA)(DC)(DA)(DG)(DC)(DT)(DC)(DT)(DA)(DG)(DC)
(DA)(DC)(DC)(DG)(DC)(DT)(DT)(DA)(DA)(DA)(DC)(DG)(DC)(DA)(DC)(DG)(DT)(DA)(DC)(DG)
(DC)(DG)(DC)(DT)(DG)(DT)(DC)(DT)(DA)(DC)(DC)(DG)(DC)(DG)(DT)(DT)(DT)(DT)(DA)(DA)
(DC)(DC)(DG)(DC)(DC)(DA)(DC)(DT)(DA)(DG)(DA)(DA)(DG)(DC)(DG)(DC)(DT)(DT)(DA)(DC)
(DT)(DA)(DG)(DT)(DC)(DT)(DC)(DC)(DA)(DG)(DG)(DC)(DA)(DC)(DG)(DT)(DG)(DT)(DG)(DA)
(DG)(DA)(DC)(DC)(DG)(DG)(DC)(DA)(DC)(DA)(DT)(DG)(DA)(DA)(DA)(DA)(DA)(DA)(DA)(DA)
(DA)(DA)(DC)(DG)(DC)(DA)(DG)(DC)(DG)(DG)(DT)(DA)(DC)
;
I
2 'polydeoxyribonucleotide'
;(DC)(DG)(DC)(DT)(DG)(DC)(DG)(DT)(DT)(DT)(DT)(DT)(DT)(DT)(DT)(DT)(DT)(DC)(DA)(DT)
(DG)(DT)(DG)(DC)(DC)(DG)(DG)(DT)(DC)(DT)(DC)(DA)(DC)(DA)(DC)(DG)(DT)(DG)(DC)(DC)
(DT)(DG)(DG)(DA)(DG)(DA)(DC)(DT)(DA)(DG)(DT)(DA)(DA)(DG)(DC)(DG)(DC)(DT)(DT)(DC)
(DT)(DA)(DG)(DT)(DG)(DG)(DC)(DG)(DG)(DT)(DT)(DA)(DA)(DA)(DA)(DC)(DG)(DC)(DG)(DG)
(DT)(DA)(DG)(DA)(DC)(DA)(DG)(DC)(DG)(DC)(DG)(DT)(DA)(DC)(DG)(DT)(DG)(DC)(DG)(DT)
(DT)(DT)(DA)(DA)(DG)(DC)(DG)(DG)(DT)(DG)(DC)(DT)(DA)(DG)(DA)(DG)(DC)(DT)(DG)(DT)
(DC)(DT)(DA)(DC)(DG)(DA)(DC)(DC)(DA)(DA)(DT)(DT)(DG)(DA)(DG)(DC)(DG)(DG)(DC)(DC)
(DT)(DC)(DG)(DG)(DC)(DA)(DC)(DC)(DG)(DG)(DG)(DA)(DT)(DG)(DC)(DG)(DA)(DT)(DT)(DT)
(DT)(DT)(DT)(DT)(DT)(DT)(DT)(DC)(DA)(DT)(DA)(DC)(DT)(DC)(DG)(DA)(DG)(DC)(DA)(DT)
(DG)(DC)(DA)(DT)(DT)(DT)(DT)(DT)(DT)(DT)(DT)(DT)(DT)(DC)(DA)(DT)(DG)(DT)(DG)(DC)
(DC)(DG)(DG)(DT)(DC)(DT)(DC)(DA)(DC)(DA)(DC)(DG)(DT)(DG)(DC)(DC)(DT)(DG)(DG)(DA)
(DG)(DA)(DC)(DT)(DA)(DG)(DT)(DA)(DA)(DG)(DC)(DG)(DC)(DT)(DT)(DC)(DT)(DA)(DG)(DT)
(DG)(DG)(DC)(DG)(DG)(DT)(DT)(DA)(DA)(DA)(DA)(DC)(DG)(DC)(DG)(DG)(DT)(DA)(DG)(DA)
(DC)(DA)(DG)(DC)(DG)(DC)(DG)(DT)(DA)(DC)(DG)(DT)(DG)(DC)(DG)(DT)(DT)(DT)(DA)(DA)
(DG)(DC)(DG)(DG)(DT)(DG)(DC)(DT)(DA)(DG)(DA)(DG)(DC)(DT)(DG)(DT)(DC)(DT)(DA)(DC)
(DG)(DA)(DC)(DC)(DA)(DA)(DT)(DT)(DG)(DA)(DG)(DC)(DG)(DG)(DC)(DC)(DT)(DC)(DG)(DG)
(DC)(DA)(DC)(DC)(DG)(DG)(DG)(DA)(DT)(DG)(DC)(DG)(DT)(DT)(DT)(DT)(DT)(DT)(DT)(DT)
(DT)(DT)(DC)(DG)(DC)(DA)(DG)(DC)(DG)(DG)(DT)(DA)(DC)
;
J
3 'polypeptide(L)'
;SHMARTKQTARKSTGGKAPRKQLATKAARKSAPATGGVKKPHRYRPGTVALREIRRYQKSTELLIRKLPFQRLVREIAQD
FKTDLRFQSSAVMALQEACEAYLVGLFEDTNLCAIHAKRVTIMPKDIQLARRIRGERA
;
A,E,K,O
4 'polypeptide(L)'
;SHMSGRGKGGKGLGKGGAKRHRKVLRDNIQGITKPAIRRLARRGGVKRISGLIYEETRGVLKVFLENVIRDAVTYTEHAK
RKTVTAMDVVYALKRQGRTLYGFGG
;
B,F,L,P
5 'polypeptide(L)'
;SHMSGRGKQGGKARAKAKTRSSRAGLQFPVGRVHRLLRKGNYSERVGAGAPVYLAAVLEYLTAEILELAGNAARDNKKTR
IIPRHLQLAIRNDEELNKLLGRVTIAQGGVLPNIQAVLLPKKTESHHKAKGK
;
C,G,M,Q
6 'polypeptide(L)'
;SHMPEPAKSAPAPKKGSKKAVTKAQKKDGKKRKRSRKESYSIYVYKVLKQVHPDTGISSKAMGIMNSFVNDIFERIAGEA
SRLAHYNKRSTITSREIQTAVRLLLPGELAKHAVSEGTKAVTKYTSAK
;
D,H,N,R
7 'polypeptide(L)'
;GPTENSTSAPAAKPKRAKASKKSTDHPKYSDMIVAAIQAEKNRAGSSRQSIQKYIKSHYKVGENADSQIKLSIKRLVTTG
VLKQTKGVGASGSFRLAKSDEPKKSVAFKKTKKEIKKVATPKKASKPKKAASKAPTKKPKATPVKKAKKKLAATPKKAKK
PKTVKAKPVKASKPKKAKPVKPKAKSSAKRAGKKK
;
S,T
#
loop_
_chem_comp.id
_chem_comp.type
_chem_comp.name
_chem_comp.formula
CA non-polymer 'CALCIUM ION' 'Ca 2'
CL non-polymer 'CHLORIDE ION' 'Cl -1'
DA DNA linking 2'-DEOXYADENOSINE-5'-MONOPHOSPHATE 'C10 H14 N5 O6 P'
DC DNA linking 2'-DEOXYCYTIDINE-5'-MONOPHOSPHATE 'C9 H14 N3 O7 P'
DG DNA linking 2'-DEOXYGUANOSINE-5'-MONOPHOSPHATE 'C10 H14 N5 O7 P'
DT DNA linking THYMIDINE-5'-MONOPHOSPHATE 'C10 H15 N2 O8 P'
K non-polymer 'POTASSIUM ION' 'K 1'
#
# COMPACT_ATOMS: atom_id res chain seq x y z
N PRO C 41 -39.66 0.49 45.68
CA PRO C 41 -40.41 -0.67 46.23
C PRO C 41 -40.48 -1.82 45.23
N HIS C 42 -41.37 -2.79 45.47
CA HIS C 42 -41.82 -3.83 44.49
C HIS C 42 -43.26 -3.50 44.07
N ARG C 43 -43.64 -3.93 42.86
CA ARG C 43 -45.03 -3.78 42.33
C ARG C 43 -45.32 -4.91 41.33
N TYR C 44 -46.58 -5.38 41.31
CA TYR C 44 -47.12 -6.42 40.41
C TYR C 44 -47.43 -5.79 39.05
N ARG C 45 -47.19 -6.57 37.98
CA ARG C 45 -47.23 -6.12 36.56
C ARG C 45 -48.69 -5.95 36.11
N PRO C 46 -49.03 -4.85 35.39
CA PRO C 46 -50.40 -4.63 34.93
C PRO C 46 -51.08 -5.90 34.44
N GLY C 47 -52.09 -6.34 35.19
CA GLY C 47 -52.90 -7.54 34.89
C GLY C 47 -52.95 -8.48 36.07
N THR C 48 -51.79 -8.76 36.70
CA THR C 48 -51.67 -9.87 37.68
C THR C 48 -52.51 -9.56 38.93
N VAL C 49 -52.79 -8.29 39.24
CA VAL C 49 -53.77 -7.94 40.32
C VAL C 49 -55.18 -8.30 39.83
N ALA C 50 -55.50 -7.93 38.57
CA ALA C 50 -56.78 -8.28 37.91
C ALA C 50 -57.00 -9.78 38.03
N LEU C 51 -56.16 -10.60 37.40
CA LEU C 51 -56.32 -12.09 37.42
C LEU C 51 -56.72 -12.53 38.83
N ARG C 52 -56.07 -11.99 39.86
CA ARG C 52 -56.37 -12.32 41.28
C ARG C 52 -57.80 -11.82 41.58
N GLU C 53 -58.07 -10.55 41.29
CA GLU C 53 -59.40 -9.89 41.48
C GLU C 53 -60.52 -10.77 40.87
N ILE C 54 -60.23 -11.44 39.73
CA ILE C 54 -61.08 -12.51 39.14
C ILE C 54 -61.20 -13.65 40.16
N ARG C 55 -60.13 -14.43 40.34
CA ARG C 55 -60.13 -15.67 41.17
C ARG C 55 -60.90 -15.39 42.46
N ARG C 56 -60.59 -14.27 43.14
CA ARG C 56 -61.26 -13.83 44.38
C ARG C 56 -62.78 -13.88 44.16
N TYR C 57 -63.26 -13.10 43.21
CA TYR C 57 -64.70 -12.74 43.09
C TYR C 57 -65.48 -13.89 42.43
N GLN C 58 -64.82 -14.82 41.73
CA GLN C 58 -65.50 -16.03 41.17
C GLN C 58 -65.79 -17.01 42.29
N LYS C 59 -64.81 -17.24 43.17
CA LYS C 59 -64.87 -18.23 44.29
C LYS C 59 -65.84 -17.76 45.38
N SER C 60 -66.21 -16.48 45.37
CA SER C 60 -67.10 -15.85 46.38
C SER C 60 -68.49 -15.57 45.80
N THR C 61 -69.41 -15.12 46.66
CA THR C 61 -70.82 -14.81 46.30
C THR C 61 -71.33 -13.50 46.92
N GLU C 62 -70.57 -12.82 47.78
CA GLU C 62 -71.07 -11.57 48.40
C GLU C 62 -71.55 -10.68 47.25
N LEU C 63 -72.64 -9.91 47.44
CA LEU C 63 -73.12 -8.92 46.44
C LEU C 63 -72.12 -7.78 46.35
N LEU C 64 -71.73 -7.38 45.14
CA LEU C 64 -70.57 -6.49 44.85
C LEU C 64 -70.99 -5.02 44.62
N ILE C 65 -72.28 -4.69 44.63
CA ILE C 65 -72.74 -3.27 44.65
C ILE C 65 -73.08 -2.94 46.09
N ARG C 66 -72.79 -1.70 46.50
CA ARG C 66 -73.04 -1.18 47.88
C ARG C 66 -74.56 -1.11 48.08
N LYS C 67 -75.07 -1.70 49.16
CA LYS C 67 -76.51 -2.02 49.33
C LYS C 67 -77.36 -0.75 49.27
N LEU C 68 -76.99 0.31 49.99
CA LEU C 68 -77.81 1.55 50.14
C LEU C 68 -77.85 2.31 48.81
N PRO C 69 -76.70 2.60 48.17
CA PRO C 69 -76.72 3.19 46.82
C PRO C 69 -77.79 2.53 45.95
N PHE C 70 -77.64 1.23 45.74
CA PHE C 70 -78.56 0.43 44.91
C PHE C 70 -80.00 0.77 45.29
N GLN C 71 -80.31 0.74 46.59
CA GLN C 71 -81.70 0.84 47.10
C GLN C 71 -82.26 2.21 46.73
N ARG C 72 -81.48 3.28 46.92
CA ARG C 72 -81.89 4.64 46.51
C ARG C 72 -82.27 4.60 45.03
N LEU C 73 -81.36 4.07 44.19
CA LEU C 73 -81.60 3.92 42.72
C LEU C 73 -82.97 3.26 42.51
N VAL C 74 -83.23 2.13 43.16
CA VAL C 74 -84.51 1.36 43.02
C VAL C 74 -85.67 2.31 43.27
N ARG C 75 -85.64 3.11 44.34
CA ARG C 75 -86.78 3.98 44.72
C ARG C 75 -86.85 5.16 43.75
N GLU C 76 -85.70 5.70 43.33
CA GLU C 76 -85.58 6.69 42.21
C GLU C 76 -86.40 6.18 41.02
N ILE C 77 -86.05 4.98 40.54
CA ILE C 77 -86.62 4.35 39.31
C ILE C 77 -88.09 3.98 39.54
N ALA C 78 -88.48 3.69 40.78
CA ALA C 78 -89.86 3.26 41.13
C ALA C 78 -90.79 4.47 41.12
N GLN C 79 -90.33 5.64 41.60
CA GLN C 79 -91.15 6.87 41.64
C GLN C 79 -91.73 7.13 40.25
N ASP C 80 -90.95 6.87 39.19
CA ASP C 80 -91.40 6.94 37.78
C ASP C 80 -92.79 6.31 37.67
N PHE C 81 -92.93 5.02 38.04
CA PHE C 81 -94.12 4.17 37.78
C PHE C 81 -95.18 4.35 38.86
N LYS C 82 -94.83 4.92 40.03
CA LYS C 82 -95.81 5.28 41.10
C LYS C 82 -95.10 5.88 42.33
N THR C 83 -95.63 6.97 42.87
CA THR C 83 -95.03 7.68 44.02
C THR C 83 -95.45 7.02 45.34
N ASP C 84 -94.67 7.31 46.38
CA ASP C 84 -94.90 6.89 47.79
C ASP C 84 -95.16 5.38 47.81
N LEU C 85 -94.35 4.62 47.06
CA LEU C 85 -94.34 3.13 47.14
C LEU C 85 -93.54 2.73 48.38
N ARG C 86 -93.70 1.47 48.79
CA ARG C 86 -92.94 0.86 49.90
C ARG C 86 -92.41 -0.50 49.45
N PHE C 87 -91.21 -0.85 49.88
CA PHE C 87 -90.52 -2.11 49.51
C PHE C 87 -90.19 -2.92 50.75
N GLN C 88 -90.40 -4.24 50.69
CA GLN C 88 -89.85 -5.25 51.62
C GLN C 88 -88.34 -5.42 51.42
N SER C 89 -87.55 -5.29 52.49
CA SER C 89 -86.06 -5.36 52.44
C SER C 89 -85.63 -6.43 51.44
N SER C 90 -86.27 -7.61 51.53
CA SER C 90 -86.09 -8.83 50.71
C SER C 90 -86.27 -8.52 49.21
N ALA C 91 -87.39 -7.87 48.85
CA ALA C 91 -87.76 -7.39 47.50
C ALA C 91 -86.65 -6.49 46.91
N VAL C 92 -86.05 -5.59 47.71
CA VAL C 92 -84.85 -4.85 47.24
C VAL C 92 -83.76 -5.87 46.92
N MET C 93 -83.51 -6.82 47.85
CA MET C 93 -82.35 -7.76 47.75
C MET C 93 -82.59 -8.76 46.61
N ALA C 94 -83.85 -9.13 46.38
CA ALA C 94 -84.29 -9.93 45.20
C ALA C 94 -83.87 -9.21 43.90
N LEU C 95 -84.18 -7.92 43.77
CA LEU C 95 -83.71 -7.09 42.63
C LEU C 95 -82.17 -7.09 42.58
N GLN C 96 -81.52 -6.75 43.68
CA GLN C 96 -80.03 -6.59 43.70
C GLN C 96 -79.37 -7.93 43.34
N GLU C 97 -79.92 -9.05 43.82
CA GLU C 97 -79.43 -10.42 43.52
C GLU C 97 -79.55 -10.74 42.02
N ALA C 98 -80.58 -10.21 41.35
CA ALA C 98 -80.78 -10.36 39.88
C ALA C 98 -79.82 -9.44 39.12
N CYS C 99 -79.99 -8.12 39.23
CA CYS C 99 -79.15 -7.11 38.54
C CYS C 99 -77.72 -7.62 38.49
N GLU C 100 -77.21 -8.08 39.63
CA GLU C 100 -75.80 -8.48 39.72
C GLU C 100 -75.61 -9.77 38.91
N ALA C 101 -76.51 -10.73 39.03
CA ALA C 101 -76.46 -12.01 38.27
C ALA C 101 -76.39 -11.72 36.78
N TYR C 102 -77.29 -10.84 36.32
CA TYR C 102 -77.45 -10.40 34.91
C TYR C 102 -76.13 -9.79 34.40
N LEU C 103 -75.71 -8.66 35.01
CA LEU C 103 -74.48 -7.89 34.65
C LEU C 103 -73.29 -8.85 34.59
N VAL C 104 -73.12 -9.67 35.61
CA VAL C 104 -72.10 -10.77 35.63
C VAL C 104 -72.22 -11.60 34.35
N GLY C 105 -73.39 -12.16 34.09
CA GLY C 105 -73.64 -12.98 32.89
C GLY C 105 -73.36 -12.21 31.60
N LEU C 106 -73.64 -10.91 31.60
CA LEU C 106 -73.44 -10.06 30.41
C LEU C 106 -71.94 -9.96 30.14
N PHE C 107 -71.18 -9.46 31.13
CA PHE C 107 -69.71 -9.27 31.07
C PHE C 107 -69.07 -10.56 30.56
N GLU C 108 -69.51 -11.73 31.04
CA GLU C 108 -69.07 -13.06 30.54
C GLU C 108 -69.20 -13.07 29.02
N ASP C 109 -70.37 -12.72 28.50
CA ASP C 109 -70.67 -12.74 27.04
C ASP C 109 -69.83 -11.64 26.38
N THR C 110 -69.96 -10.40 26.85
CA THR C 110 -69.10 -9.22 26.52
C THR C 110 -67.63 -9.67 26.32
N ASN C 111 -67.06 -10.36 27.30
CA ASN C 111 -65.61 -10.74 27.34
C ASN C 111 -65.31 -11.70 26.19
N LEU C 112 -66.24 -12.60 25.88
CA LEU C 112 -66.04 -13.61 24.80
C LEU C 112 -66.00 -12.90 23.44
N CYS C 113 -66.73 -11.78 23.33
CA CYS C 113 -66.78 -10.92 22.12
C CYS C 113 -65.46 -10.16 21.96
N ALA C 114 -65.10 -9.35 22.96
CA ALA C 114 -63.79 -8.66 23.01
C ALA C 114 -62.70 -9.65 22.58
N ILE C 115 -62.65 -10.84 23.19
CA ILE C 115 -61.67 -11.92 22.85
C ILE C 115 -61.82 -12.36 21.38
N HIS C 116 -63.04 -12.45 20.85
CA HIS C 116 -63.35 -12.78 19.43
C HIS C 116 -62.65 -11.78 18.49
N ALA C 117 -62.49 -10.53 18.95
CA ALA C 117 -61.85 -9.42 18.19
C ALA C 117 -60.34 -9.42 18.43
N LYS C 118 -59.78 -10.58 18.82
CA LYS C 118 -58.35 -10.73 19.20
C LYS C 118 -57.97 -9.58 20.12
N ARG C 119 -58.83 -9.26 21.09
CA ARG C 119 -58.55 -8.27 22.17
C ARG C 119 -58.57 -8.97 23.52
N VAL C 120 -58.31 -8.21 24.59
CA VAL C 120 -58.33 -8.66 26.01
C VAL C 120 -59.17 -7.66 26.80
N THR C 121 -59.12 -6.38 26.45
CA THR C 121 -59.97 -5.29 27.00
C THR C 121 -61.42 -5.46 26.55
N ILE C 122 -62.40 -5.24 27.42
CA ILE C 122 -63.83 -5.13 27.03
C ILE C 122 -64.13 -3.64 26.78
N MET C 123 -64.95 -3.38 25.77
CA MET C 123 -65.31 -2.03 25.26
C MET C 123 -66.80 -2.03 24.97
N PRO C 124 -67.47 -0.88 24.81
CA PRO C 124 -68.92 -0.86 24.57
C PRO C 124 -69.31 -1.70 23.33
N LYS C 125 -68.55 -1.59 22.24
CA LYS C 125 -68.91 -2.32 21.00
C LYS C 125 -68.84 -3.85 21.21
N ASP C 126 -68.65 -4.34 22.44
CA ASP C 126 -68.63 -5.80 22.79
C ASP C 126 -69.90 -6.20 23.53
N ILE C 127 -70.29 -5.37 24.51
CA ILE C 127 -71.60 -5.37 25.21
C ILE C 127 -72.72 -5.33 24.16
N GLN C 128 -72.74 -4.27 23.36
CA GLN C 128 -73.76 -4.03 22.31
C GLN C 128 -73.85 -5.27 21.40
N LEU C 129 -72.76 -5.95 21.09
CA LEU C 129 -72.83 -7.10 20.14
C LEU C 129 -73.51 -8.26 20.85
N ALA C 130 -73.13 -8.47 22.11
CA ALA C 130 -73.70 -9.50 23.00
C ALA C 130 -75.21 -9.28 23.09
N ARG C 131 -75.60 -8.07 23.51
CA ARG C 131 -77.01 -7.67 23.77
C ARG C 131 -77.84 -7.81 22.50
N ARG C 132 -77.28 -7.49 21.33
CA ARG C 132 -77.93 -7.68 20.01
C ARG C 132 -78.14 -9.19 19.86
N ILE C 133 -77.09 -10.00 19.98
CA ILE C 133 -77.27 -11.46 19.73
C ILE C 133 -78.22 -12.03 20.77
N ARG C 134 -78.12 -11.59 22.03
CA ARG C 134 -79.02 -11.99 23.14
C ARG C 134 -80.47 -11.68 22.75
N GLY C 135 -80.69 -10.47 22.25
CA GLY C 135 -81.97 -10.03 21.71
C GLY C 135 -82.61 -9.06 22.67
N GLU C 136 -81.85 -8.07 23.11
CA GLU C 136 -82.29 -7.04 24.06
C GLU C 136 -82.51 -5.73 23.29
N ARG C 137 -81.71 -5.52 22.23
CA ARG C 137 -81.79 -4.36 21.32
C ARG C 137 -81.89 -4.88 19.88
N ALA C 138 -82.14 -3.98 18.91
CA ALA C 138 -82.35 -4.29 17.48
C ALA C 138 -81.01 -4.27 16.72
N ARG D 26 -82.73 11.53 43.16
CA ARG D 26 -81.50 12.35 42.96
C ARG D 26 -80.90 12.02 41.58
N ASP D 27 -79.65 11.55 41.53
CA ASP D 27 -79.05 10.82 40.37
C ASP D 27 -78.16 9.70 40.92
N ASN D 28 -78.79 8.71 41.53
CA ASN D 28 -78.15 7.63 42.34
C ASN D 28 -77.44 6.63 41.42
N ILE D 29 -77.66 6.73 40.11
CA ILE D 29 -76.99 5.87 39.09
C ILE D 29 -75.45 5.98 39.23
N GLN D 30 -74.91 7.15 39.57
CA GLN D 30 -73.43 7.33 39.70
C GLN D 30 -72.96 6.62 40.99
N GLY D 31 -73.90 6.41 41.92
CA GLY D 31 -73.73 5.58 43.13
C GLY D 31 -73.39 4.13 42.82
N ILE D 32 -73.41 3.74 41.54
CA ILE D 32 -72.87 2.44 41.05
C ILE D 32 -71.42 2.69 40.58
N THR D 33 -70.60 3.08 41.55
CA THR D 33 -69.17 3.47 41.42
C THR D 33 -68.45 2.58 40.41
N LYS D 34 -67.41 3.13 39.81
CA LYS D 34 -66.50 2.43 38.85
C LYS D 34 -66.02 1.12 39.47
N PRO D 35 -65.48 1.11 40.71
CA PRO D 35 -64.90 -0.10 41.31
C PRO D 35 -65.89 -1.26 41.52
N ALA D 36 -67.17 -0.96 41.75
CA ALA D 36 -68.24 -1.95 41.90
C ALA D 36 -68.50 -2.64 40.55
N ILE D 37 -68.57 -1.88 39.46
CA ILE D 37 -68.81 -2.45 38.11
C ILE D 37 -67.62 -3.36 37.79
N ARG D 38 -66.40 -2.84 37.99
CA ARG D 38 -65.13 -3.59 37.85
C ARG D 38 -65.25 -4.88 38.67
N ARG D 39 -65.78 -4.78 39.90
CA ARG D 39 -65.95 -5.97 40.77
C ARG D 39 -66.80 -7.00 40.00
N LEU D 40 -67.97 -6.60 39.49
CA LEU D 40 -68.89 -7.51 38.76
C LEU D 40 -68.14 -8.11 37.57
N ALA D 41 -67.46 -7.28 36.78
CA ALA D 41 -66.69 -7.68 35.57
C ALA D 41 -65.67 -8.76 35.94
N ARG D 42 -65.07 -8.62 37.13
CA ARG D 42 -64.03 -9.55 37.65
C ARG D 42 -64.71 -10.91 37.93
N ARG D 43 -65.91 -10.91 38.53
CA ARG D 43 -66.71 -12.16 38.67
C ARG D 43 -66.98 -12.67 37.26
N GLY D 44 -67.24 -11.77 36.31
CA GLY D 44 -67.49 -12.12 34.90
C GLY D 44 -66.26 -12.70 34.22
N GLY D 45 -65.09 -12.46 34.80
CA GLY D 45 -63.82 -13.01 34.28
C GLY D 45 -63.23 -12.07 33.25
N VAL D 46 -63.34 -10.77 33.50
CA VAL D 46 -62.85 -9.69 32.60
C VAL D 46 -61.51 -9.21 33.14
N LYS D 47 -60.44 -9.31 32.35
CA LYS D 47 -59.07 -8.91 32.77
C LYS D 47 -58.92 -7.39 32.67
N ARG D 48 -59.33 -6.79 31.55
CA ARG D 48 -59.05 -5.37 31.21
C ARG D 48 -60.37 -4.66 30.87
N ILE D 49 -60.51 -3.39 31.22
CA ILE D 49 -61.82 -2.67 31.25
C ILE D 49 -61.66 -1.23 30.75
N SER D 50 -62.00 -0.97 29.48
CA SER D 50 -62.07 0.39 28.89
C SER D 50 -62.82 1.34 29.83
N GLY D 51 -62.42 2.61 29.86
CA GLY D 51 -62.99 3.65 30.76
C GLY D 51 -64.43 3.95 30.41
N LEU D 52 -64.80 3.73 29.15
CA LEU D 52 -66.16 4.02 28.64
C LEU D 52 -67.16 3.11 29.39
N ILE D 53 -66.95 1.79 29.29
CA ILE D 53 -67.74 0.69 29.93
C ILE D 53 -68.58 1.22 31.09
N TYR D 54 -67.92 1.89 32.04
CA TYR D 54 -68.52 2.21 33.36
C TYR D 54 -69.88 2.88 33.11
N GLU D 55 -69.94 3.87 32.22
CA GLU D 55 -71.18 4.65 31.98
C GLU D 55 -72.16 3.77 31.19
N GLU D 56 -71.65 2.98 30.23
CA GLU D 56 -72.47 2.05 29.40
C GLU D 56 -73.24 1.14 30.36
N THR D 57 -72.48 0.38 31.16
CA THR D 57 -72.97 -0.56 32.20
C THR D 57 -74.09 0.14 32.99
N ARG D 58 -73.83 1.36 33.47
CA ARG D 58 -74.80 2.20 34.20
C ARG D 58 -76.08 2.31 33.38
N GLY D 59 -75.95 2.44 32.07
CA GLY D 59 -77.11 2.47 31.15
C GLY D 59 -77.86 1.16 31.13
N VAL D 60 -77.16 0.06 30.82
CA VAL D 60 -77.78 -1.27 30.68
C VAL D 60 -78.44 -1.62 32.03
N LEU D 61 -77.74 -1.39 33.14
CA LEU D 61 -78.29 -1.66 34.48
C LEU D 61 -79.65 -0.97 34.60
N LYS D 62 -79.74 0.31 34.21
CA LYS D 62 -80.94 1.17 34.44
C LYS D 62 -82.12 0.60 33.65
N VAL D 63 -81.88 0.29 32.38
CA VAL D 63 -82.85 -0.42 31.50
C VAL D 63 -83.41 -1.62 32.27
N PHE D 64 -82.52 -2.53 32.69
CA PHE D 64 -82.85 -3.76 33.43
C PHE D 64 -83.69 -3.43 34.67
N LEU D 65 -83.22 -2.56 35.55
CA LEU D 65 -84.00 -2.22 36.76
C LEU D 65 -85.37 -1.67 36.35
N GLU D 66 -85.37 -0.65 35.48
CA GLU D 66 -86.60 0.00 34.95
C GLU D 66 -87.62 -1.08 34.54
N ASN D 67 -87.27 -1.91 33.56
CA ASN D 67 -88.08 -3.04 33.01
C ASN D 67 -88.61 -3.94 34.12
N VAL D 68 -87.73 -4.48 34.96
CA VAL D 68 -88.16 -5.40 36.06
C VAL D 68 -89.12 -4.61 36.95
N ILE D 69 -88.63 -3.50 37.51
CA ILE D 69 -89.41 -2.69 38.47
C ILE D 69 -90.78 -2.36 37.88
N ARG D 70 -90.83 -1.87 36.64
CA ARG D 70 -92.13 -1.62 35.94
C ARG D 70 -93.06 -2.82 36.23
N ASP D 71 -92.80 -3.98 35.63
CA ASP D 71 -93.67 -5.17 35.75
C ASP D 71 -93.87 -5.48 37.24
N ALA D 72 -92.82 -5.38 38.06
CA ALA D 72 -92.93 -5.64 39.52
C ALA D 72 -94.08 -4.79 40.10
N VAL D 73 -93.96 -3.48 39.95
CA VAL D 73 -94.91 -2.47 40.48
C VAL D 73 -96.28 -2.63 39.82
N THR D 74 -96.36 -3.08 38.57
CA THR D 74 -97.66 -3.43 37.97
C THR D 74 -98.28 -4.51 38.87
N TYR D 75 -97.53 -5.57 39.22
CA TYR D 75 -98.01 -6.73 40.02
C TYR D 75 -98.48 -6.28 41.42
N THR D 76 -97.70 -5.37 42.04
CA THR D 76 -98.06 -4.62 43.27
C THR D 76 -99.40 -3.91 43.10
N GLU D 77 -99.47 -2.93 42.19
CA GLU D 77 -100.67 -2.07 41.97
C GLU D 77 -101.91 -2.95 41.82
N HIS D 78 -101.79 -4.09 41.13
CA HIS D 78 -102.96 -4.95 40.77
C HIS D 78 -103.51 -5.60 42.03
N ALA D 79 -102.64 -5.95 42.99
CA ALA D 79 -103.02 -6.43 44.34
C ALA D 79 -103.45 -5.25 45.22
N LYS D 80 -103.21 -4.02 44.77
CA LYS D 80 -103.75 -2.78 45.37
C LYS D 80 -102.87 -2.34 46.55
N ARG D 81 -101.77 -3.06 46.81
CA ARG D 81 -100.81 -2.75 47.90
C ARG D 81 -99.98 -1.52 47.51
N LYS D 82 -99.59 -0.70 48.49
CA LYS D 82 -98.64 0.45 48.32
C LYS D 82 -97.23 -0.02 48.72
N THR D 83 -97.08 -1.30 49.12
CA THR D 83 -95.77 -1.94 49.43
C THR D 83 -95.45 -3.01 48.39
N VAL D 84 -94.28 -2.91 47.74
CA VAL D 84 -93.76 -3.89 46.75
C VAL D 84 -93.18 -5.09 47.51
N THR D 85 -93.68 -6.31 47.27
CA THR D 85 -93.18 -7.56 47.90
C THR D 85 -92.07 -8.21 47.06
N ALA D 86 -91.30 -9.11 47.67
CA ALA D 86 -90.34 -10.00 46.99
C ALA D 86 -91.07 -10.78 45.88
N MET D 87 -92.35 -11.12 46.11
CA MET D 87 -93.15 -11.97 45.19
C MET D 87 -93.53 -11.19 43.93
N ASP D 88 -93.86 -9.90 44.08
CA ASP D 88 -93.96 -8.95 42.94
C ASP D 88 -92.71 -9.13 42.07
N VAL D 89 -91.53 -8.97 42.65
CA VAL D 89 -90.21 -8.96 41.95
C VAL D 89 -89.94 -10.34 41.37
N VAL D 90 -90.34 -11.40 42.06
CA VAL D 90 -90.12 -12.78 41.54
C VAL D 90 -90.95 -12.91 40.28
N TYR D 91 -92.24 -12.60 40.39
CA TYR D 91 -93.21 -12.73 39.28
C TYR D 91 -92.69 -11.98 38.05
N ALA D 92 -92.26 -10.73 38.25
CA ALA D 92 -91.63 -9.87 37.21
C ALA D 92 -90.47 -10.63 36.57
N LEU D 93 -89.45 -10.95 37.36
CA LEU D 93 -88.23 -11.64 36.87
C LEU D 93 -88.66 -12.87 36.08
N LYS D 94 -89.69 -13.60 36.52
CA LYS D 94 -90.09 -14.84 35.82
C LYS D 94 -90.66 -14.44 34.47
N ARG D 95 -91.52 -13.41 34.43
CA ARG D 95 -92.06 -12.85 33.17
C ARG D 95 -90.88 -12.45 32.28
N GLN D 96 -90.05 -11.55 32.77
CA GLN D 96 -88.89 -10.97 32.05
C GLN D 96 -87.93 -12.06 31.59
N GLY D 97 -88.15 -13.33 31.93
CA GLY D 97 -87.32 -14.48 31.49
C GLY D 97 -86.07 -14.66 32.33
N ARG D 98 -86.03 -14.00 33.49
CA ARG D 98 -84.90 -13.99 34.45
C ARG D 98 -85.37 -14.55 35.80
N THR D 99 -85.82 -15.81 35.82
CA THR D 99 -86.39 -16.54 36.98
C THR D 99 -85.37 -16.56 38.11
N LEU D 100 -85.82 -16.35 39.35
CA LEU D 100 -84.97 -16.23 40.56
C LEU D 100 -85.39 -17.29 41.58
N TYR D 101 -84.40 -17.98 42.15
CA TYR D 101 -84.59 -18.94 43.27
C TYR D 101 -84.20 -18.30 44.62
N GLY D 102 -85.00 -18.60 45.64
CA GLY D 102 -84.64 -18.36 47.05
C GLY D 102 -85.13 -17.02 47.56
N PHE D 103 -86.29 -16.57 47.07
CA PHE D 103 -87.09 -15.47 47.67
C PHE D 103 -88.58 -15.78 47.60
N GLY D 104 -88.92 -17.07 47.42
CA GLY D 104 -90.29 -17.58 47.24
C GLY D 104 -90.58 -17.98 45.80
N GLY D 105 -91.79 -18.50 45.58
CA GLY D 105 -92.45 -18.64 44.26
C GLY D 105 -91.94 -19.83 43.48
N LYS E 16 -135.82 -11.69 21.62
CA LYS E 16 -134.86 -10.85 20.81
C LYS E 16 -133.88 -11.76 20.06
N ALA E 17 -132.62 -11.33 19.91
CA ALA E 17 -131.42 -12.17 19.65
C ALA E 17 -130.19 -11.27 19.41
N LYS E 18 -129.96 -10.30 20.30
CA LYS E 18 -128.82 -9.34 20.21
C LYS E 18 -127.52 -10.04 20.63
N THR E 19 -126.46 -9.90 19.82
CA THR E 19 -125.11 -10.47 20.03
C THR E 19 -124.33 -9.50 20.93
N ARG E 20 -123.35 -9.95 21.71
CA ARG E 20 -122.70 -9.08 22.74
C ARG E 20 -121.60 -8.20 22.15
N SER E 21 -120.84 -8.77 21.21
CA SER E 21 -119.98 -8.02 20.26
C SER E 21 -120.72 -6.76 19.79
N SER E 22 -121.96 -6.98 19.36
CA SER E 22 -122.94 -5.96 18.89
C SER E 22 -123.07 -4.84 19.93
N ARG E 23 -123.10 -5.15 21.23
CA ARG E 23 -123.30 -4.13 22.29
C ARG E 23 -121.96 -3.45 22.60
N ALA E 24 -120.86 -4.21 22.50
CA ALA E 24 -119.48 -3.74 22.72
C ALA E 24 -119.03 -2.91 21.51
N GLY E 25 -119.70 -3.13 20.38
CA GLY E 25 -119.31 -2.50 19.11
C GLY E 25 -117.98 -3.06 18.68
N LEU E 26 -117.93 -4.39 18.58
CA LEU E 26 -116.72 -5.17 18.21
C LEU E 26 -117.11 -6.16 17.11
N GLN E 27 -116.21 -6.39 16.15
CA GLN E 27 -116.38 -7.44 15.11
C GLN E 27 -115.98 -8.79 15.72
N PHE E 28 -114.97 -8.78 16.60
CA PHE E 28 -114.40 -9.98 17.27
C PHE E 28 -115.45 -10.54 18.22
N PRO E 29 -115.58 -11.88 18.28
CA PRO E 29 -116.67 -12.52 18.98
C PRO E 29 -116.49 -12.57 20.51
N VAL E 30 -117.10 -11.60 21.20
CA VAL E 30 -117.20 -11.56 22.69
C VAL E 30 -117.81 -12.87 23.16
N GLY E 31 -118.72 -13.42 22.36
CA GLY E 31 -119.26 -14.78 22.59
C GLY E 31 -118.16 -15.83 22.64
N ARG E 32 -117.64 -16.20 21.47
CA ARG E 32 -116.59 -17.24 21.29
C ARG E 32 -115.50 -17.12 22.36
N VAL E 33 -115.05 -15.89 22.64
CA VAL E 33 -113.95 -15.59 23.60
C VAL E 33 -114.32 -16.06 25.02
N HIS E 34 -115.45 -15.58 25.56
CA HIS E 34 -115.94 -15.95 26.91
C HIS E 34 -115.89 -17.47 27.05
N ARG E 35 -116.25 -18.21 26.01
CA ARG E 35 -116.31 -19.69 26.02
C ARG E 35 -114.91 -20.27 26.02
N LEU E 36 -114.02 -19.78 25.17
CA LEU E 36 -112.59 -20.19 25.14
C LEU E 36 -111.99 -19.98 26.51
N LEU E 37 -112.21 -18.81 27.11
CA LEU E 37 -111.70 -18.59 28.49
C LEU E 37 -112.14 -19.75 29.39
N ARG E 38 -113.44 -19.95 29.61
CA ARG E 38 -113.99 -21.01 30.51
C ARG E 38 -113.37 -22.37 30.16
N LYS E 39 -113.31 -22.75 28.88
CA LYS E 39 -112.93 -24.13 28.45
C LYS E 39 -111.40 -24.28 28.34
N GLY E 40 -110.65 -23.21 28.59
CA GLY E 40 -109.18 -23.21 28.45
C GLY E 40 -108.50 -23.53 29.74
N ASN E 41 -109.23 -23.44 30.86
CA ASN E 41 -108.74 -23.80 32.21
C ASN E 41 -107.78 -22.71 32.66
N TYR E 42 -108.20 -21.46 32.51
CA TYR E 42 -107.43 -20.29 32.97
C TYR E 42 -107.87 -19.99 34.40
N SER E 43 -109.15 -20.19 34.70
CA SER E 43 -109.72 -19.94 36.05
C SER E 43 -111.04 -20.68 36.22
N GLU E 44 -111.56 -20.60 37.46
CA GLU E 44 -112.83 -21.22 37.88
C GLU E 44 -113.96 -20.38 37.32
N ARG E 45 -113.89 -19.06 37.53
CA ARG E 45 -114.95 -18.11 37.12
C ARG E 45 -114.35 -17.08 36.16
N VAL E 46 -115.10 -16.75 35.11
CA VAL E 46 -114.77 -15.67 34.13
C VAL E 46 -115.80 -14.56 34.35
N GLY E 47 -115.33 -13.38 34.75
CA GLY E 47 -116.08 -12.11 34.67
C GLY E 47 -116.87 -12.01 33.38
N ALA E 48 -117.85 -11.11 33.31
CA ALA E 48 -118.64 -10.86 32.08
C ALA E 48 -117.99 -9.73 31.25
N GLY E 49 -117.33 -8.77 31.91
CA GLY E 49 -116.54 -7.71 31.25
C GLY E 49 -115.31 -8.24 30.55
N ALA E 50 -114.85 -9.44 30.92
CA ALA E 50 -113.54 -10.00 30.53
C ALA E 50 -113.52 -10.34 29.04
N PRO E 51 -114.42 -11.20 28.52
CA PRO E 51 -114.41 -11.58 27.10
C PRO E 51 -114.72 -10.40 26.17
N VAL E 52 -115.29 -9.34 26.74
CA VAL E 52 -115.33 -8.00 26.11
C VAL E 52 -113.88 -7.49 26.02
N TYR E 53 -113.31 -6.99 27.13
CA TYR E 53 -112.01 -6.28 27.17
C TYR E 53 -110.97 -7.04 26.31
N LEU E 54 -111.06 -8.37 26.29
CA LEU E 54 -110.10 -9.20 25.52
C LEU E 54 -110.37 -8.99 24.03
N ALA E 55 -111.51 -9.46 23.53
CA ALA E 55 -111.91 -9.25 22.12
C ALA E 55 -111.55 -7.82 21.69
N ALA E 56 -111.88 -6.83 22.50
CA ALA E 56 -111.51 -5.41 22.26
C ALA E 56 -110.04 -5.32 21.84
N VAL E 57 -109.17 -5.92 22.65
CA VAL E 57 -107.69 -5.83 22.48
C VAL E 57 -107.27 -6.71 21.31
N LEU E 58 -107.87 -7.89 21.15
CA LEU E 58 -107.50 -8.81 20.06
C LEU E 58 -107.92 -8.21 18.72
N GLU E 59 -109.01 -7.46 18.71
CA GLU E 59 -109.52 -6.71 17.55
C GLU E 59 -108.57 -5.53 17.33
N TYR E 60 -108.42 -4.64 18.30
CA TYR E 60 -107.49 -3.49 18.18
C TYR E 60 -106.14 -3.92 17.56
N LEU E 61 -105.48 -4.93 18.11
CA LEU E 61 -104.15 -5.39 17.62
C LEU E 61 -104.29 -5.94 16.20
N THR E 62 -105.34 -6.71 15.90
CA THR E 62 -105.68 -7.15 14.51
C THR E 62 -105.75 -5.95 13.56
N ALA E 63 -106.53 -4.91 13.89
CA ALA E 63 -106.56 -3.64 13.16
C ALA E 63 -105.12 -3.15 12.92
N GLU E 64 -104.44 -2.71 13.97
CA GLU E 64 -103.08 -2.11 13.90
C GLU E 64 -102.18 -2.85 12.91
N ILE E 65 -102.16 -4.18 12.93
CA ILE E 65 -101.27 -4.98 12.03
C ILE E 65 -101.76 -4.76 10.61
N LEU E 66 -103.07 -4.91 10.38
CA LEU E 66 -103.73 -4.83 9.04
C LEU E 66 -103.70 -3.39 8.53
N GLU E 67 -103.74 -2.40 9.42
CA GLU E 67 -103.50 -0.97 9.07
C GLU E 67 -102.13 -0.87 8.37
N LEU E 68 -101.02 -1.20 9.06
CA LEU E 68 -99.64 -1.05 8.54
C LEU E 68 -99.40 -1.96 7.33
N ALA E 69 -99.84 -3.22 7.40
CA ALA E 69 -99.66 -4.25 6.35
C ALA E 69 -100.40 -3.82 5.08
N GLY E 70 -101.64 -3.32 5.22
CA GLY E 70 -102.44 -2.76 4.12
C GLY E 70 -101.73 -1.64 3.36
N ASN E 71 -100.86 -0.88 4.02
CA ASN E 71 -100.02 0.15 3.36
C ASN E 71 -98.85 -0.54 2.66
N ALA E 72 -98.24 -1.54 3.31
CA ALA E 72 -97.23 -2.44 2.73
C ALA E 72 -97.68 -2.86 1.32
N ALA E 73 -98.93 -3.28 1.20
CA ALA E 73 -99.51 -3.83 -0.04
C ALA E 73 -99.74 -2.70 -1.06
N ARG E 74 -99.99 -1.46 -0.62
CA ARG E 74 -100.04 -0.33 -1.58
C ARG E 74 -98.65 -0.21 -2.20
N ASP E 75 -97.73 0.46 -1.53
CA ASP E 75 -96.28 0.47 -1.90
C ASP E 75 -95.99 -0.61 -2.96
N ASN E 76 -96.18 -1.90 -2.63
CA ASN E 76 -95.91 -3.08 -3.52
C ASN E 76 -96.86 -3.13 -4.70
N LYS E 77 -97.82 -2.20 -4.82
CA LYS E 77 -98.79 -2.16 -5.95
C LYS E 77 -99.56 -3.47 -6.01
N LYS E 78 -100.05 -3.95 -4.88
CA LYS E 78 -100.84 -5.21 -4.77
C LYS E 78 -102.14 -4.90 -4.02
N THR E 79 -103.18 -5.69 -4.22
CA THR E 79 -104.55 -5.40 -3.69
C THR E 79 -104.78 -6.30 -2.46
N ARG E 80 -104.44 -7.60 -2.58
CA ARG E 80 -104.44 -8.58 -1.48
C ARG E 80 -103.16 -8.44 -0.66
N ILE E 81 -103.29 -8.57 0.67
CA ILE E 81 -102.18 -8.71 1.65
C ILE E 81 -101.61 -10.14 1.61
N ILE E 82 -100.30 -10.24 1.38
CA ILE E 82 -99.57 -11.52 1.56
C ILE E 82 -98.75 -11.44 2.85
N PRO E 83 -98.30 -12.59 3.39
CA PRO E 83 -97.44 -12.60 4.57
C PRO E 83 -96.37 -11.49 4.50
N ARG E 84 -95.61 -11.46 3.41
CA ARG E 84 -94.49 -10.49 3.28
C ARG E 84 -94.96 -9.07 3.66
N HIS E 85 -96.22 -8.72 3.43
CA HIS E 85 -96.74 -7.38 3.81
C HIS E 85 -96.83 -7.35 5.32
N LEU E 86 -97.25 -8.48 5.90
CA LEU E 86 -97.30 -8.62 7.38
C LEU E 86 -95.87 -8.48 7.92
N GLN E 87 -94.90 -9.14 7.27
CA GLN E 87 -93.50 -9.12 7.79
C GLN E 87 -93.05 -7.66 7.79
N LEU E 88 -93.25 -7.00 6.64
CA LEU E 88 -92.74 -5.63 6.38
C LEU E 88 -93.48 -4.70 7.35
N ALA E 89 -94.71 -5.05 7.70
CA ALA E 89 -95.57 -4.24 8.59
C ALA E 89 -95.00 -4.30 10.01
N ILE E 90 -94.79 -5.53 10.47
CA ILE E 90 -94.47 -5.87 11.89
C ILE E 90 -93.04 -5.42 12.21
N ARG E 91 -92.10 -5.88 11.38
CA ARG E 91 -90.65 -5.74 11.59
C ARG E 91 -90.30 -4.27 11.54
N ASN E 92 -91.06 -3.48 10.79
CA ASN E 92 -90.71 -2.06 10.55
C ASN E 92 -91.29 -1.20 11.67
N ASP E 93 -92.30 -1.72 12.40
CA ASP E 93 -92.84 -1.07 13.62
C ASP E 93 -92.07 -1.58 14.84
N GLU E 94 -91.60 -0.67 15.70
CA GLU E 94 -90.70 -1.03 16.83
C GLU E 94 -91.52 -1.87 17.82
N GLU E 95 -92.68 -1.35 18.24
CA GLU E 95 -93.56 -2.03 19.23
C GLU E 95 -93.95 -3.41 18.73
N LEU E 96 -94.77 -3.50 17.68
CA LEU E 96 -95.18 -4.80 17.10
C LEU E 96 -94.01 -5.78 17.05
N ASN E 97 -92.80 -5.31 16.69
CA ASN E 97 -91.58 -6.15 16.57
C ASN E 97 -91.13 -6.63 17.96
N LYS E 98 -91.14 -5.75 18.98
CA LYS E 98 -90.93 -6.22 20.37
C LYS E 98 -91.95 -7.32 20.66
N LEU E 99 -93.23 -7.03 20.47
CA LEU E 99 -94.30 -8.02 20.70
C LEU E 99 -94.00 -9.33 19.95
N LEU E 100 -93.57 -9.29 18.69
CA LEU E 100 -93.44 -10.54 17.90
C LEU E 100 -91.97 -10.94 17.76
N GLY E 101 -91.12 -10.40 18.65
CA GLY E 101 -89.77 -10.87 18.99
C GLY E 101 -89.51 -12.35 18.69
N ARG E 102 -90.21 -13.30 19.31
CA ARG E 102 -89.88 -14.76 19.21
C ARG E 102 -90.81 -15.44 18.19
N VAL E 103 -91.42 -14.65 17.29
CA VAL E 103 -92.42 -15.13 16.29
C VAL E 103 -91.83 -15.15 14.89
N THR E 104 -91.58 -16.34 14.34
CA THR E 104 -91.39 -16.68 12.91
C THR E 104 -92.71 -16.43 12.14
N ILE E 105 -92.66 -15.84 10.95
CA ILE E 105 -93.87 -15.55 10.11
C ILE E 105 -93.76 -16.29 8.78
N ALA E 106 -94.22 -17.53 8.69
CA ALA E 106 -94.05 -18.35 7.47
C ALA E 106 -94.19 -17.47 6.20
N GLN E 107 -93.39 -17.77 5.18
CA GLN E 107 -93.38 -17.11 3.84
C GLN E 107 -93.25 -15.59 4.00
N GLY E 108 -92.56 -15.13 5.04
CA GLY E 108 -92.48 -13.72 5.44
C GLY E 108 -91.16 -13.09 5.04
N GLY E 109 -90.08 -13.87 4.90
CA GLY E 109 -88.73 -13.35 4.59
C GLY E 109 -88.22 -12.29 5.57
N VAL E 110 -87.09 -11.66 5.26
CA VAL E 110 -86.39 -10.64 6.11
C VAL E 110 -86.45 -9.26 5.42
N LEU E 111 -86.63 -8.18 6.20
CA LEU E 111 -86.35 -6.78 5.80
C LEU E 111 -85.02 -6.66 5.08
N PRO E 112 -84.96 -6.00 3.92
CA PRO E 112 -83.67 -5.74 3.28
C PRO E 112 -82.79 -4.99 4.29
N ASN E 113 -81.62 -5.53 4.56
CA ASN E 113 -80.55 -4.88 5.35
C ASN E 113 -79.24 -5.43 4.82
N ILE E 114 -78.27 -4.56 4.48
CA ILE E 114 -76.85 -4.93 4.18
C ILE E 114 -75.92 -4.04 5.00
N GLN E 115 -75.12 -4.67 5.86
CA GLN E 115 -74.13 -4.00 6.76
C GLN E 115 -73.17 -3.16 5.90
N ALA E 116 -72.85 -1.93 6.34
CA ALA E 116 -72.07 -0.92 5.60
C ALA E 116 -70.69 -1.45 5.18
N VAL E 117 -69.92 -1.98 6.13
CA VAL E 117 -68.54 -2.48 5.92
C VAL E 117 -68.54 -3.44 4.72
N LEU E 118 -69.67 -4.10 4.41
CA LEU E 118 -69.78 -5.08 3.29
C LEU E 118 -69.98 -4.39 1.93
N LEU E 119 -70.41 -3.12 1.91
CA LEU E 119 -70.60 -2.32 0.66
C LEU E 119 -69.26 -1.95 0.06
N PRO E 120 -69.17 -1.83 -1.29
CA PRO E 120 -67.95 -1.37 -1.96
C PRO E 120 -67.79 0.15 -1.82
N LYS E 121 -66.54 0.62 -1.75
CA LYS E 121 -66.19 2.03 -1.37
C LYS E 121 -66.33 2.95 -2.59
N LYS E 122 -66.15 2.42 -3.82
CA LYS E 122 -66.14 3.15 -5.11
C LYS E 122 -64.78 3.86 -5.28
N LYS F 33 -119.95 -33.63 6.27
CA LYS F 33 -120.00 -33.84 7.75
C LYS F 33 -118.57 -33.91 8.30
N ARG F 34 -117.73 -32.95 7.91
CA ARG F 34 -116.28 -32.92 8.27
C ARG F 34 -116.09 -32.16 9.59
N SER F 35 -115.20 -32.69 10.45
CA SER F 35 -114.91 -32.23 11.83
C SER F 35 -115.73 -30.99 12.16
N ARG F 36 -115.35 -29.83 11.60
CA ARG F 36 -115.94 -28.49 11.86
C ARG F 36 -114.90 -27.60 12.56
N LYS F 37 -113.83 -27.23 11.87
CA LYS F 37 -112.70 -26.44 12.46
C LYS F 37 -113.05 -24.95 12.34
N GLU F 38 -113.28 -24.30 13.47
CA GLU F 38 -113.49 -22.83 13.58
C GLU F 38 -112.17 -22.13 13.29
N SER F 39 -112.17 -20.80 13.24
CA SER F 39 -110.96 -19.93 13.18
C SER F 39 -111.39 -18.53 13.57
N TYR F 40 -110.64 -17.49 13.18
CA TYR F 40 -111.02 -16.08 13.41
C TYR F 40 -111.12 -15.32 12.07
N SER F 41 -111.00 -16.05 10.95
CA SER F 41 -110.68 -15.46 9.61
C SER F 41 -111.79 -14.48 9.20
N ILE F 42 -113.02 -14.73 9.61
CA ILE F 42 -114.22 -13.92 9.25
C ILE F 42 -114.16 -12.55 9.96
N TYR F 43 -113.52 -12.48 11.13
CA TYR F 43 -113.38 -11.26 11.95
C TYR F 43 -112.19 -10.44 11.43
N VAL F 44 -111.17 -11.16 10.94
CA VAL F 44 -109.99 -10.51 10.32
C VAL F 44 -110.49 -9.79 9.06
N TYR F 45 -111.21 -10.50 8.17
CA TYR F 45 -111.90 -9.89 7.00
C TYR F 45 -112.67 -8.68 7.50
N LYS F 46 -113.56 -8.88 8.46
CA LYS F 46 -114.43 -7.80 8.94
C LYS F 46 -113.55 -6.59 9.26
N VAL F 47 -112.47 -6.78 10.01
CA VAL F 47 -111.62 -5.63 10.41
C VAL F 47 -110.76 -5.15 9.24
N LEU F 48 -110.31 -6.03 8.34
CA LEU F 48 -109.53 -5.66 7.11
C LEU F 48 -110.33 -4.62 6.33
N LYS F 49 -111.62 -4.94 6.11
CA LYS F 49 -112.59 -4.15 5.31
C LYS F 49 -112.97 -2.85 6.01
N GLN F 50 -112.77 -2.75 7.32
CA GLN F 50 -113.00 -1.48 8.06
C GLN F 50 -111.86 -0.52 7.79
N VAL F 51 -110.64 -1.04 7.71
CA VAL F 51 -109.37 -0.26 7.83
C VAL F 51 -108.78 -0.03 6.43
N HIS F 52 -109.00 -0.98 5.52
CA HIS F 52 -108.55 -0.98 4.10
C HIS F 52 -109.64 -1.63 3.25
N PRO F 53 -110.73 -0.88 2.97
CA PRO F 53 -111.94 -1.47 2.41
C PRO F 53 -111.71 -2.00 1.00
N ASP F 54 -110.69 -1.48 0.33
CA ASP F 54 -110.39 -1.79 -1.09
C ASP F 54 -109.42 -2.96 -1.15
N THR F 55 -108.73 -3.29 -0.04
CA THR F 55 -107.65 -4.33 0.00
C THR F 55 -108.24 -5.66 0.46
N GLY F 56 -107.47 -6.75 0.25
CA GLY F 56 -107.83 -8.15 0.55
C GLY F 56 -106.70 -8.87 1.29
N ILE F 57 -106.65 -10.21 1.22
CA ILE F 57 -105.70 -11.01 2.04
C ILE F 57 -105.66 -12.46 1.52
N SER F 58 -104.47 -12.99 1.21
CA SER F 58 -104.25 -14.39 0.79
C SER F 58 -104.51 -15.33 1.97
N SER F 59 -104.84 -16.60 1.66
CA SER F 59 -104.97 -17.73 2.62
C SER F 59 -103.77 -17.72 3.58
N LYS F 60 -102.55 -17.76 3.05
CA LYS F 60 -101.31 -17.81 3.87
C LYS F 60 -101.34 -16.66 4.89
N ALA F 61 -101.70 -15.46 4.45
CA ALA F 61 -101.61 -14.22 5.26
C ALA F 61 -102.68 -14.22 6.35
N MET F 62 -103.88 -14.71 6.02
CA MET F 62 -104.96 -14.95 7.01
C MET F 62 -104.47 -15.99 8.01
N GLY F 63 -104.02 -17.14 7.49
CA GLY F 63 -103.33 -18.16 8.30
C GLY F 63 -102.46 -17.51 9.35
N ILE F 64 -101.72 -16.47 8.98
CA ILE F 64 -100.79 -15.78 9.92
C ILE F 64 -101.60 -14.97 10.93
N MET F 65 -102.52 -14.15 10.46
CA MET F 65 -103.42 -13.35 11.34
C MET F 65 -104.19 -14.28 12.31
N ASN F 66 -104.47 -15.51 11.90
CA ASN F 66 -105.21 -16.50 12.72
C ASN F 66 -104.32 -16.91 13.91
N SER F 67 -103.11 -17.40 13.61
CA SER F 67 -102.02 -17.76 14.57
C SER F 67 -101.80 -16.61 15.55
N PHE F 68 -101.70 -15.39 15.00
CA PHE F 68 -101.44 -14.14 15.75
C PHE F 68 -102.44 -13.95 16.87
N VAL F 69 -103.72 -14.15 16.58
CA VAL F 69 -104.82 -13.86 17.53
C VAL F 69 -104.80 -14.92 18.63
N ASN F 70 -104.79 -16.20 18.25
CA ASN F 70 -104.64 -17.34 19.18
C ASN F 70 -103.40 -17.10 20.03
N ASP F 71 -102.26 -16.78 19.41
CA ASP F 71 -101.00 -16.51 20.17
C ASP F 71 -101.33 -15.46 21.24
N ILE F 72 -101.79 -14.26 20.88
CA ILE F 72 -101.94 -13.17 21.88
C ILE F 72 -103.20 -13.41 22.72
N PHE F 73 -104.10 -14.29 22.28
CA PHE F 73 -105.18 -14.81 23.16
C PHE F 73 -104.47 -15.49 24.34
N GLU F 74 -103.84 -16.64 24.06
CA GLU F 74 -103.22 -17.55 25.06
C GLU F 74 -102.31 -16.72 25.96
N ARG F 75 -101.51 -15.86 25.37
CA ARG F 75 -100.58 -15.01 26.13
C ARG F 75 -101.31 -14.21 27.20
N ILE F 76 -102.52 -13.73 26.92
CA ILE F 76 -103.25 -12.81 27.84
C ILE F 76 -104.02 -13.65 28.86
N ALA F 77 -104.84 -14.57 28.36
CA ALA F 77 -105.60 -15.55 29.17
C ALA F 77 -104.68 -16.17 30.23
N GLY F 78 -103.40 -16.43 29.89
CA GLY F 78 -102.36 -16.86 30.83
C GLY F 78 -102.05 -15.80 31.87
N GLU F 79 -101.51 -14.65 31.45
CA GLU F 79 -100.97 -13.67 32.42
C GLU F 79 -102.10 -13.30 33.36
N ALA F 80 -103.33 -13.26 32.84
CA ALA F 80 -104.54 -13.00 33.64
C ALA F 80 -104.69 -14.15 34.64
N SER F 81 -104.84 -15.37 34.10
CA SER F 81 -104.86 -16.67 34.84
C SER F 81 -103.89 -16.66 36.02
N ARG F 82 -102.60 -16.44 35.78
CA ARG F 82 -101.60 -16.15 36.85
C ARG F 82 -102.12 -15.05 37.80
N LEU F 83 -102.09 -13.78 37.41
CA LEU F 83 -102.54 -12.62 38.25
C LEU F 83 -103.57 -13.05 39.31
N ALA F 84 -104.57 -13.82 38.87
CA ALA F 84 -105.68 -14.34 39.70
C ALA F 84 -105.14 -15.36 40.72
N HIS F 85 -104.64 -16.49 40.23
CA HIS F 85 -103.91 -17.49 41.05
C HIS F 85 -103.04 -16.73 42.08
N TYR F 86 -102.19 -15.79 41.66
CA TYR F 86 -101.23 -15.08 42.56
C TYR F 86 -101.95 -14.32 43.68
N ASN F 87 -103.18 -13.85 43.44
CA ASN F 87 -103.95 -13.03 44.43
C ASN F 87 -105.12 -13.85 44.97
N LYS F 88 -105.00 -15.17 44.87
CA LYS F 88 -105.96 -16.15 45.46
C LYS F 88 -107.38 -15.82 44.97
N ARG F 89 -107.52 -15.36 43.72
CA ARG F 89 -108.84 -15.13 43.07
C ARG F 89 -109.23 -16.36 42.22
N SER F 90 -110.53 -16.62 42.11
CA SER F 90 -111.14 -17.74 41.36
C SER F 90 -111.71 -17.22 40.04
N THR F 91 -111.92 -15.90 39.96
CA THR F 91 -112.58 -15.20 38.82
C THR F 91 -111.53 -14.36 38.08
N ILE F 92 -111.32 -14.65 36.79
CA ILE F 92 -110.66 -13.69 35.87
C ILE F 92 -111.66 -12.59 35.49
N THR F 93 -111.48 -11.37 36.01
CA THR F 93 -112.31 -10.20 35.60
C THR F 93 -111.57 -9.43 34.51
N SER F 94 -112.25 -8.45 33.91
CA SER F 94 -111.67 -7.42 33.02
C SER F 94 -110.43 -6.78 33.68
N ARG F 95 -110.46 -6.60 34.99
CA ARG F 95 -109.34 -6.00 35.75
C ARG F 95 -108.07 -6.82 35.47
N GLU F 96 -108.20 -8.15 35.50
CA GLU F 96 -107.06 -9.08 35.30
C GLU F 96 -106.49 -8.82 33.90
N ILE F 97 -107.37 -8.87 32.90
CA ILE F 97 -107.02 -8.62 31.48
C ILE F 97 -106.23 -7.31 31.43
N GLN F 98 -106.81 -6.19 31.83
CA GLN F 98 -106.11 -4.87 31.83
C GLN F 98 -104.67 -4.96 32.41
N THR F 99 -104.45 -5.78 33.43
CA THR F 99 -103.10 -5.98 34.03
C THR F 99 -102.28 -6.82 33.04
N ALA F 100 -102.83 -7.97 32.60
CA ALA F 100 -102.19 -8.86 31.60
C ALA F 100 -101.67 -8.01 30.43
N VAL F 101 -102.52 -7.10 29.96
CA VAL F 101 -102.32 -6.28 28.74
C VAL F 101 -101.27 -5.22 29.05
N ARG F 102 -101.33 -4.58 30.22
CA ARG F 102 -100.22 -3.71 30.65
C ARG F 102 -98.90 -4.49 30.58
N LEU F 103 -98.83 -5.66 31.23
CA LEU F 103 -97.61 -6.52 31.35
C LEU F 103 -97.07 -6.95 29.96
N LEU F 104 -97.91 -7.58 29.13
CA LEU F 104 -97.54 -8.22 27.83
C LEU F 104 -97.29 -7.20 26.72
N LEU F 105 -97.89 -6.00 26.74
CA LEU F 105 -97.89 -5.09 25.57
C LEU F 105 -96.94 -3.93 25.83
N PRO F 106 -96.17 -3.52 24.78
CA PRO F 106 -95.23 -2.41 24.87
C PRO F 106 -95.85 -1.01 24.97
N GLY F 107 -95.11 -0.10 25.63
CA GLY F 107 -95.47 1.31 25.89
C GLY F 107 -96.74 1.72 25.17
N GLU F 108 -96.65 2.06 23.89
CA GLU F 108 -97.74 2.74 23.14
C GLU F 108 -98.84 1.74 22.76
N LEU F 109 -98.48 0.53 22.33
CA LEU F 109 -99.51 -0.50 22.02
C LEU F 109 -100.36 -0.72 23.28
N ALA F 110 -99.76 -0.69 24.47
CA ALA F 110 -100.46 -0.96 25.75
C ALA F 110 -101.50 0.15 26.02
N LYS F 111 -101.06 1.42 26.05
CA LYS F 111 -101.94 2.59 26.33
C LYS F 111 -103.23 2.45 25.51
N HIS F 112 -103.12 2.13 24.22
CA HIS F 112 -104.27 2.06 23.26
C HIS F 112 -105.12 0.82 23.54
N ALA F 113 -104.50 -0.36 23.64
CA ALA F 113 -105.21 -1.64 23.86
C ALA F 113 -106.03 -1.53 25.13
N VAL F 114 -105.51 -0.83 26.14
CA VAL F 114 -106.23 -0.61 27.43
C VAL F 114 -107.48 0.21 27.13
N SER F 115 -107.27 1.36 26.50
CA SER F 115 -108.27 2.35 26.02
C SER F 115 -109.38 1.65 25.23
N GLU F 116 -109.08 1.05 24.07
CA GLU F 116 -110.14 0.38 23.26
C GLU F 116 -110.81 -0.68 24.17
N GLY F 117 -110.04 -1.27 25.10
CA GLY F 117 -110.50 -2.27 26.09
C GLY F 117 -111.46 -1.70 27.11
N THR F 118 -110.99 -0.77 27.95
CA THR F 118 -111.81 0.19 28.74
C THR F 118 -113.04 0.63 27.95
N LYS F 119 -112.84 1.26 26.78
CA LYS F 119 -113.94 1.81 25.94
C LYS F 119 -115.00 0.72 25.70
N ALA F 120 -114.60 -0.50 25.36
CA ALA F 120 -115.52 -1.58 24.91
C ALA F 120 -116.37 -2.13 26.07
N VAL F 121 -115.76 -2.27 27.25
CA VAL F 121 -116.46 -2.75 28.47
C VAL F 121 -117.49 -1.69 28.85
N THR F 122 -117.07 -0.42 28.95
CA THR F 122 -117.92 0.79 29.18
C THR F 122 -119.10 0.83 28.19
N LYS F 123 -118.81 0.75 26.90
CA LYS F 123 -119.86 0.76 25.86
C LYS F 123 -120.84 -0.39 26.10
N TYR F 124 -120.37 -1.55 26.50
CA TYR F 124 -121.17 -2.79 26.65
C TYR F 124 -122.13 -2.71 27.84
N THR F 125 -121.64 -2.21 28.99
CA THR F 125 -122.39 -2.14 30.26
C THR F 125 -123.51 -1.11 30.11
N SER F 126 -123.21 0.06 29.53
CA SER F 126 -124.23 1.11 29.24
C SER F 126 -125.23 0.57 28.22
N ALA F 127 -124.79 0.25 27.00
CA ALA F 127 -125.62 -0.36 25.93
C ALA F 127 -126.83 -1.09 26.55
N LYS F 128 -126.57 -2.17 27.29
CA LYS F 128 -127.58 -2.96 28.06
C LYS F 128 -126.90 -4.07 28.86
N PRO G 41 -62.84 -11.27 -22.75
CA PRO G 41 -63.57 -11.97 -21.66
C PRO G 41 -64.23 -11.01 -20.65
N HIS G 42 -65.48 -11.26 -20.24
CA HIS G 42 -66.19 -10.46 -19.20
C HIS G 42 -66.52 -11.28 -17.93
N ARG G 43 -65.99 -10.84 -16.78
CA ARG G 43 -66.18 -11.41 -15.42
C ARG G 43 -66.38 -10.27 -14.41
N TYR G 44 -67.21 -10.52 -13.40
CA TYR G 44 -67.53 -9.60 -12.27
C TYR G 44 -66.56 -9.88 -11.13
N ARG G 45 -66.14 -8.84 -10.41
CA ARG G 45 -65.05 -8.95 -9.41
C ARG G 45 -65.55 -9.70 -8.19
N PRO G 46 -64.75 -10.64 -7.62
CA PRO G 46 -65.13 -11.32 -6.39
C PRO G 46 -65.93 -10.40 -5.44
N GLY G 47 -67.06 -10.92 -4.96
CA GLY G 47 -67.97 -10.26 -4.00
C GLY G 47 -68.78 -9.14 -4.64
N THR G 48 -69.10 -9.23 -5.94
CA THR G 48 -70.01 -8.26 -6.61
C THR G 48 -71.35 -8.96 -6.86
N VAL G 49 -71.30 -10.13 -7.51
CA VAL G 49 -72.46 -11.04 -7.65
C VAL G 49 -73.01 -11.33 -6.25
N ALA G 50 -72.17 -11.86 -5.35
CA ALA G 50 -72.48 -12.04 -3.91
C ALA G 50 -73.44 -10.95 -3.44
N LEU G 51 -73.02 -9.68 -3.49
CA LEU G 51 -73.89 -8.55 -3.10
C LEU G 51 -75.22 -8.55 -3.86
N ARG G 52 -75.21 -8.71 -5.19
CA ARG G 52 -76.48 -8.80 -5.98
C ARG G 52 -77.31 -9.91 -5.34
N GLU G 53 -76.74 -11.11 -5.30
CA GLU G 53 -77.31 -12.35 -4.70
C GLU G 53 -78.01 -12.02 -3.37
N ILE G 54 -77.44 -11.13 -2.54
CA ILE G 54 -78.08 -10.69 -1.28
C ILE G 54 -79.39 -10.00 -1.66
N ARG G 55 -79.33 -8.76 -2.14
CA ARG G 55 -80.50 -7.98 -2.61
C ARG G 55 -81.56 -8.92 -3.18
N ARG G 56 -81.21 -9.81 -4.11
CA ARG G 56 -82.18 -10.80 -4.67
C ARG G 56 -82.90 -11.46 -3.49
N TYR G 57 -82.17 -12.23 -2.69
CA TYR G 57 -82.79 -13.19 -1.74
C TYR G 57 -83.43 -12.44 -0.56
N GLN G 58 -83.04 -11.19 -0.25
CA GLN G 58 -83.63 -10.41 0.87
C GLN G 58 -84.98 -9.84 0.43
N LYS G 59 -85.14 -9.63 -0.87
CA LYS G 59 -86.38 -9.08 -1.46
C LYS G 59 -87.43 -10.19 -1.55
N SER G 60 -86.99 -11.44 -1.67
CA SER G 60 -87.89 -12.60 -1.90
C SER G 60 -88.13 -13.31 -0.56
N THR G 61 -88.93 -14.39 -0.60
CA THR G 61 -89.40 -15.11 0.62
C THR G 61 -89.46 -16.64 0.43
N GLU G 62 -89.21 -17.16 -0.77
CA GLU G 62 -89.42 -18.60 -1.10
C GLU G 62 -88.39 -19.43 -0.34
N LEU G 63 -88.71 -20.68 0.01
CA LEU G 63 -87.77 -21.61 0.66
C LEU G 63 -86.62 -21.93 -0.30
N LEU G 64 -85.40 -21.91 0.22
CA LEU G 64 -84.14 -21.91 -0.56
C LEU G 64 -83.54 -23.31 -0.54
N ILE G 65 -84.10 -24.22 0.23
CA ILE G 65 -83.68 -25.65 0.22
C ILE G 65 -84.63 -26.42 -0.69
N ARG G 66 -84.10 -27.17 -1.66
CA ARG G 66 -84.92 -27.98 -2.59
C ARG G 66 -85.71 -28.95 -1.71
N LYS G 67 -87.01 -29.10 -1.97
CA LYS G 67 -87.98 -29.60 -0.98
C LYS G 67 -87.80 -31.10 -0.73
N LEU G 68 -87.63 -31.90 -1.77
CA LEU G 68 -87.52 -33.39 -1.59
C LEU G 68 -86.37 -33.67 -0.62
N PRO G 69 -85.13 -33.26 -0.93
CA PRO G 69 -84.00 -33.42 -0.03
C PRO G 69 -84.42 -33.18 1.42
N PHE G 70 -84.97 -32.00 1.68
CA PHE G 70 -85.33 -31.57 3.04
C PHE G 70 -86.29 -32.57 3.67
N GLN G 71 -87.32 -32.94 2.92
CA GLN G 71 -88.33 -33.91 3.38
C GLN G 71 -87.62 -35.21 3.80
N ARG G 72 -86.77 -35.75 2.92
CA ARG G 72 -86.04 -37.04 3.13
C ARG G 72 -85.28 -36.97 4.46
N LEU G 73 -84.49 -35.90 4.64
CA LEU G 73 -83.81 -35.59 5.91
C LEU G 73 -84.78 -35.81 7.07
N VAL G 74 -85.85 -35.01 7.13
CA VAL G 74 -86.88 -34.99 8.22
C VAL G 74 -87.28 -36.42 8.60
N ARG G 75 -87.56 -37.28 7.60
CA ARG G 75 -88.02 -38.68 7.82
C ARG G 75 -86.87 -39.53 8.35
N GLU G 76 -85.70 -39.45 7.70
CA GLU G 76 -84.41 -40.02 8.19
C GLU G 76 -84.30 -39.71 9.68
N ILE G 77 -84.53 -38.45 10.06
CA ILE G 77 -84.40 -37.95 11.47
C ILE G 77 -85.58 -38.46 12.31
N ALA G 78 -86.76 -38.64 11.72
CA ALA G 78 -87.93 -39.18 12.46
C ALA G 78 -87.70 -40.64 12.84
N GLN G 79 -86.91 -41.40 12.04
CA GLN G 79 -86.61 -42.84 12.28
C GLN G 79 -85.98 -42.95 13.66
N ASP G 80 -85.02 -42.06 13.94
CA ASP G 80 -84.24 -41.98 15.20
C ASP G 80 -85.19 -41.96 16.43
N PHE G 81 -86.50 -41.75 16.25
CA PHE G 81 -87.51 -41.61 17.34
C PHE G 81 -88.67 -42.59 17.22
N LYS G 82 -89.14 -42.92 16.02
CA LYS G 82 -90.21 -43.93 15.87
C LYS G 82 -90.30 -44.47 14.46
N THR G 83 -90.22 -45.80 14.29
CA THR G 83 -90.24 -46.46 12.96
C THR G 83 -91.66 -46.37 12.38
N ASP G 84 -91.72 -46.37 11.04
CA ASP G 84 -92.94 -46.39 10.20
C ASP G 84 -93.87 -45.21 10.55
N LEU G 85 -93.29 -44.02 10.72
CA LEU G 85 -94.04 -42.75 10.89
C LEU G 85 -94.59 -42.31 9.53
N ARG G 86 -95.42 -41.26 9.55
CA ARG G 86 -96.05 -40.61 8.38
C ARG G 86 -96.16 -39.12 8.71
N PHE G 87 -96.09 -38.25 7.70
CA PHE G 87 -96.08 -36.78 7.88
C PHE G 87 -97.15 -36.14 6.98
N GLN G 88 -98.03 -35.33 7.56
CA GLN G 88 -98.85 -34.31 6.84
C GLN G 88 -97.92 -33.36 6.10
N SER G 89 -98.08 -33.26 4.78
CA SER G 89 -97.27 -32.40 3.88
C SER G 89 -97.06 -31.02 4.51
N SER G 90 -98.06 -30.51 5.23
CA SER G 90 -98.03 -29.20 5.93
C SER G 90 -97.05 -29.24 7.10
N ALA G 91 -96.98 -30.35 7.82
CA ALA G 91 -95.97 -30.59 8.87
C ALA G 91 -94.58 -30.40 8.27
N VAL G 92 -94.27 -31.14 7.18
CA VAL G 92 -92.94 -31.10 6.51
C VAL G 92 -92.63 -29.64 6.22
N MET G 93 -93.62 -28.91 5.71
CA MET G 93 -93.47 -27.50 5.25
C MET G 93 -93.37 -26.58 6.45
N ALA G 94 -94.10 -26.86 7.53
CA ALA G 94 -94.05 -26.10 8.79
C ALA G 94 -92.65 -26.20 9.39
N LEU G 95 -91.97 -27.34 9.21
CA LEU G 95 -90.55 -27.49 9.62
C LEU G 95 -89.69 -26.62 8.70
N GLN G 96 -89.72 -26.87 7.40
CA GLN G 96 -88.77 -26.19 6.48
C GLN G 96 -88.83 -24.67 6.71
N GLU G 97 -90.02 -24.10 6.82
CA GLU G 97 -90.21 -22.66 7.17
C GLU G 97 -89.45 -22.31 8.44
N ALA G 98 -89.58 -23.16 9.45
CA ALA G 98 -88.97 -22.97 10.78
C ALA G 98 -87.44 -22.99 10.62
N CYS G 99 -86.89 -24.07 10.06
CA CYS G 99 -85.42 -24.32 9.88
C CYS G 99 -84.81 -23.14 9.13
N GLU G 100 -85.37 -22.88 7.95
CA GLU G 100 -84.87 -21.88 7.00
C GLU G 100 -84.85 -20.52 7.70
N ALA G 101 -85.85 -20.24 8.54
CA ALA G 101 -85.98 -18.96 9.27
C ALA G 101 -84.90 -18.85 10.35
N TYR G 102 -84.62 -19.97 11.02
CA TYR G 102 -83.63 -20.12 12.10
C TYR G 102 -82.26 -19.81 11.53
N LEU G 103 -81.89 -20.62 10.51
CA LEU G 103 -80.56 -20.57 9.82
C LEU G 103 -80.34 -19.13 9.37
N VAL G 104 -81.28 -18.58 8.60
CA VAL G 104 -81.20 -17.16 8.14
C VAL G 104 -81.04 -16.24 9.34
N GLY G 105 -81.62 -16.58 10.48
CA GLY G 105 -81.45 -15.78 11.71
C GLY G 105 -80.03 -15.87 12.24
N LEU G 106 -79.49 -17.10 12.23
CA LEU G 106 -78.15 -17.42 12.78
C LEU G 106 -77.12 -16.60 11.99
N PHE G 107 -77.12 -16.79 10.66
CA PHE G 107 -76.16 -16.17 9.70
C PHE G 107 -76.14 -14.65 9.90
N GLU G 108 -77.27 -14.02 10.27
CA GLU G 108 -77.29 -12.57 10.63
C GLU G 108 -76.47 -12.34 11.90
N ASP G 109 -76.71 -13.14 12.96
CA ASP G 109 -75.95 -13.07 14.24
C ASP G 109 -74.52 -13.44 13.93
N THR G 110 -74.30 -14.62 13.33
CA THR G 110 -73.00 -15.07 12.78
C THR G 110 -72.27 -13.91 12.12
N ASN G 111 -72.90 -13.26 11.14
CA ASN G 111 -72.29 -12.25 10.22
C ASN G 111 -71.84 -11.01 11.01
N LEU G 112 -72.50 -10.69 12.12
CA LEU G 112 -72.14 -9.53 12.97
C LEU G 112 -70.93 -9.87 13.84
N CYS G 113 -70.63 -11.16 14.02
CA CYS G 113 -69.47 -11.65 14.81
C CYS G 113 -68.21 -11.67 13.93
N ALA G 114 -68.29 -12.29 12.75
CA ALA G 114 -67.31 -12.11 11.64
C ALA G 114 -66.93 -10.62 11.59
N ILE G 115 -67.91 -9.75 11.36
CA ILE G 115 -67.65 -8.28 11.21
C ILE G 115 -67.03 -7.75 12.51
N HIS G 116 -67.31 -8.35 13.66
CA HIS G 116 -66.80 -7.86 14.97
C HIS G 116 -65.29 -8.02 15.01
N ALA G 117 -64.77 -9.04 14.32
CA ALA G 117 -63.33 -9.40 14.25
C ALA G 117 -62.71 -8.75 13.00
N LYS G 118 -63.22 -7.59 12.60
CA LYS G 118 -62.84 -6.87 11.35
C LYS G 118 -62.60 -7.92 10.25
N ARG G 119 -63.61 -8.75 9.98
CA ARG G 119 -63.66 -9.71 8.85
C ARG G 119 -64.96 -9.49 8.04
N VAL G 120 -65.26 -10.42 7.14
CA VAL G 120 -66.25 -10.26 6.04
C VAL G 120 -66.64 -11.65 5.54
N THR G 121 -65.68 -12.56 5.54
CA THR G 121 -65.93 -14.01 5.55
C THR G 121 -66.55 -14.38 6.89
N ILE G 122 -67.53 -15.28 6.89
CA ILE G 122 -68.10 -15.90 8.13
C ILE G 122 -67.36 -17.22 8.28
N MET G 123 -67.05 -17.58 9.53
CA MET G 123 -66.20 -18.74 9.89
C MET G 123 -66.87 -19.51 11.02
N PRO G 124 -66.64 -20.84 11.11
CA PRO G 124 -67.30 -21.66 12.13
C PRO G 124 -67.22 -20.93 13.48
N LYS G 125 -66.04 -20.41 13.81
CA LYS G 125 -65.81 -19.70 15.08
C LYS G 125 -66.92 -18.69 15.33
N ASP G 126 -67.38 -17.99 14.29
CA ASP G 126 -68.44 -16.95 14.38
C ASP G 126 -69.82 -17.51 14.82
N ILE G 127 -70.27 -18.56 14.13
CA ILE G 127 -71.50 -19.34 14.46
C ILE G 127 -71.38 -19.81 15.91
N GLN G 128 -70.33 -20.61 16.19
CA GLN G 128 -69.94 -21.07 17.56
C GLN G 128 -70.19 -19.91 18.53
N LEU G 129 -69.58 -18.74 18.28
CA LEU G 129 -69.71 -17.56 19.17
C LEU G 129 -71.18 -17.18 19.26
N ALA G 130 -71.87 -17.12 18.13
CA ALA G 130 -73.28 -16.69 18.09
C ALA G 130 -74.16 -17.66 18.92
N ARG G 131 -74.15 -18.95 18.56
CA ARG G 131 -74.85 -19.98 19.36
C ARG G 131 -74.45 -19.80 20.83
N ARG G 132 -73.17 -19.67 21.14
CA ARG G 132 -72.71 -19.47 22.55
C ARG G 132 -73.56 -18.36 23.19
N ILE G 133 -73.63 -17.16 22.61
CA ILE G 133 -74.22 -16.00 23.33
C ILE G 133 -75.74 -16.14 23.35
N ARG G 134 -76.28 -16.82 22.35
CA ARG G 134 -77.72 -17.17 22.23
C ARG G 134 -78.17 -18.10 23.36
N GLY G 135 -77.36 -19.09 23.71
CA GLY G 135 -77.72 -20.11 24.70
C GLY G 135 -77.97 -21.46 24.04
N GLU G 136 -77.61 -21.61 22.78
CA GLU G 136 -77.83 -22.89 22.09
C GLU G 136 -76.79 -23.89 22.59
N ARG G 137 -75.72 -23.40 23.24
CA ARG G 137 -74.59 -24.26 23.72
C ARG G 137 -73.83 -23.57 24.87
N ALA G 138 -72.90 -24.31 25.50
CA ALA G 138 -72.01 -23.87 26.60
C ALA G 138 -70.68 -23.39 26.02
N VAL H 24 -83.25 -45.45 1.82
CA VAL H 24 -82.27 -46.07 0.87
C VAL H 24 -81.03 -45.17 0.75
N LEU H 25 -81.15 -43.86 1.04
CA LEU H 25 -80.01 -42.90 1.17
C LEU H 25 -79.87 -42.46 2.64
N ARG H 26 -79.10 -43.23 3.43
CA ARG H 26 -79.07 -43.17 4.92
C ARG H 26 -78.42 -41.87 5.41
N ASP H 27 -77.68 -41.15 4.56
CA ASP H 27 -77.04 -39.86 4.93
C ASP H 27 -77.56 -38.74 4.01
N ASN H 28 -78.67 -38.13 4.43
CA ASN H 28 -79.42 -37.10 3.67
C ASN H 28 -78.96 -35.70 4.07
N ILE H 29 -78.45 -35.55 5.29
CA ILE H 29 -77.93 -34.23 5.75
C ILE H 29 -77.19 -33.56 4.59
N GLN H 30 -76.63 -34.37 3.68
CA GLN H 30 -75.81 -33.88 2.53
C GLN H 30 -76.72 -33.13 1.56
N GLY H 31 -77.96 -33.57 1.38
CA GLY H 31 -78.97 -32.97 0.46
C GLY H 31 -79.27 -31.51 0.74
N ILE H 32 -78.80 -30.99 1.89
CA ILE H 32 -78.74 -29.52 2.17
C ILE H 32 -77.47 -29.01 1.49
N THR H 33 -77.56 -28.82 0.17
CA THR H 33 -76.40 -28.61 -0.73
C THR H 33 -75.79 -27.22 -0.55
N LYS H 34 -74.48 -27.14 -0.76
CA LYS H 34 -73.64 -25.93 -0.54
C LYS H 34 -74.37 -24.71 -1.09
N PRO H 35 -74.92 -24.75 -2.33
CA PRO H 35 -75.63 -23.62 -2.91
C PRO H 35 -76.82 -23.16 -2.04
N ALA H 36 -77.69 -24.11 -1.66
CA ALA H 36 -78.85 -23.87 -0.77
C ALA H 36 -78.42 -23.09 0.50
N ILE H 37 -77.37 -23.56 1.17
CA ILE H 37 -76.79 -22.92 2.39
C ILE H 37 -76.25 -21.53 2.03
N ARG H 38 -75.56 -21.41 0.89
CA ARG H 38 -75.09 -20.10 0.37
C ARG H 38 -76.28 -19.12 0.35
N ARG H 39 -77.40 -19.55 -0.25
CA ARG H 39 -78.60 -18.70 -0.42
C ARG H 39 -79.09 -18.30 0.97
N LEU H 40 -79.24 -19.26 1.87
CA LEU H 40 -79.67 -18.95 3.24
C LEU H 40 -78.77 -17.81 3.71
N ALA H 41 -77.46 -18.02 3.59
CA ALA H 41 -76.43 -17.07 4.09
C ALA H 41 -76.63 -15.74 3.37
N ARG H 42 -76.97 -15.77 2.09
CA ARG H 42 -77.27 -14.52 1.35
C ARG H 42 -78.45 -13.82 2.05
N ARG H 43 -79.60 -14.49 2.20
CA ARG H 43 -80.73 -13.84 2.92
C ARG H 43 -80.18 -13.34 4.26
N GLY H 44 -79.25 -14.11 4.84
CA GLY H 44 -78.48 -13.71 6.03
C GLY H 44 -77.94 -12.30 5.91
N GLY H 45 -77.53 -11.91 4.70
CA GLY H 45 -76.76 -10.68 4.44
C GLY H 45 -75.26 -10.92 4.51
N VAL H 46 -74.84 -12.16 4.28
CA VAL H 46 -73.42 -12.62 4.26
C VAL H 46 -72.88 -12.42 2.84
N LYS H 47 -71.74 -11.72 2.74
CA LYS H 47 -70.99 -11.48 1.49
C LYS H 47 -70.03 -12.64 1.19
N ARG H 48 -69.38 -13.21 2.22
CA ARG H 48 -68.24 -14.13 2.03
C ARG H 48 -68.31 -15.30 3.02
N ILE H 49 -68.14 -16.53 2.51
CA ILE H 49 -68.46 -17.81 3.19
C ILE H 49 -67.22 -18.72 3.19
N SER H 50 -66.54 -18.87 4.33
CA SER H 50 -65.52 -19.95 4.53
C SER H 50 -66.07 -21.30 4.07
N GLY H 51 -65.22 -22.14 3.55
CA GLY H 51 -65.62 -23.48 3.09
C GLY H 51 -66.07 -24.33 4.24
N LEU H 52 -65.48 -24.18 5.43
CA LEU H 52 -65.71 -25.07 6.61
C LEU H 52 -67.20 -24.99 7.01
N ILE H 53 -67.81 -23.81 6.77
CA ILE H 53 -69.22 -23.46 7.11
C ILE H 53 -70.17 -24.61 6.78
N TYR H 54 -70.54 -24.75 5.51
CA TYR H 54 -71.50 -25.78 4.99
C TYR H 54 -71.66 -26.91 6.03
N GLU H 55 -70.58 -27.65 6.30
CA GLU H 55 -70.58 -28.77 7.26
C GLU H 55 -71.05 -28.27 8.64
N GLU H 56 -70.48 -27.17 9.11
CA GLU H 56 -70.86 -26.58 10.42
C GLU H 56 -72.36 -26.33 10.36
N THR H 57 -72.84 -25.76 9.25
CA THR H 57 -74.28 -25.40 9.09
C THR H 57 -75.02 -26.73 9.16
N ARG H 58 -74.84 -27.58 8.16
CA ARG H 58 -75.43 -28.96 8.13
C ARG H 58 -75.58 -29.52 9.55
N GLY H 59 -74.54 -29.40 10.37
CA GLY H 59 -74.54 -29.91 11.75
C GLY H 59 -75.57 -29.21 12.62
N VAL H 60 -75.61 -27.88 12.56
CA VAL H 60 -76.54 -27.06 13.38
C VAL H 60 -77.96 -27.36 12.91
N LEU H 61 -78.16 -27.36 11.62
CA LEU H 61 -79.43 -27.82 11.03
C LEU H 61 -79.78 -29.12 11.71
N LYS H 62 -78.92 -30.13 11.63
CA LYS H 62 -79.25 -31.50 12.12
C LYS H 62 -79.77 -31.38 13.55
N VAL H 63 -79.01 -30.73 14.43
CA VAL H 63 -79.38 -30.57 15.86
C VAL H 63 -80.82 -30.08 15.92
N PHE H 64 -81.05 -28.89 15.34
CA PHE H 64 -82.32 -28.13 15.31
C PHE H 64 -83.49 -29.00 14.86
N LEU H 65 -83.39 -29.61 13.68
CA LEU H 65 -84.43 -30.57 13.21
C LEU H 65 -84.62 -31.67 14.25
N GLU H 66 -83.53 -32.37 14.62
CA GLU H 66 -83.52 -33.42 15.68
C GLU H 66 -84.35 -32.95 16.89
N ASN H 67 -83.99 -31.81 17.47
CA ASN H 67 -84.65 -31.22 18.67
C ASN H 67 -86.16 -31.06 18.44
N VAL H 68 -86.55 -30.36 17.37
CA VAL H 68 -87.97 -30.05 17.07
C VAL H 68 -88.71 -31.36 16.81
N ILE H 69 -88.19 -32.16 15.89
CA ILE H 69 -88.88 -33.41 15.50
C ILE H 69 -89.00 -34.35 16.70
N ARG H 70 -88.02 -34.42 17.61
CA ARG H 70 -88.20 -35.22 18.86
C ARG H 70 -89.54 -34.81 19.48
N ASP H 71 -89.60 -33.57 19.97
CA ASP H 71 -90.77 -32.95 20.63
C ASP H 71 -92.05 -33.19 19.80
N ALA H 72 -91.96 -33.01 18.49
CA ALA H 72 -93.11 -33.23 17.59
C ALA H 72 -93.59 -34.67 17.76
N VAL H 73 -92.70 -35.63 17.52
CA VAL H 73 -93.07 -37.07 17.55
C VAL H 73 -93.60 -37.40 18.94
N THR H 74 -93.02 -36.84 19.99
CA THR H 74 -93.56 -37.00 21.38
C THR H 74 -95.06 -36.70 21.32
N TYR H 75 -95.41 -35.54 20.76
CA TYR H 75 -96.80 -35.04 20.64
C TYR H 75 -97.63 -36.01 19.76
N THR H 76 -97.13 -36.34 18.57
CA THR H 76 -97.72 -37.42 17.74
C THR H 76 -97.99 -38.66 18.59
N GLU H 77 -96.95 -39.22 19.23
CA GLU H 77 -97.06 -40.48 20.00
C GLU H 77 -98.11 -40.25 21.10
N HIS H 78 -98.10 -39.09 21.76
CA HIS H 78 -99.01 -38.88 22.93
C HIS H 78 -100.46 -39.06 22.48
N ALA H 79 -100.75 -38.82 21.20
CA ALA H 79 -102.11 -38.89 20.61
C ALA H 79 -102.31 -40.22 19.87
N LYS H 80 -101.55 -41.26 20.22
CA LYS H 80 -101.67 -42.60 19.60
C LYS H 80 -101.94 -42.45 18.08
N ARG H 81 -101.17 -41.58 17.42
CA ARG H 81 -101.21 -41.42 15.94
C ARG H 81 -99.94 -41.96 15.34
N LYS H 82 -100.02 -42.48 14.11
CA LYS H 82 -98.86 -42.98 13.32
C LYS H 82 -98.45 -41.85 12.34
N THR H 83 -99.21 -40.76 12.29
CA THR H 83 -99.06 -39.63 11.33
C THR H 83 -98.72 -38.34 12.07
N VAL H 84 -97.57 -37.73 11.79
CA VAL H 84 -97.10 -36.46 12.43
C VAL H 84 -97.90 -35.32 11.82
N THR H 85 -98.57 -34.50 12.62
CA THR H 85 -99.43 -33.38 12.12
C THR H 85 -98.66 -32.06 12.14
N ALA H 86 -99.14 -31.11 11.34
CA ALA H 86 -98.65 -29.71 11.30
C ALA H 86 -98.75 -29.08 12.69
N MET H 87 -99.76 -29.47 13.47
CA MET H 87 -99.97 -28.94 14.84
C MET H 87 -98.91 -29.46 15.81
N ASP H 88 -98.56 -30.75 15.71
CA ASP H 88 -97.43 -31.32 16.49
C ASP H 88 -96.22 -30.39 16.28
N VAL H 89 -95.86 -30.13 15.02
CA VAL H 89 -94.66 -29.30 14.68
C VAL H 89 -94.83 -27.90 15.32
N VAL H 90 -96.04 -27.40 15.49
CA VAL H 90 -96.21 -26.00 16.02
C VAL H 90 -96.02 -26.07 17.53
N TYR H 91 -96.73 -27.01 18.17
CA TYR H 91 -96.61 -27.26 19.63
C TYR H 91 -95.12 -27.42 19.94
N ALA H 92 -94.37 -28.11 19.06
CA ALA H 92 -92.92 -28.38 19.24
C ALA H 92 -92.14 -27.06 19.11
N LEU H 93 -92.40 -26.31 18.05
CA LEU H 93 -91.71 -25.02 17.82
C LEU H 93 -92.04 -24.04 18.97
N LYS H 94 -93.26 -24.09 19.52
CA LYS H 94 -93.65 -23.13 20.60
C LYS H 94 -92.85 -23.44 21.85
N ARG H 95 -92.77 -24.72 22.24
CA ARG H 95 -91.97 -25.22 23.39
C ARG H 95 -90.54 -24.74 23.20
N GLN H 96 -89.93 -25.10 22.07
CA GLN H 96 -88.51 -24.81 21.75
C GLN H 96 -88.26 -23.30 21.73
N GLY H 97 -89.30 -22.47 21.88
CA GLY H 97 -89.21 -21.00 22.02
C GLY H 97 -89.15 -20.29 20.68
N ARG H 98 -89.71 -20.96 19.68
CA ARG H 98 -89.37 -20.76 18.25
C ARG H 98 -90.69 -20.77 17.44
N THR H 99 -91.60 -19.83 17.78
CA THR H 99 -93.07 -19.87 17.50
C THR H 99 -93.39 -19.53 16.05
N LEU H 100 -94.13 -20.39 15.34
CA LEU H 100 -94.43 -20.28 13.90
C LEU H 100 -95.92 -19.96 13.66
N TYR H 101 -96.20 -18.85 12.97
CA TYR H 101 -97.51 -18.35 12.49
C TYR H 101 -97.84 -18.87 11.08
N GLY H 102 -99.04 -19.44 10.91
CA GLY H 102 -99.58 -19.77 9.57
C GLY H 102 -99.58 -21.25 9.25
N PHE H 103 -99.75 -22.13 10.24
CA PHE H 103 -99.98 -23.59 10.02
C PHE H 103 -100.99 -24.16 11.03
N GLY H 104 -101.59 -23.29 11.84
CA GLY H 104 -102.62 -23.71 12.81
C GLY H 104 -102.34 -23.14 14.19
N GLY H 105 -101.29 -22.33 14.34
CA GLY H 105 -101.15 -21.43 15.50
C GLY H 105 -102.53 -21.12 16.07
N LYS I 16 -108.64 -47.31 59.02
CA LYS I 16 -107.68 -46.59 59.97
C LYS I 16 -107.28 -45.23 59.38
N ALA I 17 -106.19 -45.17 58.58
CA ALA I 17 -105.77 -44.03 57.73
C ALA I 17 -104.31 -44.21 57.30
N LYS I 18 -103.97 -43.84 56.06
CA LYS I 18 -102.61 -43.98 55.50
C LYS I 18 -102.40 -42.95 54.38
N THR I 19 -101.42 -42.05 54.55
CA THR I 19 -101.02 -41.01 53.57
C THR I 19 -100.55 -41.68 52.28
N ARG I 20 -101.38 -41.68 51.24
CA ARG I 20 -101.08 -42.08 49.84
C ARG I 20 -99.58 -42.10 49.53
N SER I 21 -98.85 -41.06 49.95
CA SER I 21 -97.38 -40.95 49.82
C SER I 21 -96.74 -42.26 50.32
N SER I 22 -97.05 -42.66 51.55
CA SER I 22 -96.79 -44.01 52.13
C SER I 22 -97.11 -45.10 51.11
N ARG I 23 -98.34 -45.16 50.58
CA ARG I 23 -98.79 -46.24 49.65
C ARG I 23 -97.99 -46.20 48.34
N ALA I 24 -97.25 -45.11 48.07
CA ALA I 24 -96.45 -44.92 46.84
C ALA I 24 -94.94 -45.03 47.13
N GLY I 25 -94.56 -44.98 48.40
CA GLY I 25 -93.16 -45.12 48.85
C GLY I 25 -92.40 -43.81 48.70
N LEU I 26 -93.10 -42.68 48.82
CA LEU I 26 -92.56 -41.35 48.51
C LEU I 26 -92.54 -40.51 49.78
N GLN I 27 -91.54 -39.64 49.89
CA GLN I 27 -91.45 -38.62 50.96
C GLN I 27 -92.32 -37.42 50.55
N PHE I 28 -92.50 -37.22 49.24
CA PHE I 28 -93.21 -36.04 48.69
C PHE I 28 -94.72 -36.23 48.90
N PRO I 29 -95.42 -35.15 49.31
CA PRO I 29 -96.83 -35.26 49.71
C PRO I 29 -97.80 -35.43 48.54
N VAL I 30 -98.03 -36.67 48.11
CA VAL I 30 -98.93 -37.02 46.97
C VAL I 30 -100.25 -36.27 47.12
N GLY I 31 -100.74 -36.11 48.36
CA GLY I 31 -102.01 -35.42 48.64
C GLY I 31 -101.96 -33.93 48.30
N ARG I 32 -100.95 -33.24 48.83
CA ARG I 32 -100.76 -31.79 48.61
C ARG I 32 -100.58 -31.53 47.11
N VAL I 33 -99.86 -32.39 46.40
CA VAL I 33 -99.73 -32.32 44.91
C VAL I 33 -101.15 -32.39 44.32
N HIS I 34 -101.89 -33.48 44.56
CA HIS I 34 -103.25 -33.70 43.99
C HIS I 34 -104.11 -32.45 44.14
N ARG I 35 -103.90 -31.73 45.25
CA ARG I 35 -104.70 -30.53 45.61
C ARG I 35 -104.17 -29.34 44.81
N LEU I 36 -102.87 -29.06 44.88
CA LEU I 36 -102.23 -28.01 44.05
C LEU I 36 -102.59 -28.17 42.57
N LEU I 37 -102.72 -29.42 42.09
CA LEU I 37 -103.18 -29.69 40.70
C LEU I 37 -104.58 -29.12 40.49
N ARG I 38 -105.59 -29.58 41.24
CA ARG I 38 -107.01 -29.15 41.05
C ARG I 38 -107.16 -27.63 41.24
N LYS I 39 -106.54 -27.05 42.27
CA LYS I 39 -106.68 -25.61 42.60
C LYS I 39 -105.77 -24.78 41.70
N GLY I 40 -104.94 -25.43 40.87
CA GLY I 40 -103.98 -24.79 39.97
C GLY I 40 -104.62 -24.35 38.67
N ASN I 41 -105.72 -24.97 38.27
CA ASN I 41 -106.46 -24.66 37.02
C ASN I 41 -105.68 -25.24 35.84
N TYR I 42 -105.20 -26.48 35.99
CA TYR I 42 -104.46 -27.20 34.92
C TYR I 42 -105.45 -28.04 34.15
N SER I 43 -106.56 -28.40 34.78
CA SER I 43 -107.65 -29.13 34.10
C SER I 43 -108.89 -29.18 34.98
N GLU I 44 -110.00 -29.57 34.35
CA GLU I 44 -111.29 -29.90 34.99
C GLU I 44 -111.01 -31.06 35.94
N ARG I 45 -110.46 -32.16 35.42
CA ARG I 45 -110.29 -33.46 36.15
C ARG I 45 -108.83 -33.94 36.16
N VAL I 46 -108.45 -34.57 37.28
CA VAL I 46 -107.07 -35.04 37.62
C VAL I 46 -107.15 -36.51 38.02
N GLY I 47 -106.62 -37.43 37.21
CA GLY I 47 -106.43 -38.86 37.55
C GLY I 47 -105.83 -39.02 38.95
N ALA I 48 -106.02 -40.19 39.55
CA ALA I 48 -105.53 -40.50 40.92
C ALA I 48 -104.05 -40.88 40.85
N GLY I 49 -103.58 -41.25 39.65
CA GLY I 49 -102.16 -41.55 39.36
C GLY I 49 -101.31 -40.29 39.19
N ALA I 50 -101.91 -39.21 38.68
CA ALA I 50 -101.19 -37.97 38.31
C ALA I 50 -100.37 -37.45 39.49
N PRO I 51 -100.97 -37.20 40.66
CA PRO I 51 -100.25 -36.52 41.73
C PRO I 51 -99.20 -37.46 42.34
N VAL I 52 -99.44 -38.77 42.25
CA VAL I 52 -98.44 -39.80 42.57
C VAL I 52 -97.21 -39.50 41.71
N TYR I 53 -97.34 -39.79 40.40
CA TYR I 53 -96.26 -39.78 39.38
C TYR I 53 -95.53 -38.45 39.46
N LEU I 54 -96.24 -37.38 39.77
CA LEU I 54 -95.62 -36.04 39.84
C LEU I 54 -94.74 -35.97 41.11
N ALA I 55 -95.34 -36.21 42.29
CA ALA I 55 -94.61 -36.18 43.59
C ALA I 55 -93.37 -37.07 43.47
N ALA I 56 -93.53 -38.25 42.87
CA ALA I 56 -92.41 -39.13 42.51
C ALA I 56 -91.32 -38.28 41.84
N VAL I 57 -91.65 -37.68 40.70
CA VAL I 57 -90.70 -36.98 39.79
C VAL I 57 -90.20 -35.70 40.46
N LEU I 58 -90.98 -35.06 41.32
CA LEU I 58 -90.43 -33.89 42.06
C LEU I 58 -89.37 -34.38 43.06
N GLU I 59 -89.71 -35.36 43.91
CA GLU I 59 -88.77 -36.03 44.86
C GLU I 59 -87.48 -36.39 44.11
N TYR I 60 -87.56 -37.29 43.14
CA TYR I 60 -86.36 -37.75 42.40
C TYR I 60 -85.43 -36.55 42.13
N LEU I 61 -85.88 -35.51 41.42
CA LEU I 61 -84.99 -34.39 40.97
C LEU I 61 -84.48 -33.63 42.19
N THR I 62 -85.30 -33.51 43.24
CA THR I 62 -84.92 -32.93 44.55
C THR I 62 -83.69 -33.67 45.09
N ALA I 63 -83.76 -35.02 45.15
CA ALA I 63 -82.65 -35.93 45.53
C ALA I 63 -81.44 -35.71 44.64
N GLU I 64 -81.61 -35.92 43.34
CA GLU I 64 -80.56 -35.83 42.29
C GLU I 64 -79.75 -34.53 42.43
N ILE I 65 -80.40 -33.40 42.71
CA ILE I 65 -79.68 -32.13 43.06
C ILE I 65 -78.95 -32.31 44.39
N LEU I 66 -79.66 -32.66 45.48
CA LEU I 66 -79.11 -32.73 46.86
C LEU I 66 -77.93 -33.71 46.93
N GLU I 67 -78.04 -34.87 46.27
CA GLU I 67 -76.94 -35.86 46.07
C GLU I 67 -75.65 -35.10 45.73
N LEU I 68 -75.63 -34.43 44.57
CA LEU I 68 -74.47 -33.64 44.06
C LEU I 68 -74.13 -32.45 44.97
N ALA I 69 -75.10 -31.79 45.56
CA ALA I 69 -74.91 -30.56 46.37
C ALA I 69 -74.35 -30.93 47.74
N GLY I 70 -74.76 -32.09 48.27
CA GLY I 70 -74.20 -32.72 49.48
C GLY I 70 -72.73 -33.03 49.27
N ASN I 71 -72.42 -33.64 48.12
CA ASN I 71 -71.02 -33.91 47.72
C ASN I 71 -70.25 -32.59 47.75
N ALA I 72 -70.78 -31.55 47.10
CA ALA I 72 -70.16 -30.21 46.97
C ALA I 72 -69.82 -29.63 48.33
N ALA I 73 -70.66 -29.89 49.34
CA ALA I 73 -70.48 -29.42 50.73
C ALA I 73 -69.30 -30.15 51.36
N ARG I 74 -69.26 -31.49 51.25
CA ARG I 74 -68.16 -32.32 51.80
C ARG I 74 -66.83 -31.80 51.24
N ASP I 75 -66.74 -31.62 49.93
CA ASP I 75 -65.54 -31.07 49.23
C ASP I 75 -65.09 -29.74 49.87
N ASN I 76 -66.01 -28.87 50.34
CA ASN I 76 -65.66 -27.59 51.01
C ASN I 76 -65.68 -27.78 52.53
N LYS I 77 -65.47 -29.00 53.03
CA LYS I 77 -65.61 -29.40 54.45
C LYS I 77 -66.75 -28.60 55.09
N LYS I 78 -68.00 -28.84 54.69
CA LYS I 78 -69.18 -28.24 55.35
C LYS I 78 -70.25 -29.33 55.56
N THR I 79 -70.91 -29.30 56.71
CA THR I 79 -72.01 -30.21 57.08
C THR I 79 -73.31 -29.67 56.48
N ARG I 80 -73.45 -28.33 56.48
CA ARG I 80 -74.69 -27.62 56.07
C ARG I 80 -74.52 -27.06 54.65
N ILE I 81 -75.31 -27.58 53.72
CA ILE I 81 -75.42 -27.10 52.31
C ILE I 81 -75.85 -25.63 52.29
N ILE I 82 -75.00 -24.75 51.73
CA ILE I 82 -75.36 -23.34 51.42
C ILE I 82 -75.73 -23.28 49.92
N PRO I 83 -76.33 -22.16 49.43
CA PRO I 83 -76.63 -21.99 48.01
C PRO I 83 -75.48 -22.34 47.06
N ARG I 84 -74.28 -21.80 47.30
CA ARG I 84 -73.12 -21.98 46.38
C ARG I 84 -72.93 -23.47 46.12
N HIS I 85 -73.16 -24.32 47.12
CA HIS I 85 -73.08 -25.80 46.94
C HIS I 85 -74.05 -26.19 45.81
N LEU I 86 -75.32 -25.83 45.96
CA LEU I 86 -76.38 -26.00 44.92
C LEU I 86 -75.86 -25.45 43.57
N GLN I 87 -75.42 -24.20 43.52
CA GLN I 87 -74.88 -23.61 42.26
C GLN I 87 -73.82 -24.57 41.71
N LEU I 88 -72.71 -24.72 42.43
CA LEU I 88 -71.59 -25.63 42.10
C LEU I 88 -72.18 -26.97 41.61
N ALA I 89 -73.18 -27.49 42.29
CA ALA I 89 -73.75 -28.82 41.98
C ALA I 89 -74.36 -28.78 40.57
N ILE I 90 -75.13 -27.73 40.30
CA ILE I 90 -76.02 -27.62 39.11
C ILE I 90 -75.14 -27.34 37.89
N ARG I 91 -74.31 -26.29 37.98
CA ARG I 91 -73.53 -25.79 36.83
C ARG I 91 -72.53 -26.83 36.35
N ASN I 92 -72.17 -27.80 37.20
CA ASN I 92 -71.12 -28.79 36.84
C ASN I 92 -71.81 -30.06 36.35
N ASP I 93 -73.11 -30.22 36.61
CA ASP I 93 -73.93 -31.33 36.04
C ASP I 93 -74.58 -30.85 34.74
N GLU I 94 -74.08 -31.32 33.61
CA GLU I 94 -74.50 -30.83 32.27
C GLU I 94 -76.03 -30.73 32.24
N GLU I 95 -76.72 -31.82 32.59
CA GLU I 95 -78.21 -31.95 32.44
C GLU I 95 -78.92 -30.95 33.35
N LEU I 96 -78.78 -31.08 34.67
CA LEU I 96 -79.33 -30.12 35.66
C LEU I 96 -79.09 -28.69 35.19
N ASN I 97 -77.91 -28.42 34.60
CA ASN I 97 -77.51 -27.05 34.15
C ASN I 97 -78.42 -26.61 33.00
N LYS I 98 -78.55 -27.47 31.99
CA LYS I 98 -79.56 -27.35 30.91
C LYS I 98 -80.92 -27.06 31.55
N LEU I 99 -81.52 -28.02 32.26
CA LEU I 99 -82.86 -27.84 32.89
C LEU I 99 -82.98 -26.48 33.60
N LEU I 100 -81.90 -26.01 34.23
CA LEU I 100 -81.98 -24.77 35.04
C LEU I 100 -81.26 -23.63 34.32
N GLY I 101 -81.24 -23.70 32.98
CA GLY I 101 -80.58 -22.77 32.05
C GLY I 101 -80.94 -21.31 32.29
N ARG I 102 -82.23 -20.98 32.44
CA ARG I 102 -82.69 -19.57 32.57
C ARG I 102 -82.95 -19.22 34.04
N VAL I 103 -82.53 -20.09 34.97
CA VAL I 103 -82.72 -19.98 36.45
C VAL I 103 -81.50 -19.31 37.08
N THR I 104 -81.70 -18.21 37.81
CA THR I 104 -80.70 -17.55 38.69
C THR I 104 -80.75 -18.17 40.09
N ILE I 105 -79.64 -18.71 40.57
CA ILE I 105 -79.51 -19.19 41.98
C ILE I 105 -78.97 -18.03 42.83
N ALA I 106 -79.72 -17.61 43.85
CA ALA I 106 -79.36 -16.49 44.73
C ALA I 106 -78.10 -16.86 45.51
N GLN I 107 -77.27 -15.87 45.83
CA GLN I 107 -76.06 -16.00 46.69
C GLN I 107 -75.24 -17.22 46.28
N GLY I 108 -75.20 -17.54 44.98
CA GLY I 108 -74.57 -18.76 44.45
C GLY I 108 -73.38 -18.47 43.57
N GLY I 109 -73.07 -17.20 43.29
CA GLY I 109 -71.93 -16.78 42.44
C GLY I 109 -71.79 -17.62 41.17
N VAL I 110 -70.57 -17.67 40.60
CA VAL I 110 -70.26 -18.29 39.27
C VAL I 110 -69.12 -19.31 39.41
N LEU I 111 -69.25 -20.50 38.80
CA LEU I 111 -68.14 -21.44 38.59
C LEU I 111 -66.88 -20.64 38.27
N PRO I 112 -65.72 -20.96 38.86
CA PRO I 112 -64.48 -20.32 38.44
C PRO I 112 -64.22 -20.68 36.97
N ASN I 113 -64.18 -19.67 36.10
CA ASN I 113 -63.73 -19.83 34.70
C ASN I 113 -62.92 -18.59 34.32
N ILE I 114 -61.73 -18.78 33.75
CA ILE I 114 -60.86 -17.70 33.23
C ILE I 114 -60.31 -18.16 31.89
N GLN I 115 -60.71 -17.49 30.81
CA GLN I 115 -60.39 -17.85 29.40
C GLN I 115 -58.86 -17.92 29.27
N ALA I 116 -58.34 -19.00 28.69
CA ALA I 116 -56.89 -19.28 28.60
C ALA I 116 -56.14 -18.01 28.14
N VAL I 117 -56.55 -17.37 27.05
CA VAL I 117 -55.77 -16.27 26.39
C VAL I 117 -55.60 -15.09 27.34
N LEU I 118 -56.26 -15.09 28.50
CA LEU I 118 -56.10 -14.01 29.50
C LEU I 118 -54.96 -14.33 30.48
N LEU I 119 -54.70 -15.62 30.71
CA LEU I 119 -53.61 -16.11 31.60
C LEU I 119 -52.28 -15.66 31.03
N PRO I 120 -51.27 -15.35 31.87
CA PRO I 120 -50.02 -14.78 31.38
C PRO I 120 -49.07 -15.89 30.87
N LYS I 121 -47.87 -15.49 30.45
CA LYS I 121 -46.74 -16.40 30.11
C LYS I 121 -47.27 -17.61 29.33
N ARG J 32 -105.74 -16.00 65.95
CA ARG J 32 -104.83 -15.43 64.92
C ARG J 32 -103.42 -15.26 65.52
N LYS J 33 -102.55 -16.26 65.34
CA LYS J 33 -101.08 -16.19 65.62
C LYS J 33 -100.38 -15.57 64.41
N ARG J 34 -100.70 -16.09 63.22
CA ARG J 34 -100.42 -15.49 61.89
C ARG J 34 -101.29 -16.22 60.85
N SER J 35 -100.94 -16.14 59.58
CA SER J 35 -101.42 -17.06 58.51
C SER J 35 -100.42 -18.21 58.37
N ARG J 36 -100.77 -19.22 57.56
CA ARG J 36 -100.01 -20.48 57.39
C ARG J 36 -99.43 -20.59 55.97
N LYS J 37 -98.18 -20.15 55.80
CA LYS J 37 -97.36 -20.37 54.56
C LYS J 37 -96.88 -21.82 54.58
N GLU J 38 -97.51 -22.70 53.80
CA GLU J 38 -97.02 -24.08 53.54
C GLU J 38 -95.62 -23.96 52.93
N SER J 39 -94.94 -25.09 52.73
CA SER J 39 -93.70 -25.17 51.91
C SER J 39 -93.47 -26.62 51.48
N TYR J 40 -92.23 -26.94 51.09
CA TYR J 40 -91.78 -28.31 50.79
C TYR J 40 -90.70 -28.72 51.81
N SER J 41 -90.25 -27.76 52.62
CA SER J 41 -88.94 -27.82 53.30
C SER J 41 -88.85 -29.11 54.13
N ILE J 42 -89.97 -29.61 54.63
CA ILE J 42 -89.99 -30.86 55.44
C ILE J 42 -89.74 -32.07 54.54
N TYR J 43 -90.08 -31.99 53.25
CA TYR J 43 -89.86 -33.09 52.27
C TYR J 43 -88.46 -32.96 51.67
N VAL J 44 -87.87 -31.77 51.70
CA VAL J 44 -86.46 -31.59 51.27
C VAL J 44 -85.55 -32.23 52.33
N TYR J 45 -85.80 -31.96 53.61
CA TYR J 45 -85.11 -32.60 54.76
C TYR J 45 -85.26 -34.12 54.61
N LYS J 46 -86.49 -34.63 54.69
CA LYS J 46 -86.73 -36.10 54.66
C LYS J 46 -85.83 -36.73 53.61
N VAL J 47 -85.72 -36.09 52.44
CA VAL J 47 -84.94 -36.61 51.28
C VAL J 47 -83.43 -36.34 51.46
N LEU J 48 -83.07 -35.17 51.98
CA LEU J 48 -81.67 -34.84 52.35
C LEU J 48 -81.09 -35.99 53.19
N LYS J 49 -81.82 -36.41 54.24
CA LYS J 49 -81.37 -37.38 55.26
C LYS J 49 -81.34 -38.79 54.67
N GLN J 50 -82.19 -39.08 53.67
CA GLN J 50 -82.21 -40.38 52.94
C GLN J 50 -80.93 -40.51 52.11
N VAL J 51 -80.37 -39.37 51.69
CA VAL J 51 -79.39 -39.23 50.57
C VAL J 51 -78.01 -38.85 51.13
N HIS J 52 -78.02 -38.18 52.29
CA HIS J 52 -76.83 -37.65 53.03
C HIS J 52 -77.21 -37.48 54.49
N PRO J 53 -77.37 -38.58 55.28
CA PRO J 53 -77.90 -38.45 56.64
C PRO J 53 -77.03 -37.56 57.53
N ASP J 54 -75.74 -37.42 57.20
CA ASP J 54 -74.76 -36.67 58.03
C ASP J 54 -74.73 -35.19 57.62
N THR J 55 -75.46 -34.81 56.57
CA THR J 55 -75.35 -33.47 55.94
C THR J 55 -76.63 -32.69 56.24
N GLY J 56 -76.50 -31.37 56.46
CA GLY J 56 -77.60 -30.41 56.71
C GLY J 56 -77.77 -29.43 55.56
N ILE J 57 -78.28 -28.22 55.84
CA ILE J 57 -78.72 -27.27 54.78
C ILE J 57 -79.15 -25.93 55.41
N SER J 58 -78.50 -24.85 54.98
CA SER J 58 -78.81 -23.45 55.37
C SER J 58 -80.25 -23.09 54.97
N SER J 59 -80.77 -21.98 55.50
CA SER J 59 -82.16 -21.49 55.28
C SER J 59 -82.32 -21.05 53.83
N LYS J 60 -81.38 -20.24 53.35
CA LYS J 60 -81.39 -19.69 51.97
C LYS J 60 -81.46 -20.87 50.98
N ALA J 61 -80.65 -21.91 51.23
CA ALA J 61 -80.56 -23.14 50.40
C ALA J 61 -81.88 -23.91 50.42
N MET J 62 -82.57 -23.95 51.55
CA MET J 62 -83.92 -24.55 51.59
C MET J 62 -84.84 -23.66 50.76
N GLY J 63 -84.80 -22.35 51.03
CA GLY J 63 -85.38 -21.32 50.15
C GLY J 63 -85.23 -21.79 48.71
N ILE J 64 -84.01 -21.79 48.21
CA ILE J 64 -83.68 -22.14 46.80
C ILE J 64 -84.34 -23.46 46.38
N MET J 65 -84.23 -24.52 47.19
CA MET J 65 -84.84 -25.84 46.87
C MET J 65 -86.37 -25.71 46.86
N ASN J 66 -86.94 -24.71 47.50
CA ASN J 66 -88.42 -24.51 47.50
C ASN J 66 -88.81 -23.96 46.13
N SER J 67 -88.23 -22.81 45.77
CA SER J 67 -88.29 -22.17 44.42
C SER J 67 -88.18 -23.27 43.37
N PHE J 68 -87.18 -24.14 43.51
CA PHE J 68 -86.89 -25.27 42.60
C PHE J 68 -88.07 -26.26 42.49
N VAL J 69 -88.72 -26.63 43.60
CA VAL J 69 -89.86 -27.58 43.49
C VAL J 69 -91.00 -26.85 42.80
N ASN J 70 -91.31 -25.64 43.28
CA ASN J 70 -92.41 -24.80 42.77
C ASN J 70 -92.25 -24.64 41.26
N ASP J 71 -91.05 -24.21 40.81
CA ASP J 71 -90.73 -24.00 39.36
C ASP J 71 -91.01 -25.29 38.59
N ILE J 72 -90.35 -26.40 38.92
CA ILE J 72 -90.55 -27.63 38.11
C ILE J 72 -92.00 -28.11 38.27
N PHE J 73 -92.65 -27.80 39.39
CA PHE J 73 -94.08 -28.18 39.53
C PHE J 73 -94.77 -27.59 38.31
N GLU J 74 -94.93 -26.25 38.31
CA GLU J 74 -95.67 -25.52 37.24
C GLU J 74 -95.24 -26.17 35.93
N ARG J 75 -93.95 -26.14 35.62
CA ARG J 75 -93.49 -26.56 34.28
C ARG J 75 -94.19 -27.87 33.88
N ILE J 76 -94.16 -28.88 34.74
CA ILE J 76 -94.67 -30.23 34.38
C ILE J 76 -96.20 -30.13 34.27
N ALA J 77 -96.83 -29.44 35.21
CA ALA J 77 -98.30 -29.30 35.24
C ALA J 77 -98.76 -28.62 33.94
N GLY J 78 -98.35 -27.37 33.69
CA GLY J 78 -98.44 -26.71 32.37
C GLY J 78 -98.31 -27.69 31.19
N GLU J 79 -97.13 -28.22 30.90
CA GLU J 79 -97.00 -29.02 29.65
C GLU J 79 -98.08 -30.11 29.64
N ALA J 80 -98.49 -30.57 30.81
CA ALA J 80 -99.48 -31.66 30.94
C ALA J 80 -100.88 -31.08 30.68
N SER J 81 -101.16 -29.92 31.27
CA SER J 81 -102.42 -29.13 31.07
C SER J 81 -102.71 -29.00 29.57
N ARG J 82 -101.74 -28.43 28.84
CA ARG J 82 -101.72 -28.20 27.37
C ARG J 82 -101.82 -29.54 26.64
N LEU J 83 -100.96 -30.50 26.98
CA LEU J 83 -100.99 -31.85 26.38
C LEU J 83 -102.45 -32.32 26.25
N ALA J 84 -103.20 -32.13 27.34
CA ALA J 84 -104.56 -32.67 27.52
C ALA J 84 -105.51 -31.83 26.68
N HIS J 85 -105.51 -30.51 26.89
CA HIS J 85 -106.14 -29.51 26.00
C HIS J 85 -105.99 -30.01 24.56
N TYR J 86 -104.76 -29.96 24.02
CA TYR J 86 -104.42 -30.30 22.61
C TYR J 86 -105.12 -31.58 22.15
N ASN J 87 -105.31 -32.56 23.03
CA ASN J 87 -105.85 -33.89 22.64
C ASN J 87 -107.31 -33.98 23.10
N LYS J 88 -107.89 -32.85 23.52
CA LYS J 88 -109.33 -32.71 23.89
C LYS J 88 -109.67 -33.59 25.11
N ARG J 89 -108.74 -33.82 26.02
CA ARG J 89 -108.95 -34.54 27.30
C ARG J 89 -109.30 -33.50 28.38
N SER J 90 -110.16 -33.89 29.32
CA SER J 90 -110.67 -33.07 30.46
C SER J 90 -109.82 -33.32 31.70
N THR J 91 -109.01 -34.38 31.62
CA THR J 91 -108.41 -35.10 32.76
C THR J 91 -106.90 -35.25 32.52
N ILE J 92 -106.09 -34.69 33.42
CA ILE J 92 -104.62 -34.95 33.46
C ILE J 92 -104.41 -36.33 34.10
N THR J 93 -104.17 -37.36 33.32
CA THR J 93 -103.72 -38.67 33.84
C THR J 93 -102.21 -38.57 34.11
N SER J 94 -101.66 -39.59 34.78
CA SER J 94 -100.21 -39.93 34.85
C SER J 94 -99.58 -39.85 33.45
N ARG J 95 -100.19 -40.47 32.46
CA ARG J 95 -99.65 -40.43 31.07
C ARG J 95 -99.23 -38.98 30.75
N GLU J 96 -100.15 -38.01 30.92
CA GLU J 96 -99.92 -36.56 30.65
C GLU J 96 -98.83 -35.96 31.57
N ILE J 97 -98.48 -36.59 32.68
CA ILE J 97 -97.25 -36.22 33.43
C ILE J 97 -96.08 -36.81 32.66
N GLN J 98 -96.01 -38.14 32.57
CA GLN J 98 -94.91 -38.86 31.88
C GLN J 98 -94.50 -38.11 30.60
N THR J 99 -95.47 -37.73 29.76
CA THR J 99 -95.19 -37.08 28.46
C THR J 99 -94.71 -35.65 28.69
N ALA J 100 -95.31 -34.92 29.62
CA ALA J 100 -94.80 -33.59 30.04
C ALA J 100 -93.31 -33.70 30.37
N VAL J 101 -92.92 -34.81 31.03
CA VAL J 101 -91.57 -35.01 31.62
C VAL J 101 -90.64 -35.41 30.48
N ARG J 102 -91.06 -36.36 29.65
CA ARG J 102 -90.25 -36.78 28.47
C ARG J 102 -89.90 -35.51 27.69
N LEU J 103 -90.83 -34.53 27.61
CA LEU J 103 -90.66 -33.25 26.87
C LEU J 103 -89.79 -32.23 27.62
N LEU J 104 -90.00 -32.02 28.91
CA LEU J 104 -89.31 -30.96 29.70
C LEU J 104 -87.91 -31.34 30.20
N LEU J 105 -87.62 -32.63 30.45
CA LEU J 105 -86.34 -33.08 31.06
C LEU J 105 -85.40 -33.62 29.98
N PRO J 106 -84.10 -33.32 30.14
CA PRO J 106 -83.04 -33.91 29.32
C PRO J 106 -82.89 -35.43 29.45
N GLY J 107 -82.42 -36.06 28.37
CA GLY J 107 -82.21 -37.51 28.21
C GLY J 107 -82.23 -38.30 29.50
N GLU J 108 -81.14 -38.27 30.28
CA GLU J 108 -80.90 -39.20 31.41
C GLU J 108 -81.87 -38.84 32.55
N LEU J 109 -82.02 -37.55 32.87
CA LEU J 109 -82.93 -37.05 33.93
C LEU J 109 -84.39 -37.40 33.65
N ALA J 110 -84.74 -37.62 32.38
CA ALA J 110 -86.11 -37.99 31.97
C ALA J 110 -86.28 -39.51 32.07
N LYS J 111 -85.38 -40.29 31.45
CA LYS J 111 -85.30 -41.77 31.62
C LYS J 111 -85.62 -42.12 33.08
N HIS J 112 -84.91 -41.45 33.99
CA HIS J 112 -84.93 -41.70 35.45
C HIS J 112 -86.26 -41.22 36.02
N ALA J 113 -86.64 -39.98 35.76
CA ALA J 113 -87.91 -39.39 36.28
C ALA J 113 -89.08 -40.26 35.86
N VAL J 114 -89.12 -40.67 34.59
CA VAL J 114 -90.13 -41.62 34.04
C VAL J 114 -90.12 -42.92 34.85
N SER J 115 -88.93 -43.47 35.10
CA SER J 115 -88.73 -44.72 35.88
C SER J 115 -89.32 -44.55 37.28
N GLU J 116 -88.81 -43.58 38.05
CA GLU J 116 -89.13 -43.44 39.51
C GLU J 116 -90.65 -43.26 39.61
N GLY J 117 -91.22 -42.48 38.69
CA GLY J 117 -92.65 -42.12 38.64
C GLY J 117 -93.53 -43.27 38.17
N THR J 118 -93.08 -44.05 37.21
CA THR J 118 -93.71 -45.34 36.82
C THR J 118 -93.65 -46.27 38.03
N LYS J 119 -92.48 -46.45 38.65
CA LYS J 119 -92.33 -47.27 39.88
C LYS J 119 -93.43 -46.89 40.86
N ALA J 120 -93.44 -45.62 41.31
CA ALA J 120 -94.34 -45.08 42.35
C ALA J 120 -95.80 -45.38 42.01
N VAL J 121 -96.18 -45.33 40.73
CA VAL J 121 -97.59 -45.55 40.30
C VAL J 121 -97.91 -47.03 40.48
N THR J 122 -97.14 -47.94 39.86
CA THR J 122 -97.30 -49.41 39.97
C THR J 122 -97.45 -49.83 41.45
N LYS J 123 -96.57 -49.32 42.33
CA LYS J 123 -96.64 -49.56 43.80
C LYS J 123 -98.04 -49.16 44.31
N TYR J 124 -98.29 -47.86 44.45
CA TYR J 124 -99.58 -47.24 44.88
C TYR J 124 -100.79 -48.06 44.40
N THR J 125 -100.79 -48.49 43.13
CA THR J 125 -101.88 -49.26 42.46
C THR J 125 -102.04 -50.63 43.12
N SER J 126 -100.93 -51.34 43.39
CA SER J 126 -100.92 -52.70 43.99
C SER J 126 -100.88 -52.62 45.53
N ALA J 127 -101.08 -51.41 46.09
CA ALA J 127 -101.46 -51.18 47.51
C ALA J 127 -102.99 -51.08 47.62
N LYS J 128 -103.66 -50.70 46.53
CA LYS J 128 -105.14 -50.59 46.37
C LYS J 128 -105.63 -49.26 46.98
N PRO K 41 61.62 -27.55 -14.99
CA PRO K 41 61.01 -26.26 -15.29
C PRO K 41 61.63 -25.01 -14.62
N HIS K 42 62.95 -24.98 -14.39
CA HIS K 42 63.68 -23.85 -13.74
C HIS K 42 63.52 -22.59 -14.60
N ARG K 43 62.73 -21.62 -14.13
CA ARG K 43 62.52 -20.26 -14.73
C ARG K 43 62.89 -19.20 -13.68
N TYR K 44 63.52 -18.10 -14.08
CA TYR K 44 63.76 -16.92 -13.21
C TYR K 44 62.92 -15.72 -13.64
N ARG K 45 62.78 -14.76 -12.73
CA ARG K 45 61.79 -13.67 -12.85
C ARG K 45 62.38 -12.56 -13.72
N PRO K 46 61.57 -11.95 -14.62
CA PRO K 46 62.04 -10.84 -15.44
C PRO K 46 63.03 -9.94 -14.67
N GLY K 47 64.32 -10.12 -14.93
CA GLY K 47 65.40 -9.22 -14.49
C GLY K 47 66.50 -9.91 -13.71
N THR K 48 66.40 -11.22 -13.45
CA THR K 48 67.40 -11.96 -12.62
C THR K 48 68.52 -12.55 -13.49
N VAL K 49 68.17 -13.03 -14.69
CA VAL K 49 69.17 -13.48 -15.71
C VAL K 49 69.92 -12.24 -16.23
N ALA K 50 69.22 -11.12 -16.49
CA ALA K 50 69.82 -9.80 -16.78
C ALA K 50 70.92 -9.53 -15.77
N LEU K 51 70.59 -9.47 -14.49
CA LEU K 51 71.56 -9.15 -13.42
C LEU K 51 72.75 -10.10 -13.52
N ARG K 52 72.54 -11.38 -13.86
CA ARG K 52 73.65 -12.34 -14.10
C ARG K 52 74.47 -11.94 -15.33
N GLU K 53 73.84 -11.89 -16.52
CA GLU K 53 74.45 -11.48 -17.82
C GLU K 53 75.29 -10.20 -17.64
N ILE K 54 74.80 -9.25 -16.84
CA ILE K 54 75.54 -8.00 -16.51
C ILE K 54 76.87 -8.42 -15.89
N ARG K 55 76.80 -9.23 -14.84
CA ARG K 55 78.00 -9.66 -14.04
C ARG K 55 78.96 -10.47 -14.92
N ARG K 56 78.45 -11.30 -15.82
CA ARG K 56 79.30 -12.09 -16.76
C ARG K 56 80.10 -11.15 -17.67
N TYR K 57 79.44 -10.18 -18.30
CA TYR K 57 80.00 -9.38 -19.42
C TYR K 57 80.82 -8.20 -18.86
N GLN K 58 80.45 -7.67 -17.69
CA GLN K 58 81.21 -6.61 -16.97
C GLN K 58 82.60 -7.15 -16.57
N LYS K 59 82.72 -8.46 -16.43
CA LYS K 59 83.94 -9.15 -15.94
C LYS K 59 84.89 -9.48 -17.10
N SER K 60 84.36 -9.88 -18.25
CA SER K 60 85.15 -10.27 -19.46
C SER K 60 85.59 -9.01 -20.22
N THR K 61 86.35 -9.18 -21.31
CA THR K 61 86.75 -8.09 -22.25
C THR K 61 86.57 -8.42 -23.73
N GLU K 62 86.08 -9.62 -24.10
CA GLU K 62 85.89 -10.03 -25.54
C GLU K 62 84.91 -9.05 -26.20
N LEU K 63 85.11 -8.80 -27.50
CA LEU K 63 84.18 -8.04 -28.36
C LEU K 63 82.87 -8.82 -28.48
N LEU K 64 81.74 -8.11 -28.42
CA LEU K 64 80.37 -8.68 -28.26
C LEU K 64 79.63 -8.68 -29.59
N ILE K 65 80.03 -7.83 -30.55
CA ILE K 65 79.50 -7.81 -31.95
C ILE K 65 80.18 -8.97 -32.71
N ARG K 66 79.43 -9.75 -33.48
CA ARG K 66 79.99 -10.77 -34.40
C ARG K 66 80.81 -9.98 -35.43
N LYS K 67 81.96 -10.48 -35.88
CA LYS K 67 83.00 -9.63 -36.51
C LYS K 67 82.73 -9.42 -38.01
N LEU K 68 82.28 -10.44 -38.73
CA LEU K 68 81.97 -10.32 -40.18
C LEU K 68 80.88 -9.27 -40.36
N PRO K 69 79.68 -9.44 -39.77
CA PRO K 69 78.61 -8.46 -39.96
C PRO K 69 79.27 -7.09 -39.87
N PHE K 70 79.99 -6.89 -38.76
CA PHE K 70 80.67 -5.62 -38.42
C PHE K 70 81.54 -5.21 -39.61
N GLN K 71 82.49 -6.06 -39.99
CA GLN K 71 83.47 -5.77 -41.08
C GLN K 71 82.71 -5.23 -42.31
N ARG K 72 81.69 -5.96 -42.75
CA ARG K 72 80.85 -5.61 -43.91
C ARG K 72 80.33 -4.17 -43.71
N LEU K 73 79.62 -3.94 -42.60
CA LEU K 73 79.01 -2.64 -42.25
C LEU K 73 80.01 -1.52 -42.55
N VAL K 74 81.26 -1.69 -42.13
CA VAL K 74 82.36 -0.69 -42.32
C VAL K 74 82.49 -0.41 -43.82
N ARG K 75 82.64 -1.47 -44.62
CA ARG K 75 82.88 -1.37 -46.08
C ARG K 75 81.67 -0.68 -46.72
N GLU K 76 80.46 -1.17 -46.38
CA GLU K 76 79.19 -0.50 -46.76
C GLU K 76 79.43 1.02 -46.61
N ILE K 77 79.89 1.45 -45.43
CA ILE K 77 79.96 2.88 -45.00
C ILE K 77 81.16 3.55 -45.68
N ALA K 78 82.19 2.78 -46.03
CA ALA K 78 83.41 3.27 -46.72
C ALA K 78 83.08 3.60 -48.17
N GLN K 79 82.29 2.73 -48.81
CA GLN K 79 81.75 2.94 -50.18
C GLN K 79 81.32 4.39 -50.28
N ASP K 80 80.36 4.79 -49.45
CA ASP K 80 79.81 6.18 -49.39
C ASP K 80 80.94 7.17 -49.74
N PHE K 81 82.14 7.00 -49.19
CA PHE K 81 83.23 8.03 -49.19
C PHE K 81 84.31 7.72 -50.23
N LYS K 82 84.55 6.45 -50.56
CA LYS K 82 85.37 6.08 -51.75
C LYS K 82 85.14 4.61 -52.13
N THR K 83 85.07 4.35 -53.44
CA THR K 83 84.78 3.03 -54.05
C THR K 83 86.06 2.19 -54.05
N ASP K 84 85.92 0.87 -53.96
CA ASP K 84 87.00 -0.14 -54.19
C ASP K 84 88.14 0.09 -53.17
N LEU K 85 87.80 0.26 -51.88
CA LEU K 85 88.76 0.52 -50.77
C LEU K 85 89.08 -0.79 -50.05
N ARG K 86 90.31 -0.95 -49.56
CA ARG K 86 90.76 -2.18 -48.84
C ARG K 86 91.21 -1.82 -47.42
N PHE K 87 91.02 -2.76 -46.49
CA PHE K 87 91.16 -2.57 -45.03
C PHE K 87 92.16 -3.58 -44.46
N GLN K 88 93.24 -3.08 -43.83
CA GLN K 88 94.05 -3.83 -42.83
C GLN K 88 93.13 -4.47 -41.76
N SER K 89 93.15 -5.81 -41.63
CA SER K 89 92.42 -6.60 -40.61
C SER K 89 92.45 -5.87 -39.25
N SER K 90 93.60 -5.27 -38.88
CA SER K 90 93.81 -4.56 -37.59
C SER K 90 93.03 -3.24 -37.52
N ALA K 91 93.02 -2.46 -38.60
CA ALA K 91 92.19 -1.23 -38.74
C ALA K 91 90.72 -1.55 -38.40
N VAL K 92 90.17 -2.63 -38.96
CA VAL K 92 88.75 -3.05 -38.69
C VAL K 92 88.56 -3.15 -37.16
N MET K 93 89.36 -4.02 -36.52
CA MET K 93 89.26 -4.40 -35.09
C MET K 93 89.44 -3.17 -34.20
N ALA K 94 90.36 -2.28 -34.59
CA ALA K 94 90.52 -0.95 -33.97
C ALA K 94 89.17 -0.21 -33.98
N LEU K 95 88.42 -0.25 -35.10
CA LEU K 95 87.08 0.37 -35.19
C LEU K 95 86.09 -0.39 -34.28
N GLN K 96 86.21 -1.71 -34.19
CA GLN K 96 85.28 -2.53 -33.36
C GLN K 96 85.52 -2.20 -31.90
N GLU K 97 86.79 -2.00 -31.53
CA GLU K 97 87.19 -1.63 -30.15
C GLU K 97 86.53 -0.31 -29.79
N ALA K 98 86.80 0.70 -30.60
CA ALA K 98 86.30 2.09 -30.43
C ALA K 98 84.77 2.05 -30.27
N CYS K 99 84.07 1.39 -31.21
CA CYS K 99 82.58 1.32 -31.28
C CYS K 99 82.02 0.67 -30.01
N GLU K 100 82.51 -0.53 -29.68
CA GLU K 100 82.00 -1.31 -28.53
C GLU K 100 82.27 -0.52 -27.25
N ALA K 101 83.38 0.21 -27.23
CA ALA K 101 83.72 1.16 -26.14
C ALA K 101 82.68 2.28 -26.10
N TYR K 102 82.42 2.90 -27.26
CA TYR K 102 81.50 4.07 -27.42
C TYR K 102 80.17 3.69 -26.80
N LEU K 103 79.58 2.62 -27.32
CA LEU K 103 78.20 2.15 -27.01
C LEU K 103 78.10 1.84 -25.52
N VAL K 104 79.02 0.99 -25.05
CA VAL K 104 79.01 0.55 -23.63
C VAL K 104 79.00 1.80 -22.76
N GLY K 105 79.82 2.80 -23.08
CA GLY K 105 79.85 4.05 -22.31
C GLY K 105 78.53 4.79 -22.41
N LEU K 106 78.01 4.94 -23.62
CA LEU K 106 76.66 5.52 -23.82
C LEU K 106 75.74 4.79 -22.84
N PHE K 107 75.70 3.46 -22.91
CA PHE K 107 74.72 2.64 -22.15
C PHE K 107 74.86 3.00 -20.68
N GLU K 108 76.07 3.24 -20.20
CA GLU K 108 76.31 3.62 -18.79
C GLU K 108 75.68 5.00 -18.53
N ASP K 109 75.78 5.92 -19.49
CA ASP K 109 75.17 7.28 -19.42
C ASP K 109 73.64 7.19 -19.64
N THR K 110 73.19 6.48 -20.67
CA THR K 110 71.76 6.19 -20.95
C THR K 110 71.08 5.76 -19.64
N ASN K 111 71.56 4.63 -19.09
CA ASN K 111 71.08 3.86 -17.92
C ASN K 111 70.87 4.75 -16.69
N LEU K 112 71.70 5.77 -16.52
CA LEU K 112 71.57 6.73 -15.39
C LEU K 112 70.41 7.69 -15.67
N CYS K 113 70.37 8.27 -16.87
CA CYS K 113 69.22 9.08 -17.36
C CYS K 113 67.91 8.34 -17.06
N ALA K 114 67.87 7.04 -17.34
CA ALA K 114 66.71 6.18 -17.06
C ALA K 114 66.39 6.28 -15.56
N ILE K 115 67.32 5.79 -14.75
CA ILE K 115 67.20 5.80 -13.27
C ILE K 115 66.84 7.22 -12.82
N HIS K 116 67.33 8.26 -13.50
CA HIS K 116 67.12 9.67 -13.08
C HIS K 116 65.62 9.95 -13.08
N ALA K 117 64.91 9.40 -14.08
CA ALA K 117 63.44 9.50 -14.29
C ALA K 117 62.72 8.36 -13.56
N LYS K 118 63.31 7.87 -12.47
CA LYS K 118 62.74 6.84 -11.53
C LYS K 118 62.34 5.59 -12.31
N ARG K 119 63.09 5.23 -13.36
CA ARG K 119 62.84 4.03 -14.22
C ARG K 119 64.01 3.05 -14.11
N VAL K 120 63.93 1.94 -14.83
CA VAL K 120 64.88 0.77 -14.77
C VAL K 120 65.04 0.16 -16.16
N THR K 121 64.26 0.67 -17.12
CA THR K 121 64.35 0.35 -18.55
C THR K 121 64.95 1.57 -19.25
N ILE K 122 65.86 1.33 -20.20
CA ILE K 122 66.43 2.42 -21.04
C ILE K 122 65.55 2.56 -22.28
N MET K 123 65.25 3.79 -22.68
CA MET K 123 64.35 4.11 -23.81
C MET K 123 65.02 5.15 -24.69
N PRO K 124 64.72 5.20 -26.01
CA PRO K 124 65.43 6.09 -26.90
C PRO K 124 65.68 7.42 -26.17
N LYS K 125 64.64 7.96 -25.54
CA LYS K 125 64.63 9.34 -24.97
C LYS K 125 65.78 9.47 -23.96
N ASP K 126 66.15 8.36 -23.29
CA ASP K 126 67.30 8.26 -22.35
C ASP K 126 68.62 8.57 -23.07
N ILE K 127 68.97 7.74 -24.06
CA ILE K 127 70.10 7.97 -25.00
C ILE K 127 70.07 9.42 -25.48
N GLN K 128 68.97 9.81 -26.13
CA GLN K 128 68.78 11.16 -26.73
C GLN K 128 69.26 12.20 -25.71
N LEU K 129 68.86 12.05 -24.44
CA LEU K 129 69.25 13.00 -23.37
C LEU K 129 70.75 12.97 -23.23
N ALA K 130 71.31 11.77 -23.09
CA ALA K 130 72.75 11.53 -22.88
C ALA K 130 73.54 12.30 -23.95
N ARG K 131 73.36 11.88 -25.21
CA ARG K 131 74.05 12.47 -26.40
C ARG K 131 73.88 14.00 -26.40
N ARG K 132 72.66 14.52 -26.19
CA ARG K 132 72.41 15.99 -26.15
C ARG K 132 73.35 16.58 -25.10
N ILE K 133 73.50 15.95 -23.94
CA ILE K 133 74.30 16.53 -22.83
C ILE K 133 75.79 16.35 -23.16
N ARG K 134 76.14 15.17 -23.66
CA ARG K 134 77.53 14.84 -24.10
C ARG K 134 78.00 15.83 -25.18
N GLY K 135 77.08 16.34 -26.00
CA GLY K 135 77.36 17.27 -27.10
C GLY K 135 77.51 16.54 -28.41
N GLU K 136 76.59 15.63 -28.71
CA GLU K 136 76.61 14.78 -29.92
C GLU K 136 75.51 15.23 -30.88
N ARG K 137 74.49 15.93 -30.38
CA ARG K 137 73.41 16.56 -31.18
C ARG K 137 72.88 17.80 -30.44
N ALA K 138 72.14 18.67 -31.13
CA ALA K 138 71.54 19.91 -30.55
C ALA K 138 70.29 19.54 -29.73
N ARG L 26 72.72 -4.09 -49.08
CA ARG L 26 72.64 -2.59 -48.97
C ARG L 26 72.00 -2.20 -47.63
N ASP L 27 71.85 -3.15 -46.70
CA ASP L 27 71.35 -2.95 -45.31
C ASP L 27 71.99 -4.03 -44.41
N ASN L 28 73.25 -3.79 -44.02
CA ASN L 28 74.06 -4.62 -43.10
C ASN L 28 73.83 -4.16 -41.67
N ILE L 29 73.59 -2.86 -41.47
CA ILE L 29 73.13 -2.24 -40.20
C ILE L 29 72.31 -3.28 -39.42
N GLN L 30 71.43 -4.00 -40.13
CA GLN L 30 70.48 -4.99 -39.57
C GLN L 30 71.22 -6.25 -39.14
N GLY L 31 72.48 -6.42 -39.58
CA GLY L 31 73.40 -7.46 -39.07
C GLY L 31 73.71 -7.26 -37.59
N ILE L 32 73.71 -6.01 -37.11
CA ILE L 32 73.99 -5.67 -35.67
C ILE L 32 72.78 -6.13 -34.86
N THR L 33 72.84 -7.35 -34.36
CA THR L 33 71.66 -8.17 -33.95
C THR L 33 71.16 -7.73 -32.58
N LYS L 34 69.84 -7.75 -32.38
CA LYS L 34 69.16 -7.39 -31.11
C LYS L 34 69.94 -8.00 -29.95
N PRO L 35 70.24 -9.32 -29.97
CA PRO L 35 70.99 -9.96 -28.89
C PRO L 35 72.42 -9.44 -28.69
N ALA L 36 73.05 -8.88 -29.72
CA ALA L 36 74.41 -8.28 -29.65
C ALA L 36 74.31 -6.92 -28.93
N ILE L 37 73.51 -5.99 -29.46
CA ILE L 37 73.25 -4.66 -28.81
C ILE L 37 72.93 -4.88 -27.32
N ARG L 38 72.23 -5.98 -26.98
CA ARG L 38 71.89 -6.37 -25.58
C ARG L 38 73.18 -6.65 -24.80
N ARG L 39 74.09 -7.42 -25.39
CA ARG L 39 75.39 -7.81 -24.76
C ARG L 39 76.16 -6.53 -24.40
N LEU L 40 76.20 -5.55 -25.32
CA LEU L 40 76.85 -4.25 -25.06
C LEU L 40 76.14 -3.57 -23.89
N ALA L 41 74.81 -3.49 -23.95
CA ALA L 41 74.03 -2.81 -22.89
C ALA L 41 74.28 -3.56 -21.58
N ARG L 42 74.42 -4.88 -21.63
CA ARG L 42 74.66 -5.71 -20.42
C ARG L 42 76.00 -5.29 -19.76
N ARG L 43 77.09 -5.24 -20.53
CA ARG L 43 78.42 -4.76 -20.06
C ARG L 43 78.30 -3.33 -19.56
N GLY L 44 77.41 -2.52 -20.15
CA GLY L 44 77.17 -1.11 -19.73
C GLY L 44 76.26 -1.01 -18.51
N GLY L 45 75.80 -2.13 -17.93
CA GLY L 45 75.09 -2.16 -16.64
C GLY L 45 73.58 -1.93 -16.76
N VAL L 46 73.05 -1.97 -17.97
CA VAL L 46 71.59 -1.86 -18.24
C VAL L 46 70.99 -3.22 -17.92
N LYS L 47 69.83 -3.22 -17.23
CA LYS L 47 69.09 -4.42 -16.76
C LYS L 47 67.84 -4.65 -17.63
N ARG L 48 67.20 -3.60 -18.16
CA ARG L 48 65.92 -3.70 -18.94
C ARG L 48 65.93 -2.76 -20.16
N ILE L 49 65.44 -3.25 -21.31
CA ILE L 49 65.66 -2.65 -22.67
C ILE L 49 64.35 -2.58 -23.50
N SER L 50 63.80 -1.37 -23.67
CA SER L 50 62.73 -1.06 -24.66
C SER L 50 63.09 -1.67 -26.03
N GLY L 51 62.09 -2.12 -26.78
CA GLY L 51 62.26 -2.53 -28.20
C GLY L 51 62.72 -1.37 -29.05
N LEU L 52 62.09 -0.20 -28.89
CA LEU L 52 62.38 1.05 -29.67
C LEU L 52 63.90 1.34 -29.66
N ILE L 53 64.68 0.64 -28.82
CA ILE L 53 66.12 0.92 -28.50
C ILE L 53 67.04 0.48 -29.63
N TYR L 54 67.07 -0.82 -29.90
CA TYR L 54 67.94 -1.50 -30.90
C TYR L 54 68.08 -0.65 -32.18
N GLU L 55 66.97 -0.19 -32.76
CA GLU L 55 67.03 0.68 -33.96
C GLU L 55 67.83 1.93 -33.56
N GLU L 56 67.36 2.70 -32.56
CA GLU L 56 67.98 3.99 -32.15
C GLU L 56 69.48 3.75 -32.05
N THR L 57 69.86 2.62 -31.46
CA THR L 57 71.27 2.17 -31.24
C THR L 57 71.98 2.04 -32.58
N ARG L 58 71.66 1.00 -33.34
CA ARG L 58 72.08 0.83 -34.76
C ARG L 58 72.22 2.22 -35.38
N GLY L 59 71.26 3.09 -35.13
CA GLY L 59 71.24 4.45 -35.70
C GLY L 59 72.49 5.18 -35.29
N VAL L 60 72.73 5.25 -33.99
CA VAL L 60 73.86 5.98 -33.35
C VAL L 60 75.17 5.35 -33.87
N LEU L 61 75.30 4.03 -33.76
CA LEU L 61 76.48 3.29 -34.26
C LEU L 61 76.81 3.75 -35.69
N LYS L 62 75.82 3.71 -36.59
CA LYS L 62 75.93 4.20 -37.99
C LYS L 62 76.68 5.55 -37.94
N VAL L 63 76.11 6.56 -37.27
CA VAL L 63 76.65 7.95 -37.30
C VAL L 63 78.12 7.87 -36.87
N PHE L 64 78.38 7.12 -35.81
CA PHE L 64 79.72 6.99 -35.14
C PHE L 64 80.72 6.36 -36.11
N LEU L 65 80.35 5.26 -36.76
CA LEU L 65 81.23 4.60 -37.75
C LEU L 65 81.45 5.54 -38.91
N GLU L 66 80.35 6.01 -39.52
CA GLU L 66 80.33 7.01 -40.61
C GLU L 66 81.33 8.13 -40.30
N ASN L 67 81.12 8.80 -39.16
CA ASN L 67 81.93 9.95 -38.66
C ASN L 67 83.42 9.64 -38.74
N VAL L 68 83.81 8.50 -38.16
CA VAL L 68 85.21 8.07 -37.91
C VAL L 68 85.84 7.69 -39.24
N ILE L 69 85.19 6.80 -39.99
CA ILE L 69 85.71 6.26 -41.27
C ILE L 69 85.90 7.41 -42.26
N ARG L 70 84.94 8.35 -42.32
CA ARG L 70 85.09 9.57 -43.15
C ARG L 70 86.52 10.05 -42.92
N ASP L 71 86.80 10.49 -41.69
CA ASP L 71 88.09 11.10 -41.25
C ASP L 71 89.22 10.09 -41.48
N ALA L 72 88.93 8.80 -41.30
CA ALA L 72 89.88 7.69 -41.52
C ALA L 72 90.37 7.73 -42.97
N VAL L 73 89.48 7.35 -43.88
CA VAL L 73 89.68 7.33 -45.36
C VAL L 73 90.37 8.62 -45.82
N THR L 74 89.98 9.79 -45.30
CA THR L 74 90.62 11.08 -45.62
C THR L 74 92.13 10.96 -45.37
N TYR L 75 92.51 10.35 -44.23
CA TYR L 75 93.92 10.04 -43.88
C TYR L 75 94.48 9.11 -44.95
N THR L 76 93.73 8.07 -45.30
CA THR L 76 94.06 7.08 -46.36
C THR L 76 94.27 7.81 -47.70
N GLU L 77 93.28 8.62 -48.13
CA GLU L 77 93.32 9.35 -49.42
C GLU L 77 94.55 10.26 -49.42
N HIS L 78 94.76 11.09 -48.41
CA HIS L 78 95.91 12.04 -48.36
C HIS L 78 97.26 11.30 -48.48
N ALA L 79 97.30 10.01 -48.15
CA ALA L 79 98.52 9.16 -48.26
C ALA L 79 98.43 8.31 -49.53
N LYS L 80 97.71 8.78 -50.55
CA LYS L 80 97.51 8.09 -51.85
C LYS L 80 97.59 6.55 -51.67
N ARG L 81 96.84 5.98 -50.72
CA ARG L 81 96.77 4.51 -50.53
C ARG L 81 95.34 4.02 -50.83
N LYS L 82 95.21 2.84 -51.43
CA LYS L 82 93.88 2.21 -51.70
C LYS L 82 93.58 1.22 -50.54
N THR L 83 94.45 1.17 -49.53
CA THR L 83 94.21 0.38 -48.28
C THR L 83 94.17 1.30 -47.06
N VAL L 84 93.06 1.29 -46.32
CA VAL L 84 92.91 2.02 -45.03
C VAL L 84 93.71 1.24 -43.99
N THR L 85 94.56 1.93 -43.23
CA THR L 85 95.47 1.32 -42.23
C THR L 85 95.00 1.61 -40.80
N ALA L 86 95.34 0.72 -39.87
CA ALA L 86 94.98 0.83 -38.43
C ALA L 86 95.31 2.25 -37.93
N MET L 87 96.44 2.80 -38.39
CA MET L 87 96.91 4.17 -38.02
C MET L 87 95.94 5.23 -38.55
N ASP L 88 95.44 5.09 -39.79
CA ASP L 88 94.35 5.94 -40.32
C ASP L 88 93.26 5.95 -39.26
N VAL L 89 92.77 4.76 -38.90
CA VAL L 89 91.65 4.63 -37.95
C VAL L 89 92.02 5.33 -36.62
N VAL L 90 93.30 5.32 -36.22
CA VAL L 90 93.77 5.88 -34.90
C VAL L 90 93.77 7.41 -35.01
N TYR L 91 94.50 7.95 -35.98
CA TYR L 91 94.61 9.42 -36.18
C TYR L 91 93.20 10.01 -36.16
N ALA L 92 92.24 9.23 -36.68
CA ALA L 92 90.83 9.63 -36.74
C ALA L 92 90.25 9.59 -35.32
N LEU L 93 90.20 8.42 -34.71
CA LEU L 93 89.65 8.28 -33.33
C LEU L 93 90.22 9.42 -32.48
N LYS L 94 91.51 9.70 -32.62
CA LYS L 94 92.15 10.79 -31.85
C LYS L 94 91.47 12.12 -32.23
N ARG L 95 91.39 12.46 -33.52
CA ARG L 95 90.76 13.72 -34.00
C ARG L 95 89.42 13.87 -33.26
N GLN L 96 88.58 12.84 -33.30
CA GLN L 96 87.21 12.83 -32.72
C GLN L 96 87.26 12.90 -31.18
N GLY L 97 88.45 13.04 -30.60
CA GLY L 97 88.69 12.97 -29.13
C GLY L 97 88.34 11.61 -28.55
N ARG L 98 88.28 10.56 -29.36
CA ARG L 98 87.85 9.19 -28.96
C ARG L 98 89.08 8.26 -28.95
N THR L 99 90.21 8.80 -28.43
CA THR L 99 91.63 8.29 -28.48
C THR L 99 91.75 6.82 -28.06
N LEU L 100 92.49 6.02 -28.82
CA LEU L 100 92.54 4.54 -28.63
C LEU L 100 93.98 4.07 -28.45
N TYR L 101 94.20 3.18 -27.47
CA TYR L 101 95.51 2.55 -27.14
C TYR L 101 95.56 1.10 -27.65
N GLY L 102 96.68 0.77 -28.30
CA GLY L 102 97.12 -0.62 -28.55
C GLY L 102 97.04 -1.00 -30.01
N PHE L 103 97.08 -0.02 -30.92
CA PHE L 103 97.04 -0.26 -32.39
C PHE L 103 98.12 0.58 -33.09
N GLY L 104 99.00 1.23 -32.32
CA GLY L 104 100.18 1.95 -32.81
C GLY L 104 100.21 3.38 -32.34
N GLY L 105 99.43 3.71 -31.29
CA GLY L 105 99.23 5.09 -30.79
C GLY L 105 100.47 5.95 -30.98
N ALA M 15 111.45 45.65 -60.12
CA ALA M 15 111.36 46.82 -59.18
C ALA M 15 109.93 46.94 -58.61
N LYS M 16 108.87 46.72 -59.41
CA LYS M 16 107.46 46.90 -58.95
C LYS M 16 106.95 45.62 -58.30
N ALA M 17 106.65 45.66 -57.00
CA ALA M 17 106.32 44.48 -56.14
C ALA M 17 104.81 44.41 -55.85
N LYS M 18 104.09 43.55 -56.58
CA LYS M 18 102.65 43.27 -56.34
C LYS M 18 102.55 42.32 -55.14
N THR M 19 101.68 42.62 -54.17
CA THR M 19 101.49 41.82 -52.93
C THR M 19 100.71 40.53 -53.24
N ARG M 20 101.33 39.38 -52.98
CA ARG M 20 100.78 38.04 -53.26
C ARG M 20 99.27 37.99 -53.06
N SER M 21 98.76 38.56 -51.96
CA SER M 21 97.31 38.62 -51.65
C SER M 21 96.55 39.08 -52.90
N SER M 22 97.06 40.12 -53.58
CA SER M 22 96.57 40.63 -54.88
C SER M 22 96.66 39.55 -55.98
N ARG M 23 97.76 38.80 -56.07
CA ARG M 23 97.97 37.76 -57.10
C ARG M 23 96.96 36.62 -56.91
N ALA M 24 96.32 36.53 -55.75
CA ALA M 24 95.31 35.48 -55.43
C ALA M 24 93.89 36.07 -55.44
N GLY M 25 93.81 37.40 -55.50
CA GLY M 25 92.58 38.18 -55.30
C GLY M 25 91.97 37.88 -53.95
N LEU M 26 92.81 37.88 -52.93
CA LEU M 26 92.42 37.66 -51.51
C LEU M 26 92.63 38.99 -50.80
N GLN M 27 91.75 39.34 -49.87
CA GLN M 27 91.96 40.50 -48.97
C GLN M 27 92.82 40.08 -47.77
N PHE M 28 92.87 38.78 -47.46
CA PHE M 28 93.65 38.22 -46.32
C PHE M 28 95.11 38.13 -46.71
N PRO M 29 96.05 38.53 -45.81
CA PRO M 29 97.46 38.70 -46.16
C PRO M 29 98.21 37.37 -46.27
N VAL M 30 98.33 36.85 -47.51
CA VAL M 30 98.99 35.56 -47.85
C VAL M 30 100.45 35.61 -47.38
N GLY M 31 101.03 36.81 -47.35
CA GLY M 31 102.39 37.05 -46.81
C GLY M 31 102.47 36.71 -45.34
N ARG M 32 101.71 37.43 -44.52
CA ARG M 32 101.67 37.28 -43.04
C ARG M 32 101.27 35.85 -42.65
N VAL M 33 100.41 35.20 -43.42
CA VAL M 33 100.10 33.76 -43.23
C VAL M 33 101.36 32.91 -43.44
N HIS M 34 102.13 33.13 -44.52
CA HIS M 34 103.38 32.37 -44.83
C HIS M 34 104.37 32.49 -43.66
N ARG M 35 104.59 33.70 -43.16
CA ARG M 35 105.52 33.97 -42.04
C ARG M 35 105.02 33.23 -40.78
N LEU M 36 103.80 33.52 -40.34
CA LEU M 36 103.15 32.92 -39.15
C LEU M 36 103.34 31.41 -39.17
N LEU M 37 103.18 30.77 -40.33
CA LEU M 37 103.35 29.30 -40.51
C LEU M 37 104.80 28.87 -40.22
N ARG M 38 105.77 29.52 -40.88
CA ARG M 38 107.22 29.16 -40.78
C ARG M 38 107.71 29.39 -39.34
N LYS M 39 107.27 30.50 -38.71
CA LYS M 39 107.57 30.89 -37.31
C LYS M 39 106.59 30.21 -36.33
N GLY M 40 105.64 29.42 -36.84
CA GLY M 40 104.68 28.71 -35.98
C GLY M 40 105.27 27.44 -35.43
N ASN M 41 106.29 26.89 -36.10
CA ASN M 41 106.85 25.56 -35.77
C ASN M 41 105.85 24.50 -36.21
N TYR M 42 105.08 24.75 -37.28
CA TYR M 42 104.12 23.76 -37.81
C TYR M 42 104.91 22.72 -38.60
N SER M 43 105.88 23.17 -39.41
CA SER M 43 106.81 22.32 -40.21
C SER M 43 108.14 23.01 -40.44
N GLU M 44 109.09 22.23 -40.92
CA GLU M 44 110.42 22.64 -41.45
C GLU M 44 110.22 23.48 -42.73
N ARG M 45 109.41 22.98 -43.66
CA ARG M 45 109.21 23.60 -44.99
C ARG M 45 107.72 23.77 -45.28
N VAL M 46 107.35 25.00 -45.66
CA VAL M 46 106.00 25.44 -46.14
C VAL M 46 106.09 25.61 -47.66
N GLY M 47 105.38 24.80 -48.45
CA GLY M 47 105.05 25.13 -49.86
C GLY M 47 104.58 26.58 -50.00
N ALA M 48 104.50 27.14 -51.22
CA ALA M 48 104.20 28.58 -51.45
C ALA M 48 102.72 28.79 -51.78
N GLY M 49 102.02 27.73 -52.23
CA GLY M 49 100.56 27.69 -52.37
C GLY M 49 99.85 27.65 -51.01
N ALA M 50 100.41 26.92 -50.05
CA ALA M 50 99.80 26.70 -48.71
C ALA M 50 99.26 28.01 -48.14
N PRO M 51 100.05 29.10 -48.00
CA PRO M 51 99.55 30.30 -47.32
C PRO M 51 98.36 30.86 -48.09
N VAL M 52 98.50 31.03 -49.42
CA VAL M 52 97.38 31.34 -50.34
C VAL M 52 96.17 30.51 -49.90
N TYR M 53 96.26 29.18 -50.06
CA TYR M 53 95.13 28.24 -49.77
C TYR M 53 94.56 28.61 -48.40
N LEU M 54 95.41 28.94 -47.43
CA LEU M 54 94.93 29.12 -46.04
C LEU M 54 94.28 30.51 -45.89
N ALA M 55 94.96 31.60 -46.24
CA ALA M 55 94.38 32.98 -46.27
C ALA M 55 93.03 32.98 -46.99
N ALA M 56 92.93 32.21 -48.09
CA ALA M 56 91.68 31.97 -48.84
C ALA M 56 90.59 31.45 -47.89
N VAL M 57 90.80 30.24 -47.38
CA VAL M 57 89.87 29.55 -46.44
C VAL M 57 89.57 30.51 -45.28
N LEU M 58 90.55 31.29 -44.82
CA LEU M 58 90.34 32.19 -43.66
C LEU M 58 89.37 33.30 -44.05
N GLU M 59 89.73 34.11 -45.05
CA GLU M 59 88.83 35.10 -45.70
C GLU M 59 87.42 34.49 -45.77
N TYR M 60 87.28 33.32 -46.42
CA TYR M 60 85.97 32.72 -46.76
C TYR M 60 85.08 32.61 -45.52
N LEU M 61 85.57 31.97 -44.46
CA LEU M 61 84.79 31.71 -43.22
C LEU M 61 84.57 33.05 -42.53
N THR M 62 85.49 34.00 -42.71
CA THR M 62 85.35 35.39 -42.18
C THR M 62 84.10 36.04 -42.80
N ALA M 63 83.94 35.95 -44.13
CA ALA M 63 82.74 36.44 -44.86
C ALA M 63 81.51 35.67 -44.42
N GLU M 64 81.58 34.34 -44.46
CA GLU M 64 80.43 33.45 -44.15
C GLU M 64 79.80 33.90 -42.83
N ILE M 65 80.60 34.24 -41.81
CA ILE M 65 80.08 34.75 -40.51
C ILE M 65 79.60 36.20 -40.68
N LEU M 66 80.44 37.06 -41.28
CA LEU M 66 80.14 38.52 -41.47
C LEU M 66 78.90 38.71 -42.37
N GLU M 67 78.62 37.77 -43.27
CA GLU M 67 77.34 37.71 -44.01
C GLU M 67 76.22 37.67 -42.96
N LEU M 68 75.88 36.48 -42.48
CA LEU M 68 74.79 36.16 -41.51
C LEU M 68 74.73 37.13 -40.32
N ALA M 69 75.87 37.58 -39.79
CA ALA M 69 75.91 38.61 -38.71
C ALA M 69 75.40 39.94 -39.28
N GLY M 70 76.07 40.44 -40.32
CA GLY M 70 75.67 41.65 -41.07
C GLY M 70 74.18 41.75 -41.20
N ASN M 71 73.52 40.61 -41.40
CA ASN M 71 72.04 40.50 -41.45
C ASN M 71 71.54 40.75 -40.03
N ALA M 72 71.79 39.82 -39.10
CA ALA M 72 71.39 39.90 -37.67
C ALA M 72 71.40 41.35 -37.17
N ALA M 73 72.36 42.17 -37.63
CA ALA M 73 72.50 43.60 -37.31
C ALA M 73 71.33 44.44 -37.89
N ARG M 74 71.07 44.29 -39.19
CA ARG M 74 69.91 44.92 -39.88
C ARG M 74 68.61 44.52 -39.16
N ASP M 75 68.31 43.22 -39.08
CA ASP M 75 67.16 42.67 -38.32
C ASP M 75 66.92 43.42 -37.01
N ASN M 76 67.98 43.84 -36.29
CA ASN M 76 67.86 44.55 -34.99
C ASN M 76 67.84 46.06 -35.22
N LYS M 77 67.88 46.47 -36.50
CA LYS M 77 67.98 47.89 -36.98
C LYS M 77 69.24 48.52 -36.41
N LYS M 78 70.37 47.81 -36.52
CA LYS M 78 71.70 48.28 -36.04
C LYS M 78 72.65 48.37 -37.22
N THR M 79 73.37 49.49 -37.33
CA THR M 79 74.45 49.69 -38.32
C THR M 79 75.62 48.77 -37.93
N ARG M 80 76.29 49.05 -36.82
CA ARG M 80 77.53 48.36 -36.40
C ARG M 80 77.14 46.99 -35.81
N ILE M 81 77.86 45.93 -36.23
CA ILE M 81 77.75 44.54 -35.69
C ILE M 81 78.33 44.51 -34.27
N ILE M 82 77.54 43.99 -33.33
CA ILE M 82 78.02 43.71 -31.95
C ILE M 82 78.17 42.20 -31.78
N PRO M 83 78.99 41.72 -30.82
CA PRO M 83 79.16 40.29 -30.59
C PRO M 83 77.87 39.48 -30.74
N ARG M 84 76.78 39.96 -30.14
CA ARG M 84 75.52 39.16 -30.06
C ARG M 84 75.00 38.85 -31.47
N HIS M 85 75.14 39.77 -32.43
CA HIS M 85 74.78 39.49 -33.85
C HIS M 85 75.57 38.25 -34.27
N LEU M 86 76.89 38.26 -34.04
CA LEU M 86 77.82 37.12 -34.30
C LEU M 86 77.27 35.86 -33.64
N GLN M 87 76.86 35.97 -32.37
CA GLN M 87 76.31 34.83 -31.61
C GLN M 87 75.05 34.32 -32.32
N LEU M 88 74.13 35.23 -32.65
CA LEU M 88 72.89 34.91 -33.37
C LEU M 88 73.26 34.22 -34.69
N ALA M 89 74.16 34.86 -35.45
CA ALA M 89 74.63 34.36 -36.77
C ALA M 89 75.09 32.91 -36.61
N ILE M 90 76.07 32.69 -35.74
CA ILE M 90 76.85 31.41 -35.64
C ILE M 90 75.94 30.30 -35.14
N ARG M 91 75.15 30.58 -34.10
CA ARG M 91 74.34 29.59 -33.35
C ARG M 91 73.16 29.14 -34.21
N ASN M 92 72.62 30.03 -35.05
CA ASN M 92 71.41 29.72 -35.85
C ASN M 92 71.78 28.93 -37.10
N ASP M 93 72.85 29.31 -37.82
CA ASP M 93 73.43 28.51 -38.93
C ASP M 93 73.98 27.23 -38.32
N GLU M 94 73.59 26.06 -38.86
CA GLU M 94 73.88 24.74 -38.23
C GLU M 94 75.37 24.44 -38.28
N GLU M 95 76.01 24.67 -39.42
CA GLU M 95 77.42 24.23 -39.67
C GLU M 95 78.39 25.09 -38.85
N LEU M 96 78.37 26.42 -39.00
CA LEU M 96 79.18 27.37 -38.18
C LEU M 96 79.11 27.00 -36.69
N ASN M 97 77.90 26.65 -36.20
CA ASN M 97 77.63 26.26 -34.79
C ASN M 97 78.39 24.97 -34.46
N LYS M 98 78.36 23.98 -35.35
CA LYS M 98 79.17 22.75 -35.18
C LYS M 98 80.65 23.15 -35.10
N LEU M 99 81.10 24.05 -35.96
CA LEU M 99 82.52 24.46 -36.01
C LEU M 99 82.89 25.16 -34.70
N LEU M 100 82.03 26.02 -34.17
CA LEU M 100 82.34 26.70 -32.90
C LEU M 100 81.49 26.06 -31.79
N GLY M 101 81.48 24.73 -31.78
CA GLY M 101 80.89 23.88 -30.71
C GLY M 101 81.44 24.22 -29.33
N ARG M 102 82.76 24.35 -29.17
CA ARG M 102 83.44 24.48 -27.85
C ARG M 102 83.94 25.91 -27.64
N VAL M 103 83.41 26.86 -28.40
CA VAL M 103 83.86 28.28 -28.37
C VAL M 103 82.84 29.11 -27.60
N THR M 104 83.32 29.96 -26.71
CA THR M 104 82.48 30.87 -25.91
C THR M 104 82.66 32.29 -26.46
N ILE M 105 81.56 33.00 -26.69
CA ILE M 105 81.55 34.31 -27.39
C ILE M 105 81.21 35.40 -26.38
N ALA M 106 82.20 36.22 -26.04
CA ALA M 106 82.05 37.37 -25.12
C ALA M 106 80.83 38.18 -25.54
N GLN M 107 80.10 38.69 -24.54
CA GLN M 107 78.92 39.58 -24.66
C GLN M 107 78.01 39.06 -25.77
N GLY M 108 77.87 37.74 -25.83
CA GLY M 108 77.17 37.01 -26.90
C GLY M 108 75.77 36.57 -26.51
N GLY M 109 75.47 36.46 -25.21
CA GLY M 109 74.20 35.87 -24.74
C GLY M 109 73.90 34.55 -25.43
N VAL M 110 72.67 34.05 -25.30
CA VAL M 110 72.25 32.73 -25.85
C VAL M 110 71.10 32.94 -26.84
N LEU M 111 70.76 31.91 -27.62
CA LEU M 111 69.53 31.89 -28.45
C LEU M 111 68.32 31.89 -27.54
N PRO M 112 67.35 32.81 -27.77
CA PRO M 112 66.06 32.72 -27.10
C PRO M 112 65.54 31.30 -27.31
N ASN M 113 65.29 30.60 -26.22
CA ASN M 113 64.72 29.23 -26.26
C ASN M 113 64.14 28.93 -24.89
N ILE M 114 62.83 28.68 -24.84
CA ILE M 114 62.08 28.22 -23.62
C ILE M 114 61.49 26.84 -23.94
N GLN M 115 61.74 25.86 -23.06
CA GLN M 115 61.33 24.45 -23.24
C GLN M 115 59.81 24.38 -23.13
N ALA M 116 59.16 23.62 -24.02
CA ALA M 116 57.71 23.67 -24.29
C ALA M 116 56.90 23.48 -22.99
N VAL M 117 57.23 22.44 -22.25
CA VAL M 117 56.45 22.01 -21.06
C VAL M 117 56.40 23.15 -20.03
N LEU M 118 57.34 24.09 -20.08
CA LEU M 118 57.39 25.19 -19.07
C LEU M 118 56.36 26.27 -19.41
N LEU M 119 56.01 26.45 -20.69
CA LEU M 119 55.09 27.53 -21.16
C LEU M 119 53.70 27.29 -20.59
N PRO M 120 52.89 28.36 -20.34
CA PRO M 120 51.62 28.21 -19.61
C PRO M 120 50.57 27.49 -20.47
N LYS M 121 49.36 27.28 -19.96
CA LYS M 121 48.38 26.29 -20.50
C LYS M 121 47.17 26.96 -21.17
N LYS M 122 47.36 27.58 -22.35
CA LYS M 122 46.27 28.10 -23.23
C LYS M 122 46.15 27.19 -24.46
N LYS N 33 106.95 55.71 -28.74
CA LYS N 33 105.46 55.76 -28.63
C LYS N 33 104.98 54.54 -27.84
N ARG N 34 104.98 53.36 -28.47
CA ARG N 34 104.45 52.07 -27.93
C ARG N 34 104.86 50.94 -28.88
N SER N 35 104.99 49.71 -28.37
CA SER N 35 105.27 48.50 -29.18
C SER N 35 104.08 48.24 -30.11
N ARG N 36 104.27 47.37 -31.11
CA ARG N 36 103.35 47.18 -32.27
C ARG N 36 102.70 45.79 -32.22
N LYS N 37 101.43 45.73 -31.77
CA LYS N 37 100.57 44.51 -31.78
C LYS N 37 99.91 44.38 -33.16
N GLU N 38 100.18 43.30 -33.86
CA GLU N 38 99.53 42.98 -35.17
C GLU N 38 98.11 42.50 -34.87
N SER N 39 97.30 42.26 -35.91
CA SER N 39 95.89 41.79 -35.79
C SER N 39 95.42 41.09 -37.08
N TYR N 40 94.10 41.12 -37.31
CA TYR N 40 93.46 40.78 -38.60
C TYR N 40 92.38 41.82 -38.95
N SER N 41 92.21 42.83 -38.09
CA SER N 41 90.99 43.68 -38.03
C SER N 41 90.82 44.43 -39.34
N ILE N 42 91.92 44.87 -39.97
CA ILE N 42 91.92 45.62 -41.27
C ILE N 42 91.42 44.70 -42.38
N TYR N 43 91.76 43.41 -42.34
CA TYR N 43 91.37 42.40 -43.35
C TYR N 43 89.91 41.96 -43.11
N VAL N 44 89.45 42.05 -41.85
CA VAL N 44 88.01 41.85 -41.53
C VAL N 44 87.24 43.03 -42.10
N TYR N 45 87.59 44.29 -41.77
CA TYR N 45 86.96 45.51 -42.37
C TYR N 45 86.80 45.30 -43.87
N LYS N 46 87.90 45.16 -44.60
CA LYS N 46 87.86 45.05 -46.08
C LYS N 46 86.76 44.02 -46.46
N VAL N 47 86.76 42.84 -45.85
CA VAL N 47 85.81 41.73 -46.16
C VAL N 47 84.38 42.13 -45.75
N LEU N 48 84.25 42.99 -44.74
CA LEU N 48 82.92 43.42 -44.21
C LEU N 48 82.33 44.35 -45.26
N LYS N 49 83.16 45.26 -45.77
CA LYS N 49 82.76 46.29 -46.77
C LYS N 49 82.47 45.62 -48.12
N GLN N 50 83.04 44.45 -48.37
CA GLN N 50 82.79 43.68 -49.61
C GLN N 50 81.42 43.01 -49.53
N VAL N 51 80.92 42.80 -48.31
CA VAL N 51 79.87 41.78 -48.02
C VAL N 51 78.60 42.49 -47.56
N HIS N 52 78.79 43.58 -46.80
CA HIS N 52 77.76 44.51 -46.24
C HIS N 52 78.34 45.94 -46.24
N PRO N 53 78.38 46.60 -47.41
CA PRO N 53 79.02 47.92 -47.51
C PRO N 53 78.46 49.03 -46.62
N ASP N 54 77.30 48.80 -45.97
CA ASP N 54 76.58 49.85 -45.17
C ASP N 54 76.64 49.55 -43.67
N THR N 55 77.58 48.71 -43.23
CA THR N 55 77.60 48.08 -41.88
C THR N 55 78.94 48.32 -41.22
N GLY N 56 78.91 48.67 -39.93
CA GLY N 56 80.09 48.80 -39.06
C GLY N 56 80.33 47.55 -38.23
N ILE N 57 81.22 47.64 -37.25
CA ILE N 57 81.54 46.51 -36.33
C ILE N 57 82.20 47.06 -35.07
N SER N 58 81.56 46.81 -33.91
CA SER N 58 81.99 47.22 -32.55
C SER N 58 83.36 46.59 -32.27
N SER N 59 84.24 47.31 -31.55
CA SER N 59 85.53 46.80 -31.05
C SER N 59 85.36 45.36 -30.54
N LYS N 60 84.49 45.19 -29.55
CA LYS N 60 84.28 43.90 -28.85
C LYS N 60 84.07 42.79 -29.88
N ALA N 61 83.32 43.06 -30.94
CA ALA N 61 83.01 42.03 -31.95
C ALA N 61 84.26 41.86 -32.81
N MET N 62 84.94 42.95 -33.14
CA MET N 62 86.16 42.89 -34.00
C MET N 62 87.18 42.01 -33.28
N GLY N 63 87.25 42.13 -31.95
CA GLY N 63 87.97 41.16 -31.12
C GLY N 63 87.54 39.75 -31.46
N ILE N 64 86.25 39.46 -31.28
CA ILE N 64 85.68 38.11 -31.49
C ILE N 64 86.00 37.58 -32.89
N MET N 65 86.00 38.44 -33.90
CA MET N 65 86.37 38.00 -35.27
C MET N 65 87.87 37.62 -35.26
N ASN N 66 88.71 38.46 -34.65
CA ASN N 66 90.17 38.22 -34.54
C ASN N 66 90.36 36.81 -33.95
N SER N 67 89.86 36.59 -32.73
CA SER N 67 89.93 35.31 -31.98
C SER N 67 89.63 34.16 -32.95
N PHE N 68 88.44 34.23 -33.55
CA PHE N 68 87.94 33.28 -34.58
C PHE N 68 89.05 32.96 -35.60
N VAL N 69 89.52 33.97 -36.35
CA VAL N 69 90.59 33.75 -37.38
C VAL N 69 91.68 32.90 -36.73
N ASN N 70 92.20 33.43 -35.60
CA ASN N 70 93.39 32.92 -34.91
C ASN N 70 93.10 31.46 -34.59
N ASP N 71 91.94 31.20 -33.99
CA ASP N 71 91.53 29.83 -33.61
C ASP N 71 91.61 28.97 -34.88
N ILE N 72 90.97 29.37 -35.96
CA ILE N 72 90.87 28.50 -37.17
C ILE N 72 92.18 28.55 -37.94
N PHE N 73 93.07 29.50 -37.68
CA PHE N 73 94.45 29.38 -38.20
C PHE N 73 95.10 28.14 -37.58
N GLU N 74 95.29 28.20 -36.24
CA GLU N 74 96.01 27.19 -35.40
C GLU N 74 95.46 25.80 -35.65
N ARG N 75 94.18 25.69 -35.94
CA ARG N 75 93.50 24.38 -36.10
C ARG N 75 93.89 23.75 -37.43
N ILE N 76 93.94 24.54 -38.50
CA ILE N 76 94.26 24.08 -39.88
C ILE N 76 95.77 23.87 -39.97
N ALA N 77 96.56 24.76 -39.37
CA ALA N 77 98.03 24.64 -39.33
C ALA N 77 98.38 23.37 -38.55
N GLY N 78 97.88 23.24 -37.32
CA GLY N 78 97.98 22.03 -36.49
C GLY N 78 97.74 20.77 -37.33
N GLU N 79 96.51 20.54 -37.76
CA GLU N 79 96.18 19.29 -38.48
C GLU N 79 97.06 19.21 -39.72
N ALA N 80 97.39 20.35 -40.32
CA ALA N 80 98.23 20.32 -41.55
C ALA N 80 99.51 19.59 -41.15
N SER N 81 100.21 20.17 -40.18
CA SER N 81 101.45 19.66 -39.54
C SER N 81 101.34 18.17 -39.20
N ARG N 82 100.34 17.78 -38.39
CA ARG N 82 100.09 16.37 -38.05
C ARG N 82 100.08 15.52 -39.33
N LEU N 83 99.38 15.96 -40.36
CA LEU N 83 99.31 15.26 -41.67
C LEU N 83 100.71 15.06 -42.26
N ALA N 84 101.52 16.11 -42.23
CA ALA N 84 102.88 16.10 -42.82
C ALA N 84 103.72 15.04 -42.09
N HIS N 85 103.91 15.26 -40.79
CA HIS N 85 104.56 14.33 -39.83
C HIS N 85 104.07 12.90 -40.11
N TYR N 86 102.78 12.60 -39.94
CA TYR N 86 102.21 11.23 -40.11
C TYR N 86 102.73 10.59 -41.40
N ASN N 87 103.03 11.38 -42.44
CA ASN N 87 103.38 10.87 -43.80
C ASN N 87 104.85 11.12 -44.10
N LYS N 88 105.58 11.68 -43.13
CA LYS N 88 107.06 11.78 -43.11
C LYS N 88 107.52 12.94 -44.02
N ARG N 89 106.58 13.74 -44.55
CA ARG N 89 106.87 14.97 -45.34
C ARG N 89 107.39 16.06 -44.40
N SER N 90 108.37 16.85 -44.84
CA SER N 90 108.93 18.01 -44.11
C SER N 90 108.28 19.29 -44.61
N THR N 91 107.48 19.16 -45.68
CA THR N 91 106.82 20.31 -46.38
C THR N 91 105.30 20.21 -46.16
N ILE N 92 104.72 21.27 -45.59
CA ILE N 92 103.25 21.53 -45.62
C ILE N 92 102.95 22.22 -46.95
N THR N 93 102.33 21.47 -47.87
CA THR N 93 101.80 21.97 -49.17
C THR N 93 100.32 22.38 -49.03
N SER N 94 99.85 23.22 -49.94
CA SER N 94 98.41 23.42 -50.24
C SER N 94 97.64 22.09 -50.09
N ARG N 95 98.24 20.97 -50.49
CA ARG N 95 97.60 19.62 -50.42
C ARG N 95 97.27 19.25 -48.96
N GLU N 96 98.12 19.69 -48.03
CA GLU N 96 97.92 19.45 -46.59
C GLU N 96 96.83 20.41 -46.11
N ILE N 97 97.03 21.73 -46.25
CA ILE N 97 95.97 22.72 -45.91
C ILE N 97 94.62 22.23 -46.41
N GLN N 98 94.51 21.79 -47.68
CA GLN N 98 93.25 21.24 -48.24
C GLN N 98 92.71 20.09 -47.36
N THR N 99 93.53 19.07 -47.09
CA THR N 99 93.08 17.86 -46.34
C THR N 99 92.76 18.26 -44.89
N ALA N 100 93.57 19.14 -44.31
CA ALA N 100 93.30 19.77 -42.99
C ALA N 100 91.86 20.29 -42.95
N VAL N 101 91.52 21.12 -43.93
CA VAL N 101 90.21 21.80 -44.08
C VAL N 101 89.12 20.75 -44.25
N ARG N 102 89.36 19.71 -45.05
CA ARG N 102 88.37 18.61 -45.24
C ARG N 102 88.09 17.89 -43.92
N LEU N 103 89.10 17.73 -43.04
CA LEU N 103 88.96 17.05 -41.72
C LEU N 103 88.30 17.98 -40.70
N LEU N 104 88.76 19.23 -40.61
CA LEU N 104 88.22 20.22 -39.64
C LEU N 104 86.80 20.66 -40.00
N LEU N 105 86.57 21.17 -41.22
CA LEU N 105 85.27 21.83 -41.55
C LEU N 105 84.22 20.79 -41.87
N PRO N 106 82.94 21.05 -41.47
CA PRO N 106 81.80 20.20 -41.85
C PRO N 106 81.49 20.25 -43.36
N GLY N 107 80.72 19.27 -43.85
CA GLY N 107 80.46 19.00 -45.27
C GLY N 107 80.37 20.24 -46.14
N GLU N 108 79.30 21.02 -46.03
CA GLU N 108 79.02 22.15 -46.95
C GLU N 108 80.16 23.18 -46.79
N LEU N 109 80.35 23.70 -45.58
CA LEU N 109 81.43 24.66 -45.25
C LEU N 109 82.77 24.20 -45.86
N ALA N 110 83.13 22.93 -45.70
CA ALA N 110 84.37 22.32 -46.24
C ALA N 110 84.43 22.48 -47.76
N LYS N 111 83.44 21.91 -48.49
CA LYS N 111 83.30 22.02 -49.97
C LYS N 111 83.70 23.42 -50.45
N HIS N 112 83.01 24.44 -49.93
CA HIS N 112 83.17 25.85 -50.35
C HIS N 112 84.61 26.26 -50.04
N ALA N 113 85.04 26.05 -48.79
CA ALA N 113 86.37 26.48 -48.31
C ALA N 113 87.42 25.83 -49.21
N VAL N 114 87.18 24.56 -49.56
CA VAL N 114 88.04 23.80 -50.53
C VAL N 114 88.00 24.54 -51.87
N SER N 115 86.81 24.95 -52.31
CA SER N 115 86.61 25.67 -53.59
C SER N 115 87.27 27.04 -53.55
N GLU N 116 87.00 27.87 -52.53
CA GLU N 116 87.54 29.26 -52.44
C GLU N 116 89.07 29.17 -52.33
N GLY N 117 89.58 28.08 -51.74
CA GLY N 117 91.01 27.78 -51.53
C GLY N 117 91.74 27.38 -52.80
N THR N 118 91.24 26.35 -53.49
CA THR N 118 91.68 25.92 -54.85
C THR N 118 91.66 27.11 -55.80
N LYS N 119 90.51 27.80 -55.91
CA LYS N 119 90.39 29.00 -56.79
C LYS N 119 91.58 29.91 -56.55
N ALA N 120 91.75 30.41 -55.33
CA ALA N 120 92.84 31.33 -54.95
C ALA N 120 94.22 30.79 -55.40
N VAL N 121 94.47 29.48 -55.26
CA VAL N 121 95.79 28.83 -55.55
C VAL N 121 96.05 28.94 -57.05
N THR N 122 95.08 28.49 -57.86
CA THR N 122 95.12 28.51 -59.34
C THR N 122 95.44 29.93 -59.82
N LYS N 123 94.61 30.90 -59.44
CA LYS N 123 94.77 32.34 -59.80
C LYS N 123 96.12 32.91 -59.33
N TYR N 124 96.75 32.38 -58.28
CA TYR N 124 98.09 32.85 -57.81
C TYR N 124 99.18 32.24 -58.72
N THR N 125 99.11 30.93 -58.96
CA THR N 125 100.08 30.16 -59.79
C THR N 125 100.16 30.76 -61.20
N SER N 126 99.00 31.07 -61.80
CA SER N 126 98.85 31.54 -63.20
C SER N 126 99.33 32.99 -63.36
N ALA N 127 99.24 33.80 -62.30
CA ALA N 127 99.81 35.17 -62.24
C ALA N 127 101.34 35.10 -62.33
N LYS N 128 101.97 34.14 -61.63
CA LYS N 128 103.44 34.03 -61.41
C LYS N 128 103.86 35.18 -60.47
N LYS O 40 41.43 43.59 -3.98
CA LYS O 40 42.76 42.96 -3.72
C LYS O 40 43.86 43.81 -4.34
N PRO O 41 45.12 43.75 -3.82
CA PRO O 41 46.29 44.25 -4.56
C PRO O 41 46.74 43.27 -5.67
N HIS O 42 46.99 43.78 -6.88
CA HIS O 42 47.30 42.99 -8.11
C HIS O 42 48.51 42.07 -7.90
N ARG O 43 48.47 40.88 -8.49
CA ARG O 43 49.47 39.79 -8.27
C ARG O 43 49.45 38.82 -9.45
N TYR O 44 50.65 38.51 -9.98
CA TYR O 44 50.91 37.47 -11.02
C TYR O 44 51.03 36.09 -10.35
N ARG O 45 50.92 35.02 -11.13
CA ARG O 45 50.75 33.64 -10.60
C ARG O 45 52.06 32.86 -10.72
N PRO O 46 52.51 32.21 -9.62
CA PRO O 46 53.77 31.46 -9.62
C PRO O 46 54.13 30.82 -10.97
N GLY O 47 55.19 31.36 -11.59
CA GLY O 47 55.82 30.84 -12.82
C GLY O 47 55.68 31.82 -13.98
N THR O 48 54.84 32.83 -13.81
CA THR O 48 54.57 33.82 -14.88
C THR O 48 55.73 34.80 -14.92
N VAL O 49 56.12 35.35 -13.76
CA VAL O 49 57.23 36.35 -13.63
C VAL O 49 58.54 35.66 -14.00
N ALA O 50 58.78 34.46 -13.49
CA ALA O 50 59.86 33.55 -13.92
C ALA O 50 59.96 33.60 -15.46
N LEU O 51 58.87 33.28 -16.18
CA LEU O 51 58.90 33.23 -17.66
C LEU O 51 59.27 34.59 -18.23
N ARG O 52 58.71 35.70 -17.72
CA ARG O 52 59.10 37.07 -18.15
C ARG O 52 60.61 37.25 -17.95
N GLU O 53 61.11 36.77 -16.81
CA GLU O 53 62.54 36.82 -16.39
C GLU O 53 63.40 35.95 -17.31
N ILE O 54 62.88 34.82 -17.80
CA ILE O 54 63.57 34.02 -18.85
C ILE O 54 63.69 34.86 -20.12
N ARG O 55 62.59 35.44 -20.57
CA ARG O 55 62.57 36.19 -21.84
C ARG O 55 63.57 37.34 -21.70
N ARG O 56 63.60 37.99 -20.53
CA ARG O 56 64.44 39.20 -20.31
C ARG O 56 65.89 38.82 -20.57
N TYR O 57 66.34 37.76 -19.88
CA TYR O 57 67.77 37.42 -19.67
C TYR O 57 68.29 36.60 -20.84
N GLN O 58 67.42 35.89 -21.57
CA GLN O 58 67.75 35.26 -22.89
C GLN O 58 67.77 36.30 -24.02
N LYS O 59 67.28 37.52 -23.79
CA LYS O 59 67.31 38.58 -24.82
C LYS O 59 68.62 39.36 -24.66
N SER O 60 69.09 39.55 -23.42
CA SER O 60 70.23 40.44 -23.10
C SER O 60 71.53 39.65 -23.07
N THR O 61 72.66 40.37 -23.07
CA THR O 61 74.03 39.81 -23.05
C THR O 61 74.76 40.21 -21.76
N GLU O 62 74.31 41.28 -21.09
CA GLU O 62 74.99 41.88 -19.91
C GLU O 62 75.29 40.76 -18.90
N LEU O 63 76.44 40.84 -18.21
CA LEU O 63 76.86 39.87 -17.16
C LEU O 63 75.89 39.92 -15.97
N LEU O 64 75.53 38.77 -15.43
CA LEU O 64 74.45 38.62 -14.43
C LEU O 64 75.00 38.58 -12.99
N ILE O 65 76.30 38.38 -12.81
CA ILE O 65 76.94 38.46 -11.46
C ILE O 65 77.48 39.88 -11.28
N ARG O 66 77.46 40.35 -10.03
CA ARG O 66 77.91 41.70 -9.61
C ARG O 66 79.43 41.73 -9.74
N LYS O 67 79.97 42.76 -10.40
CA LYS O 67 81.37 42.76 -10.87
C LYS O 67 82.28 42.53 -9.64
N LEU O 68 82.22 43.40 -8.62
CA LEU O 68 83.18 43.41 -7.49
C LEU O 68 83.13 42.08 -6.75
N PRO O 69 81.96 41.66 -6.19
CA PRO O 69 81.85 40.36 -5.53
C PRO O 69 82.59 39.22 -6.25
N PHE O 70 82.42 39.15 -7.57
CA PHE O 70 83.09 38.17 -8.45
C PHE O 70 84.60 38.40 -8.39
N GLN O 71 85.04 39.65 -8.58
CA GLN O 71 86.46 40.04 -8.54
C GLN O 71 87.05 39.56 -7.20
N ARG O 72 86.40 39.91 -6.10
CA ARG O 72 86.85 39.53 -4.74
C ARG O 72 86.97 38.00 -4.69
N LEU O 73 86.02 37.30 -5.28
CA LEU O 73 86.05 35.83 -5.32
C LEU O 73 87.30 35.38 -6.07
N VAL O 74 87.61 36.02 -7.20
CA VAL O 74 88.74 35.61 -8.09
C VAL O 74 90.05 35.75 -7.32
N ARG O 75 90.25 36.90 -6.67
CA ARG O 75 91.52 37.25 -5.99
C ARG O 75 91.71 36.31 -4.79
N GLU O 76 90.63 36.00 -4.06
CA GLU O 76 90.56 34.90 -3.06
C GLU O 76 91.16 33.65 -3.70
N ILE O 77 90.50 33.07 -4.69
CA ILE O 77 90.90 31.76 -5.27
C ILE O 77 92.28 31.86 -5.91
N ALA O 78 92.81 33.07 -6.12
CA ALA O 78 94.19 33.31 -6.61
C ALA O 78 95.22 33.18 -5.47
N GLN O 79 94.86 33.58 -4.24
CA GLN O 79 95.74 33.53 -3.04
C GLN O 79 96.13 32.08 -2.72
N ASP O 80 95.31 31.11 -3.13
CA ASP O 80 95.54 29.66 -2.89
C ASP O 80 96.69 29.14 -3.76
N PHE O 81 97.21 29.95 -4.69
CA PHE O 81 98.23 29.53 -5.69
C PHE O 81 99.47 30.44 -5.68
N LYS O 82 99.28 31.72 -5.35
CA LYS O 82 100.38 32.70 -5.10
C LYS O 82 99.77 33.94 -4.45
N THR O 83 100.50 34.55 -3.52
CA THR O 83 100.07 35.76 -2.77
C THR O 83 100.42 37.00 -3.58
N ASP O 84 99.93 38.17 -3.13
CA ASP O 84 100.23 39.52 -3.69
C ASP O 84 100.24 39.46 -5.22
N LEU O 85 99.30 38.74 -5.83
CA LEU O 85 99.16 38.75 -7.31
C LEU O 85 98.42 40.02 -7.72
N ARG O 86 98.49 40.35 -9.00
CA ARG O 86 97.70 41.43 -9.61
C ARG O 86 96.92 40.81 -10.78
N PHE O 87 95.92 41.53 -11.28
CA PHE O 87 95.04 41.11 -12.39
C PHE O 87 94.74 42.28 -13.32
N GLN O 88 95.07 42.11 -14.59
CA GLN O 88 94.55 43.00 -15.65
C GLN O 88 93.04 43.02 -15.51
N SER O 89 92.44 44.21 -15.34
CA SER O 89 90.97 44.43 -15.40
C SER O 89 90.33 43.46 -16.40
N SER O 90 90.93 43.34 -17.60
CA SER O 90 90.50 42.49 -18.75
C SER O 90 90.59 41.00 -18.41
N ALA O 91 91.53 40.58 -17.57
CA ALA O 91 91.67 39.15 -17.21
C ALA O 91 90.52 38.73 -16.28
N VAL O 92 90.02 39.65 -15.44
CA VAL O 92 88.91 39.36 -14.48
C VAL O 92 87.65 39.10 -15.31
N MET O 93 87.35 39.99 -16.26
CA MET O 93 86.15 39.96 -17.14
C MET O 93 86.18 38.67 -17.93
N ALA O 94 87.31 38.40 -18.58
CA ALA O 94 87.52 37.19 -19.38
C ALA O 94 87.12 35.96 -18.54
N LEU O 95 87.32 36.02 -17.22
CA LEU O 95 86.88 34.93 -16.31
C LEU O 95 85.36 35.02 -16.11
N GLN O 96 84.84 36.19 -15.71
CA GLN O 96 83.37 36.39 -15.47
C GLN O 96 82.60 35.89 -16.69
N GLU O 97 83.06 36.25 -17.90
CA GLU O 97 82.41 35.81 -19.17
C GLU O 97 82.55 34.30 -19.30
N ALA O 98 83.65 33.76 -18.81
CA ALA O 98 83.97 32.32 -18.91
C ALA O 98 83.12 31.52 -17.93
N CYS O 99 82.90 32.07 -16.73
CA CYS O 99 82.14 31.45 -15.61
C CYS O 99 80.65 31.39 -15.95
N GLU O 100 80.06 32.59 -16.13
CA GLU O 100 78.61 32.75 -16.39
C GLU O 100 78.27 31.88 -17.60
N ALA O 101 78.94 32.10 -18.74
CA ALA O 101 78.74 31.29 -19.97
C ALA O 101 78.62 29.83 -19.58
N TYR O 102 79.55 29.36 -18.75
CA TYR O 102 79.67 27.95 -18.28
C TYR O 102 78.40 27.53 -17.55
N LEU O 103 78.12 28.23 -16.43
CA LEU O 103 76.97 27.96 -15.51
C LEU O 103 75.69 27.83 -16.34
N VAL O 104 75.42 28.88 -17.13
CA VAL O 104 74.20 29.00 -17.99
C VAL O 104 74.02 27.72 -18.82
N GLY O 105 75.07 27.29 -19.50
CA GLY O 105 75.05 26.05 -20.27
C GLY O 105 74.88 24.83 -19.38
N LEU O 106 75.27 24.92 -18.11
CA LEU O 106 75.06 23.80 -17.17
C LEU O 106 73.58 23.75 -16.82
N PHE O 107 73.06 24.87 -16.33
CA PHE O 107 71.62 25.08 -16.05
C PHE O 107 70.82 24.51 -17.23
N GLU O 108 71.17 24.89 -18.46
CA GLU O 108 70.54 24.36 -19.70
C GLU O 108 70.52 22.83 -19.67
N ASP O 109 71.67 22.17 -19.56
CA ASP O 109 71.77 20.69 -19.49
C ASP O 109 71.09 20.16 -18.22
N THR O 110 71.16 20.90 -17.11
CA THR O 110 70.45 20.60 -15.83
C THR O 110 68.94 20.56 -16.09
N ASN O 111 68.39 21.70 -16.53
CA ASN O 111 66.93 21.96 -16.75
C ASN O 111 66.35 20.85 -17.63
N LEU O 112 67.17 20.21 -18.47
CA LEU O 112 66.74 19.10 -19.35
C LEU O 112 66.66 17.80 -18.57
N CYS O 113 67.43 17.67 -17.48
CA CYS O 113 67.50 16.45 -16.63
C CYS O 113 66.39 16.52 -15.59
N ALA O 114 66.00 17.73 -15.18
CA ALA O 114 64.76 18.01 -14.43
C ALA O 114 63.55 17.57 -15.29
N ILE O 115 63.36 18.24 -16.43
CA ILE O 115 62.27 17.95 -17.41
C ILE O 115 62.23 16.43 -17.72
N HIS O 116 63.37 15.75 -17.75
CA HIS O 116 63.49 14.31 -18.10
C HIS O 116 62.84 13.45 -17.00
N ALA O 117 62.78 13.94 -15.77
CA ALA O 117 62.22 13.26 -14.58
C ALA O 117 60.79 13.74 -14.30
N LYS O 118 60.11 14.22 -15.36
CA LYS O 118 58.77 14.86 -15.26
C LYS O 118 58.82 15.83 -14.09
N ARG O 119 59.65 16.87 -14.19
CA ARG O 119 59.65 18.00 -13.22
C ARG O 119 59.68 19.32 -13.98
N VAL O 120 59.75 20.40 -13.23
CA VAL O 120 59.92 21.79 -13.74
C VAL O 120 60.94 22.49 -12.86
N THR O 121 61.28 21.85 -11.72
CA THR O 121 62.16 22.37 -10.67
C THR O 121 63.53 21.71 -10.80
N ILE O 122 64.59 22.51 -10.93
CA ILE O 122 65.99 22.02 -10.98
C ILE O 122 66.45 21.78 -9.54
N MET O 123 67.13 20.66 -9.31
CA MET O 123 67.54 20.16 -7.97
C MET O 123 68.96 19.64 -8.08
N PRO O 124 69.71 19.52 -6.96
CA PRO O 124 71.10 19.11 -7.03
C PRO O 124 71.28 17.87 -7.91
N LYS O 125 70.45 16.85 -7.71
CA LYS O 125 70.62 15.54 -8.40
C LYS O 125 70.56 15.72 -9.92
N ASP O 126 69.98 16.82 -10.42
CA ASP O 126 69.89 17.16 -11.87
C ASP O 126 71.23 17.69 -12.40
N ILE O 127 71.77 18.75 -11.77
CA ILE O 127 73.16 19.25 -12.00
C ILE O 127 74.08 18.03 -11.98
N GLN O 128 74.12 17.32 -10.85
CA GLN O 128 74.94 16.11 -10.65
C GLN O 128 74.87 15.24 -11.91
N LEU O 129 73.67 14.92 -12.41
CA LEU O 129 73.57 14.04 -13.60
C LEU O 129 74.25 14.74 -14.76
N ALA O 130 74.02 16.03 -14.96
CA ALA O 130 74.64 16.78 -16.08
C ALA O 130 76.14 16.48 -16.01
N ARG O 131 76.77 16.94 -14.93
CA ARG O 131 78.24 16.89 -14.74
C ARG O 131 78.69 15.44 -14.92
N ARG O 132 78.05 14.47 -14.28
CA ARG O 132 78.46 13.05 -14.47
C ARG O 132 78.51 12.79 -15.97
N ILE O 133 77.49 13.18 -16.73
CA ILE O 133 77.41 12.76 -18.16
C ILE O 133 78.40 13.58 -18.95
N ARG O 134 78.46 14.90 -18.69
CA ARG O 134 79.48 15.84 -19.23
C ARG O 134 80.89 15.30 -18.96
N GLY O 135 81.09 14.46 -17.94
CA GLY O 135 82.40 13.90 -17.59
C GLY O 135 83.25 14.93 -16.88
N GLU O 136 82.64 15.67 -15.95
CA GLU O 136 83.31 16.72 -15.15
C GLU O 136 83.67 16.12 -13.78
N ARG O 137 82.79 15.29 -13.23
CA ARG O 137 83.10 14.44 -12.05
C ARG O 137 83.02 12.97 -12.51
N ALA O 138 83.26 12.04 -11.58
CA ALA O 138 83.22 10.57 -11.82
C ALA O 138 81.82 10.04 -11.54
N ARG P 26 88.32 37.27 2.69
CA ARG P 26 87.15 36.91 3.55
C ARG P 26 86.52 35.61 3.01
N ASP P 27 85.20 35.48 3.09
CA ASP P 27 84.39 34.44 2.40
C ASP P 27 83.52 35.13 1.34
N ASN P 28 84.02 35.22 0.11
CA ASN P 28 83.46 36.06 -0.97
C ASN P 28 82.53 35.23 -1.86
N ILE P 29 82.62 33.89 -1.81
CA ILE P 29 81.71 32.92 -2.48
C ILE P 29 80.25 33.30 -2.20
N GLN P 30 79.93 33.76 -0.99
CA GLN P 30 78.55 34.16 -0.61
C GLN P 30 78.17 35.48 -1.29
N GLY P 31 79.12 36.17 -1.92
CA GLY P 31 78.85 37.38 -2.72
C GLY P 31 78.15 37.02 -4.02
N ILE P 32 78.17 35.74 -4.35
CA ILE P 32 77.37 35.16 -5.47
C ILE P 32 75.98 34.95 -4.89
N THR P 33 75.20 36.05 -4.90
CA THR P 33 73.87 36.23 -4.27
C THR P 33 72.89 35.20 -4.85
N LYS P 34 71.87 34.85 -4.08
CA LYS P 34 70.76 33.98 -4.53
C LYS P 34 70.14 34.55 -5.79
N PRO P 35 69.85 35.88 -5.83
CA PRO P 35 69.32 36.50 -7.05
C PRO P 35 70.23 36.33 -8.28
N ALA P 36 71.53 36.56 -8.12
CA ALA P 36 72.53 36.36 -9.20
C ALA P 36 72.38 34.96 -9.79
N ILE P 37 72.47 33.90 -8.99
CA ILE P 37 72.40 32.49 -9.49
C ILE P 37 71.04 32.23 -10.18
N ARG P 38 70.01 32.92 -9.70
CA ARG P 38 68.66 32.91 -10.30
C ARG P 38 68.82 33.49 -11.71
N ARG P 39 69.25 34.77 -11.84
CA ARG P 39 69.37 35.47 -13.14
C ARG P 39 70.03 34.51 -14.16
N LEU P 40 70.98 33.69 -13.70
CA LEU P 40 71.81 32.79 -14.54
C LEU P 40 70.98 31.58 -14.98
N ALA P 41 70.23 30.98 -14.04
CA ALA P 41 69.26 29.89 -14.32
C ALA P 41 68.22 30.38 -15.34
N ARG P 42 67.78 31.62 -15.19
CA ARG P 42 66.82 32.31 -16.11
C ARG P 42 67.42 32.31 -17.52
N ARG P 43 68.56 32.98 -17.76
CA ARG P 43 69.21 33.02 -19.10
C ARG P 43 69.39 31.58 -19.62
N GLY P 44 69.55 30.60 -18.74
CA GLY P 44 69.63 29.17 -19.11
C GLY P 44 68.27 28.55 -19.42
N GLY P 45 67.17 29.24 -19.11
CA GLY P 45 65.81 28.78 -19.44
C GLY P 45 65.29 27.81 -18.40
N VAL P 46 65.37 28.20 -17.14
CA VAL P 46 64.80 27.47 -15.98
C VAL P 46 63.68 28.33 -15.41
N LYS P 47 62.50 27.75 -15.28
CA LYS P 47 61.28 28.35 -14.68
C LYS P 47 61.35 28.31 -13.14
N ARG P 48 61.67 27.14 -12.56
CA ARG P 48 61.58 26.85 -11.11
C ARG P 48 62.90 26.29 -10.54
N ILE P 49 63.29 26.74 -9.35
CA ILE P 49 64.61 26.49 -8.71
C ILE P 49 64.41 25.97 -7.28
N SER P 50 64.94 24.79 -6.93
CA SER P 50 65.02 24.27 -5.53
C SER P 50 65.93 25.14 -4.65
N GLY P 51 65.71 25.15 -3.34
CA GLY P 51 66.53 25.97 -2.43
C GLY P 51 67.96 25.48 -2.43
N LEU P 52 68.14 24.16 -2.52
CA LEU P 52 69.45 23.45 -2.36
C LEU P 52 70.45 23.90 -3.44
N ILE P 53 69.95 24.42 -4.57
CA ILE P 53 70.71 24.77 -5.81
C ILE P 53 71.77 25.84 -5.53
N TYR P 54 71.39 26.93 -4.88
CA TYR P 54 72.29 28.10 -4.64
C TYR P 54 73.64 27.59 -4.09
N GLU P 55 73.67 26.62 -3.17
CA GLU P 55 74.95 26.21 -2.53
C GLU P 55 75.67 25.18 -3.40
N GLU P 56 74.95 24.32 -4.13
CA GLU P 56 75.50 23.42 -5.19
C GLU P 56 76.20 24.25 -6.28
N THR P 57 75.50 25.29 -6.76
CA THR P 57 75.96 26.26 -7.77
C THR P 57 77.23 26.96 -7.31
N ARG P 58 77.17 27.72 -6.23
CA ARG P 58 78.37 28.30 -5.55
C ARG P 58 79.44 27.20 -5.45
N GLY P 59 79.00 25.99 -5.15
CA GLY P 59 79.85 24.79 -5.16
C GLY P 59 80.59 24.66 -6.48
N VAL P 60 79.85 24.55 -7.58
CA VAL P 60 80.45 24.21 -8.92
C VAL P 60 81.27 25.43 -9.40
N LEU P 61 80.69 26.63 -9.39
CA LEU P 61 81.41 27.88 -9.75
C LEU P 61 82.80 27.83 -9.11
N LYS P 62 82.89 27.53 -7.81
CA LYS P 62 84.17 27.48 -7.06
C LYS P 62 85.15 26.59 -7.81
N VAL P 63 84.73 25.38 -8.18
CA VAL P 63 85.63 24.36 -8.79
C VAL P 63 86.06 24.85 -10.18
N PHE P 64 85.13 25.44 -10.92
CA PHE P 64 85.42 26.09 -12.23
C PHE P 64 86.52 27.16 -12.02
N LEU P 65 86.24 28.23 -11.29
CA LEU P 65 87.25 29.30 -11.10
C LEU P 65 88.56 28.72 -10.58
N GLU P 66 88.49 27.72 -9.68
CA GLU P 66 89.68 27.02 -9.12
C GLU P 66 90.52 26.43 -10.25
N ASN P 67 90.01 25.41 -10.96
CA ASN P 67 90.73 24.73 -12.08
C ASN P 67 91.24 25.72 -13.13
N VAL P 68 90.46 26.76 -13.45
CA VAL P 68 90.82 27.74 -14.50
C VAL P 68 91.93 28.65 -13.96
N ILE P 69 91.74 29.27 -12.78
CA ILE P 69 92.74 30.24 -12.25
C ILE P 69 94.08 29.51 -12.09
N ARG P 70 94.10 28.28 -11.56
CA ARG P 70 95.34 27.48 -11.41
C ARG P 70 96.12 27.59 -12.73
N ASP P 71 95.65 26.89 -13.75
CA ASP P 71 96.28 26.86 -15.09
C ASP P 71 96.62 28.30 -15.51
N ALA P 72 95.78 29.31 -15.24
CA ALA P 72 96.12 30.69 -15.64
C ALA P 72 97.43 31.08 -14.94
N VAL P 73 97.44 31.03 -13.62
CA VAL P 73 98.57 31.46 -12.75
C VAL P 73 99.87 30.69 -13.11
N THR P 74 99.81 29.39 -13.40
CA THR P 74 100.95 28.62 -13.96
C THR P 74 101.52 29.40 -15.16
N TYR P 75 100.64 29.89 -16.06
CA TYR P 75 101.01 30.63 -17.30
C TYR P 75 101.61 31.97 -16.87
N THR P 76 101.00 32.62 -15.88
CA THR P 76 101.55 33.82 -15.22
C THR P 76 102.95 33.53 -14.66
N GLU P 77 103.06 32.47 -13.85
CA GLU P 77 104.30 32.05 -13.14
C GLU P 77 105.38 31.71 -14.16
N HIS P 78 105.09 30.84 -15.14
CA HIS P 78 106.10 30.45 -16.16
C HIS P 78 106.65 31.72 -16.83
N ALA P 79 105.79 32.71 -17.08
CA ALA P 79 106.16 33.99 -17.73
C ALA P 79 106.92 34.87 -16.74
N LYS P 80 107.17 34.38 -15.53
CA LYS P 80 107.81 35.18 -14.46
C LYS P 80 107.21 36.59 -14.49
N ARG P 81 105.89 36.70 -14.25
CA ARG P 81 105.17 37.98 -13.97
C ARG P 81 104.49 37.86 -12.61
N LYS P 82 104.04 38.97 -12.03
CA LYS P 82 103.27 39.00 -10.76
C LYS P 82 101.83 39.44 -11.06
N THR P 83 101.54 39.73 -12.34
CA THR P 83 100.24 40.25 -12.86
C THR P 83 99.65 39.25 -13.87
N VAL P 84 98.41 38.79 -13.65
CA VAL P 84 97.74 37.80 -14.54
C VAL P 84 97.09 38.55 -15.71
N THR P 85 97.53 38.21 -16.92
CA THR P 85 97.13 38.87 -18.18
C THR P 85 95.90 38.16 -18.76
N ALA P 86 95.06 38.92 -19.48
CA ALA P 86 93.89 38.37 -20.19
C ALA P 86 94.29 37.08 -20.90
N MET P 87 95.50 36.99 -21.44
CA MET P 87 95.98 35.83 -22.24
C MET P 87 96.13 34.58 -21.35
N ASP P 88 96.80 34.76 -20.21
CA ASP P 88 96.93 33.72 -19.16
C ASP P 88 95.59 33.01 -19.05
N VAL P 89 94.51 33.76 -18.79
CA VAL P 89 93.15 33.18 -18.61
C VAL P 89 92.72 32.51 -19.92
N VAL P 90 93.06 33.10 -21.06
CA VAL P 90 92.61 32.58 -22.39
C VAL P 90 93.32 31.26 -22.64
N TYR P 91 94.65 31.28 -22.47
CA TYR P 91 95.50 30.08 -22.62
C TYR P 91 94.90 28.99 -21.74
N ALA P 92 94.48 29.38 -20.53
CA ALA P 92 93.93 28.47 -19.50
C ALA P 92 92.60 27.90 -20.01
N LEU P 93 91.68 28.79 -20.37
CA LEU P 93 90.32 28.37 -20.77
C LEU P 93 90.46 27.45 -21.97
N LYS P 94 91.29 27.84 -22.95
CA LYS P 94 91.51 27.04 -24.17
C LYS P 94 91.99 25.64 -23.75
N ARG P 95 92.96 25.60 -22.84
CA ARG P 95 93.55 24.34 -22.30
C ARG P 95 92.44 23.45 -21.78
N GLN P 96 91.61 24.01 -20.91
CA GLN P 96 90.60 23.27 -20.09
C GLN P 96 89.45 22.75 -20.96
N GLY P 97 89.35 23.15 -22.23
CA GLY P 97 88.28 22.73 -23.16
C GLY P 97 87.34 23.85 -23.54
N ARG P 98 87.58 25.06 -23.06
CA ARG P 98 86.54 26.08 -22.88
C ARG P 98 86.93 27.40 -23.57
N THR P 99 87.27 27.32 -24.87
CA THR P 99 87.87 28.46 -25.64
C THR P 99 86.98 29.72 -25.58
N LEU P 100 87.60 30.88 -25.51
CA LEU P 100 86.91 32.20 -25.38
C LEU P 100 87.40 33.15 -26.48
N TYR P 101 86.47 33.83 -27.13
CA TYR P 101 86.76 34.85 -28.16
C TYR P 101 86.57 36.23 -27.55
N GLY P 102 87.51 37.13 -27.75
CA GLY P 102 87.28 38.56 -27.54
C GLY P 102 88.23 39.17 -26.53
N PHE P 103 89.12 38.37 -25.94
CA PHE P 103 90.17 38.82 -24.99
C PHE P 103 91.57 38.61 -25.58
N GLY P 104 91.61 38.28 -26.87
CA GLY P 104 92.83 38.07 -27.67
C GLY P 104 92.94 36.62 -28.12
N GLY P 105 94.07 36.29 -28.76
CA GLY P 105 94.51 34.91 -29.03
C GLY P 105 93.47 34.14 -29.83
N ALA Q 15 137.08 7.26 -27.81
CA ALA Q 15 136.03 7.97 -27.02
C ALA Q 15 135.32 6.99 -26.06
N LYS Q 16 135.23 7.36 -24.78
CA LYS Q 16 134.45 6.63 -23.74
C LYS Q 16 133.02 6.39 -24.23
N ALA Q 17 132.53 5.15 -24.07
CA ALA Q 17 131.11 4.80 -24.25
C ALA Q 17 130.34 5.13 -22.96
N LYS Q 18 129.38 6.06 -23.02
CA LYS Q 18 128.30 6.16 -21.99
C LYS Q 18 127.06 6.86 -22.57
N THR Q 19 125.93 6.14 -22.56
CA THR Q 19 124.56 6.64 -22.82
C THR Q 19 124.21 7.75 -21.81
N ARG Q 20 123.59 8.81 -22.33
CA ARG Q 20 122.91 9.89 -21.55
C ARG Q 20 121.88 9.35 -20.56
N SER Q 21 120.94 8.52 -21.03
CA SER Q 21 120.01 7.73 -20.17
C SER Q 21 120.74 7.30 -18.89
N SER Q 22 121.91 6.68 -19.07
CA SER Q 22 122.70 6.07 -17.97
C SER Q 22 123.56 7.13 -17.26
N ARG Q 23 123.46 8.41 -17.61
CA ARG Q 23 124.00 9.52 -16.76
C ARG Q 23 122.89 10.10 -15.89
N ALA Q 24 121.67 10.15 -16.42
CA ALA Q 24 120.46 10.59 -15.70
C ALA Q 24 120.00 9.47 -14.79
N GLY Q 25 120.46 8.25 -15.10
CA GLY Q 25 120.06 7.03 -14.38
C GLY Q 25 118.64 6.68 -14.73
N LEU Q 26 118.36 6.63 -16.03
CA LEU Q 26 117.03 6.31 -16.62
C LEU Q 26 117.17 5.08 -17.51
N GLN Q 27 116.05 4.39 -17.69
CA GLN Q 27 115.89 3.37 -18.75
C GLN Q 27 115.46 4.13 -20.01
N PHE Q 28 114.62 5.15 -19.86
CA PHE Q 28 113.87 5.78 -20.98
C PHE Q 28 114.84 6.61 -21.80
N PRO Q 29 114.91 6.38 -23.13
CA PRO Q 29 116.07 6.78 -23.92
C PRO Q 29 116.16 8.29 -24.14
N VAL Q 30 117.05 8.98 -23.41
CA VAL Q 30 117.22 10.45 -23.45
C VAL Q 30 117.56 10.86 -24.88
N GLY Q 31 118.31 10.02 -25.61
CA GLY Q 31 118.65 10.25 -27.02
C GLY Q 31 117.40 10.33 -27.88
N ARG Q 32 116.81 9.17 -28.19
CA ARG Q 32 115.52 9.02 -28.91
C ARG Q 32 114.60 10.20 -28.60
N VAL Q 33 114.38 10.51 -27.31
CA VAL Q 33 113.43 11.58 -26.88
C VAL Q 33 113.84 12.92 -27.50
N HIS Q 34 115.07 13.36 -27.22
CA HIS Q 34 115.65 14.62 -27.76
C HIS Q 34 115.49 14.69 -29.28
N ARG Q 35 115.74 13.58 -29.99
CA ARG Q 35 115.61 13.47 -31.47
C ARG Q 35 114.14 13.65 -31.89
N LEU Q 36 113.24 12.84 -31.29
CA LEU Q 36 111.76 12.94 -31.41
C LEU Q 36 111.28 14.37 -31.15
N LEU Q 37 111.91 15.10 -30.23
CA LEU Q 37 111.49 16.49 -29.93
C LEU Q 37 111.86 17.40 -31.10
N ARG Q 38 113.09 17.31 -31.63
CA ARG Q 38 113.60 18.15 -32.75
C ARG Q 38 112.83 17.79 -34.03
N LYS Q 39 112.63 16.50 -34.30
CA LYS Q 39 111.99 15.98 -35.54
C LYS Q 39 110.48 16.26 -35.54
N GLY Q 40 109.88 16.42 -34.36
CA GLY Q 40 108.42 16.55 -34.20
C GLY Q 40 107.93 17.94 -34.53
N ASN Q 41 108.84 18.91 -34.66
CA ASN Q 41 108.52 20.33 -34.96
C ASN Q 41 107.70 20.86 -33.79
N TYR Q 42 108.34 20.90 -32.63
CA TYR Q 42 107.81 21.51 -31.38
C TYR Q 42 108.45 22.89 -31.24
N SER Q 43 109.75 22.99 -31.51
CA SER Q 43 110.44 24.30 -31.52
C SER Q 43 111.66 24.28 -32.45
N GLU Q 44 112.26 25.46 -32.60
CA GLU Q 44 113.51 25.70 -33.34
C GLU Q 44 114.65 25.08 -32.54
N ARG Q 45 114.62 25.30 -31.23
CA ARG Q 45 115.73 24.94 -30.31
C ARG Q 45 115.19 24.12 -29.13
N VAL Q 46 115.96 23.08 -28.74
CA VAL Q 46 115.70 22.15 -27.62
C VAL Q 46 116.87 22.23 -26.63
N GLY Q 47 116.62 22.64 -25.38
CA GLY Q 47 117.56 22.53 -24.24
C GLY Q 47 118.10 21.12 -24.04
N ALA Q 48 119.28 20.99 -23.42
CA ALA Q 48 119.90 19.65 -23.24
C ALA Q 48 119.19 18.94 -22.11
N GLY Q 49 118.53 19.72 -21.21
CA GLY Q 49 117.85 19.26 -19.99
C GLY Q 49 116.44 18.74 -20.24
N ALA Q 50 115.79 19.21 -21.30
CA ALA Q 50 114.40 18.83 -21.64
C ALA Q 50 114.31 17.32 -21.81
N PRO Q 51 115.04 16.70 -22.76
CA PRO Q 51 114.80 15.30 -23.11
C PRO Q 51 115.06 14.35 -21.94
N VAL Q 52 115.99 14.75 -21.07
CA VAL Q 52 116.18 14.19 -19.69
C VAL Q 52 114.85 14.33 -18.93
N TYR Q 53 114.42 15.58 -18.69
CA TYR Q 53 113.27 15.91 -17.81
C TYR Q 53 112.04 15.20 -18.37
N LEU Q 54 111.96 15.11 -19.69
CA LEU Q 54 110.79 14.46 -20.34
C LEU Q 54 110.94 12.94 -20.19
N ALA Q 55 112.08 12.37 -20.55
CA ALA Q 55 112.37 10.91 -20.41
C ALA Q 55 112.27 10.46 -18.95
N ALA Q 56 112.61 11.34 -18.00
CA ALA Q 56 112.36 11.17 -16.56
C ALA Q 56 110.85 10.94 -16.34
N VAL Q 57 110.04 11.93 -16.70
CA VAL Q 57 108.57 11.98 -16.48
C VAL Q 57 107.92 10.80 -17.21
N LEU Q 58 108.36 10.49 -18.42
CA LEU Q 58 107.78 9.36 -19.17
C LEU Q 58 108.02 8.05 -18.39
N GLU Q 59 109.26 7.85 -17.91
CA GLU Q 59 109.62 6.68 -17.07
C GLU Q 59 108.67 6.57 -15.89
N TYR Q 60 108.59 7.66 -15.09
CA TYR Q 60 107.87 7.68 -13.79
C TYR Q 60 106.42 7.21 -14.01
N LEU Q 61 105.73 7.73 -15.02
CA LEU Q 61 104.33 7.36 -15.31
C LEU Q 61 104.28 5.90 -15.78
N THR Q 62 105.29 5.45 -16.51
CA THR Q 62 105.35 4.05 -17.00
C THR Q 62 105.43 3.12 -15.77
N ALA Q 63 106.10 3.58 -14.70
CA ALA Q 63 106.33 2.80 -13.47
C ALA Q 63 105.05 2.74 -12.62
N GLU Q 64 104.44 3.90 -12.36
CA GLU Q 64 103.18 4.02 -11.60
C GLU Q 64 102.15 3.08 -12.20
N ILE Q 65 102.02 3.05 -13.53
CA ILE Q 65 101.00 2.23 -14.25
C ILE Q 65 101.37 0.76 -14.09
N LEU Q 66 102.65 0.44 -14.31
CA LEU Q 66 103.16 -0.95 -14.33
C LEU Q 66 103.20 -1.54 -12.92
N GLU Q 67 103.57 -0.74 -11.91
CA GLU Q 67 103.33 -1.06 -10.47
C GLU Q 67 101.88 -1.55 -10.33
N LEU Q 68 100.90 -0.63 -10.28
CA LEU Q 68 99.45 -0.89 -10.07
C LEU Q 68 98.96 -2.09 -10.88
N ALA Q 69 99.32 -2.18 -12.16
CA ALA Q 69 98.94 -3.29 -13.07
C ALA Q 69 99.55 -4.62 -12.61
N GLY Q 70 100.86 -4.63 -12.33
CA GLY Q 70 101.53 -5.82 -11.79
C GLY Q 70 100.74 -6.40 -10.63
N ASN Q 71 100.22 -5.52 -9.78
CA ASN Q 71 99.44 -5.90 -8.59
C ASN Q 71 98.13 -6.53 -9.06
N ALA Q 72 97.50 -5.95 -10.08
CA ALA Q 72 96.22 -6.42 -10.67
C ALA Q 72 96.41 -7.82 -11.28
N ALA Q 73 97.61 -8.11 -11.79
CA ALA Q 73 97.90 -9.38 -12.48
C ALA Q 73 98.08 -10.51 -11.45
N ARG Q 74 98.49 -10.19 -10.22
CA ARG Q 74 98.53 -11.17 -9.11
C ARG Q 74 97.11 -11.62 -8.82
N ASP Q 75 96.31 -10.73 -8.23
CA ASP Q 75 94.89 -10.98 -7.86
C ASP Q 75 94.21 -11.89 -8.90
N ASN Q 76 94.36 -11.63 -10.21
CA ASN Q 76 93.83 -12.52 -11.29
C ASN Q 76 94.63 -13.83 -11.32
N LYS Q 77 95.60 -14.00 -10.43
CA LYS Q 77 96.47 -15.21 -10.27
C LYS Q 77 97.47 -15.30 -11.43
N LYS Q 78 97.68 -14.22 -12.18
CA LYS Q 78 98.46 -14.23 -13.44
C LYS Q 78 99.81 -13.52 -13.19
N THR Q 79 100.85 -13.89 -13.96
CA THR Q 79 102.21 -13.26 -13.91
C THR Q 79 102.36 -12.30 -15.11
N ARG Q 80 101.90 -12.69 -16.31
CA ARG Q 80 101.85 -11.78 -17.47
C ARG Q 80 100.69 -10.81 -17.25
N ILE Q 81 100.97 -9.51 -17.43
CA ILE Q 81 99.93 -8.44 -17.57
C ILE Q 81 99.18 -8.61 -18.90
N ILE Q 82 97.85 -8.56 -18.86
CA ILE Q 82 97.00 -8.35 -20.04
C ILE Q 82 96.48 -6.90 -20.02
N PRO Q 83 95.92 -6.39 -21.13
CA PRO Q 83 95.18 -5.13 -21.11
C PRO Q 83 94.33 -4.97 -19.83
N ARG Q 84 93.46 -5.95 -19.54
CA ARG Q 84 92.44 -5.85 -18.45
C ARG Q 84 93.09 -5.36 -17.15
N HIS Q 85 94.27 -5.87 -16.81
CA HIS Q 85 95.03 -5.41 -15.60
C HIS Q 85 95.26 -3.91 -15.68
N LEU Q 86 95.83 -3.44 -16.80
CA LEU Q 86 96.06 -2.00 -17.02
C LEU Q 86 94.75 -1.27 -16.77
N GLN Q 87 93.66 -1.74 -17.38
CA GLN Q 87 92.33 -1.10 -17.26
C GLN Q 87 92.02 -1.02 -15.76
N LEU Q 88 92.05 -2.20 -15.10
CA LEU Q 88 91.71 -2.35 -13.67
C LEU Q 88 92.58 -1.37 -12.89
N ALA Q 89 93.85 -1.31 -13.25
CA ALA Q 89 94.86 -0.50 -12.55
C ALA Q 89 94.46 0.98 -12.60
N ILE Q 90 94.05 1.43 -13.80
CA ILE Q 90 93.98 2.87 -14.17
C ILE Q 90 92.66 3.44 -13.67
N ARG Q 91 91.58 2.72 -13.93
CA ARG Q 91 90.21 3.18 -13.58
C ARG Q 91 90.12 3.19 -12.05
N ASN Q 92 90.81 2.26 -11.40
CA ASN Q 92 90.79 2.14 -9.91
C ASN Q 92 91.63 3.27 -9.28
N ASP Q 93 92.60 3.84 -9.97
CA ASP Q 93 93.37 5.00 -9.45
C ASP Q 93 92.71 6.30 -9.91
N GLU Q 94 92.34 7.17 -8.97
CA GLU Q 94 91.59 8.44 -9.23
C GLU Q 94 92.35 9.27 -10.27
N GLU Q 95 93.65 9.44 -10.08
CA GLU Q 95 94.50 10.35 -10.92
C GLU Q 95 94.71 9.78 -12.33
N LEU Q 96 95.40 8.65 -12.45
CA LEU Q 96 95.53 7.94 -13.73
C LEU Q 96 94.19 8.01 -14.49
N ASN Q 97 93.07 7.74 -13.83
CA ASN Q 97 91.76 7.84 -14.53
C ASN Q 97 91.61 9.29 -14.98
N LYS Q 98 91.79 10.26 -14.09
CA LYS Q 98 91.63 11.67 -14.49
C LYS Q 98 92.49 11.89 -15.74
N LEU Q 99 93.70 11.35 -15.74
CA LEU Q 99 94.66 11.57 -16.84
C LEU Q 99 94.14 10.92 -18.12
N LEU Q 100 93.61 9.70 -18.05
CA LEU Q 100 93.22 8.92 -19.27
C LEU Q 100 91.69 8.86 -19.38
N GLY Q 101 91.02 9.92 -18.92
CA GLY Q 101 89.59 10.21 -19.14
C GLY Q 101 89.16 9.82 -20.54
N ARG Q 102 89.58 10.59 -21.55
CA ARG Q 102 89.11 10.45 -22.95
C ARG Q 102 89.99 9.43 -23.70
N VAL Q 103 90.42 8.34 -23.03
CA VAL Q 103 91.33 7.29 -23.60
C VAL Q 103 90.70 5.90 -23.52
N THR Q 104 90.34 5.32 -24.66
CA THR Q 104 89.86 3.92 -24.83
C THR Q 104 91.07 2.98 -24.73
N ILE Q 105 91.02 1.91 -23.93
CA ILE Q 105 92.08 0.87 -23.84
C ILE Q 105 91.58 -0.44 -24.46
N ALA Q 106 92.02 -0.76 -25.67
CA ALA Q 106 91.54 -1.98 -26.36
C ALA Q 106 91.66 -3.17 -25.40
N GLN Q 107 90.71 -4.10 -25.47
CA GLN Q 107 90.60 -5.32 -24.62
C GLN Q 107 90.63 -4.96 -23.13
N GLY Q 108 90.27 -3.72 -22.77
CA GLY Q 108 90.21 -3.24 -21.38
C GLY Q 108 89.00 -3.77 -20.63
N GLY Q 109 87.82 -3.72 -21.23
CA GLY Q 109 86.55 -4.01 -20.52
C GLY Q 109 86.22 -2.89 -19.56
N VAL Q 110 85.14 -3.04 -18.78
CA VAL Q 110 84.68 -2.01 -17.80
C VAL Q 110 84.83 -2.59 -16.40
N LEU Q 111 85.13 -1.75 -15.41
CA LEU Q 111 85.05 -2.09 -13.97
C LEU Q 111 83.66 -2.63 -13.64
N PRO Q 112 83.54 -3.72 -12.83
CA PRO Q 112 82.24 -4.18 -12.38
C PRO Q 112 81.61 -3.09 -11.53
N ASN Q 113 80.31 -2.87 -11.75
CA ASN Q 113 79.53 -1.74 -11.19
C ASN Q 113 78.07 -1.99 -11.59
N ILE Q 114 77.14 -2.07 -10.63
CA ILE Q 114 75.67 -2.20 -10.88
C ILE Q 114 74.94 -1.20 -9.99
N GLN Q 115 74.34 -0.15 -10.57
CA GLN Q 115 73.60 0.89 -9.81
C GLN Q 115 72.66 0.19 -8.80
N ALA Q 116 72.59 0.69 -7.56
CA ALA Q 116 71.84 0.08 -6.44
C ALA Q 116 70.41 -0.28 -6.89
N VAL Q 117 69.65 0.70 -7.38
CA VAL Q 117 68.18 0.55 -7.64
C VAL Q 117 67.94 -0.70 -8.52
N LEU Q 118 68.89 -1.08 -9.39
CA LEU Q 118 68.73 -2.23 -10.33
C LEU Q 118 68.96 -3.56 -9.59
N LEU Q 119 69.31 -3.53 -8.31
CA LEU Q 119 69.43 -4.75 -7.48
C LEU Q 119 68.07 -5.09 -6.89
N PRO Q 120 67.78 -6.39 -6.65
CA PRO Q 120 66.54 -6.82 -6.01
C PRO Q 120 66.65 -6.67 -4.49
N LYS Q 121 65.50 -6.54 -3.82
CA LYS Q 121 65.41 -6.50 -2.34
C LYS Q 121 65.92 -7.84 -1.77
N LYS R 33 114.32 -7.56 -43.55
CA LYS R 33 114.64 -6.22 -44.17
C LYS R 33 113.41 -5.29 -44.12
N ARG R 34 112.42 -5.64 -43.29
CA ARG R 34 111.10 -4.97 -43.25
C ARG R 34 111.27 -3.57 -42.62
N SER R 35 110.33 -2.68 -42.90
CA SER R 35 110.31 -1.24 -42.49
C SER R 35 111.55 -0.92 -41.64
N ARG R 36 111.47 -1.26 -40.35
CA ARG R 36 112.36 -0.77 -39.25
C ARG R 36 111.54 0.10 -38.31
N LYS R 37 110.44 -0.45 -37.78
CA LYS R 37 109.49 0.29 -36.90
C LYS R 37 110.04 0.28 -35.48
N GLU R 38 110.41 1.46 -34.94
CA GLU R 38 110.83 1.66 -33.52
C GLU R 38 109.62 1.63 -32.60
N SER R 39 109.74 0.94 -31.47
CA SER R 39 108.74 0.94 -30.36
C SER R 39 109.38 1.56 -29.13
N TYR R 40 108.75 1.38 -27.97
CA TYR R 40 109.32 1.68 -26.64
C TYR R 40 109.37 0.39 -25.83
N SER R 41 109.09 -0.75 -26.48
CA SER R 41 108.69 -2.02 -25.82
C SER R 41 109.79 -2.49 -24.85
N ILE R 42 111.06 -2.17 -25.15
CA ILE R 42 112.27 -2.63 -24.39
C ILE R 42 112.53 -1.74 -23.17
N TYR R 43 111.99 -0.54 -23.12
CA TYR R 43 112.09 0.35 -21.93
C TYR R 43 110.93 0.03 -20.97
N VAL R 44 109.79 -0.37 -21.53
CA VAL R 44 108.66 -0.90 -20.74
C VAL R 44 109.20 -2.15 -20.02
N TYR R 45 109.82 -3.07 -20.76
CA TYR R 45 110.22 -4.37 -20.21
C TYR R 45 111.25 -4.18 -19.09
N LYS R 46 112.17 -3.22 -19.24
CA LYS R 46 113.19 -2.94 -18.19
C LYS R 46 112.46 -2.48 -16.93
N VAL R 47 111.85 -1.32 -17.03
CA VAL R 47 111.03 -0.71 -15.94
C VAL R 47 110.14 -1.80 -15.33
N LEU R 48 109.55 -2.68 -16.15
CA LEU R 48 108.59 -3.69 -15.64
C LEU R 48 109.35 -4.59 -14.68
N LYS R 49 110.59 -4.94 -15.02
CA LYS R 49 111.43 -5.88 -14.23
C LYS R 49 112.23 -5.14 -13.13
N GLN R 50 112.09 -3.81 -13.05
CA GLN R 50 112.50 -2.99 -11.87
C GLN R 50 111.39 -2.97 -10.81
N VAL R 51 110.12 -3.13 -11.19
CA VAL R 51 108.95 -2.84 -10.30
C VAL R 51 108.16 -4.10 -10.01
N HIS R 52 108.31 -5.16 -10.83
CA HIS R 52 107.64 -6.47 -10.64
C HIS R 52 108.49 -7.58 -11.24
N PRO R 53 109.75 -7.74 -10.76
CA PRO R 53 110.74 -8.58 -11.42
C PRO R 53 110.29 -9.96 -11.89
N ASP R 54 109.20 -10.48 -11.29
CA ASP R 54 108.70 -11.87 -11.55
C ASP R 54 107.64 -11.85 -12.66
N THR R 55 106.93 -10.71 -12.84
CA THR R 55 105.77 -10.54 -13.77
C THR R 55 106.25 -10.15 -15.19
N GLY R 56 105.44 -10.49 -16.20
CA GLY R 56 105.70 -10.23 -17.64
C GLY R 56 104.69 -9.26 -18.23
N ILE R 57 104.34 -9.42 -19.50
CA ILE R 57 103.36 -8.53 -20.18
C ILE R 57 103.00 -9.13 -21.54
N SER R 58 101.71 -9.17 -21.89
CA SER R 58 101.22 -9.67 -23.19
C SER R 58 101.58 -8.58 -24.22
N SER R 59 101.68 -8.95 -25.51
CA SER R 59 101.99 -8.01 -26.63
C SER R 59 100.92 -6.92 -26.67
N LYS R 60 99.65 -7.34 -26.59
CA LYS R 60 98.45 -6.47 -26.52
C LYS R 60 98.72 -5.37 -25.48
N ALA R 61 99.11 -5.77 -24.28
CA ALA R 61 99.39 -4.87 -23.14
C ALA R 61 100.64 -4.03 -23.41
N MET R 62 101.63 -4.57 -24.13
CA MET R 62 102.82 -3.76 -24.50
C MET R 62 102.37 -2.70 -25.50
N GLY R 63 101.59 -3.12 -26.49
CA GLY R 63 100.89 -2.20 -27.40
C GLY R 63 100.37 -1.02 -26.61
N ILE R 64 99.52 -1.32 -25.62
CA ILE R 64 98.82 -0.28 -24.82
C ILE R 64 99.84 0.65 -24.17
N MET R 65 100.83 0.08 -23.48
CA MET R 65 101.90 0.86 -22.82
C MET R 65 102.60 1.77 -23.85
N ASN R 66 102.89 1.23 -25.03
CA ASN R 66 103.58 1.95 -26.13
C ASN R 66 102.76 3.21 -26.49
N SER R 67 101.50 3.02 -26.86
CA SER R 67 100.53 4.10 -27.16
C SER R 67 100.63 5.14 -26.03
N PHE R 68 100.38 4.69 -24.81
CA PHE R 68 100.49 5.48 -23.55
C PHE R 68 101.69 6.41 -23.57
N VAL R 69 102.86 5.86 -23.92
CA VAL R 69 104.10 6.68 -23.88
C VAL R 69 103.93 7.81 -24.88
N ASN R 70 103.64 7.44 -26.14
CA ASN R 70 103.54 8.37 -27.29
C ASN R 70 102.54 9.48 -26.94
N ASP R 71 101.39 9.08 -26.36
CA ASP R 71 100.24 9.97 -26.05
C ASP R 71 100.76 11.04 -25.07
N ILE R 72 101.41 10.63 -23.98
CA ILE R 72 101.87 11.61 -22.96
C ILE R 72 103.12 12.31 -23.49
N PHE R 73 103.83 11.70 -24.45
CA PHE R 73 104.97 12.38 -25.11
C PHE R 73 104.40 13.63 -25.75
N GLU R 74 103.43 13.40 -26.66
CA GLU R 74 102.84 14.46 -27.51
C GLU R 74 102.25 15.50 -26.56
N ARG R 75 101.45 15.10 -25.59
CA ARG R 75 100.74 16.08 -24.72
C ARG R 75 101.73 17.06 -24.08
N ILE R 76 102.92 16.59 -23.69
CA ILE R 76 103.90 17.43 -22.94
C ILE R 76 104.75 18.21 -23.94
N ALA R 77 105.23 17.54 -24.99
CA ALA R 77 105.95 18.21 -26.09
C ALA R 77 105.08 19.38 -26.60
N GLY R 78 103.82 19.09 -26.94
CA GLY R 78 102.79 20.08 -27.26
C GLY R 78 102.78 21.19 -26.22
N GLU R 79 102.31 20.90 -25.00
CA GLU R 79 102.06 21.97 -24.01
C GLU R 79 103.36 22.72 -23.77
N ALA R 80 104.50 22.05 -23.88
CA ALA R 80 105.81 22.74 -23.78
C ALA R 80 105.85 23.77 -24.91
N SER R 81 105.63 23.28 -26.14
CA SER R 81 105.68 24.03 -27.44
C SER R 81 104.96 25.40 -27.35
N ARG R 82 103.67 25.37 -26.96
CA ARG R 82 102.85 26.56 -26.65
C ARG R 82 103.55 27.46 -25.62
N LEU R 83 103.81 26.94 -24.41
CA LEU R 83 104.57 27.64 -23.34
C LEU R 83 105.61 28.54 -24.00
N ALA R 84 106.46 27.92 -24.82
CA ALA R 84 107.56 28.57 -25.56
C ALA R 84 106.96 29.69 -26.39
N HIS R 85 106.13 29.32 -27.37
CA HIS R 85 105.47 30.24 -28.32
C HIS R 85 104.92 31.45 -27.54
N TYR R 86 104.05 31.22 -26.55
CA TYR R 86 103.36 32.29 -25.80
C TYR R 86 104.34 33.28 -25.16
N ASN R 87 105.58 32.91 -24.88
CA ASN R 87 106.51 33.82 -24.15
C ASN R 87 107.56 34.35 -25.14
N LYS R 88 107.40 34.01 -26.42
CA LYS R 88 108.30 34.46 -27.52
C LYS R 88 109.64 33.72 -27.44
N ARG R 89 109.67 32.48 -26.94
CA ARG R 89 110.92 31.68 -26.80
C ARG R 89 111.07 30.73 -28.00
N SER R 90 112.31 30.62 -28.52
CA SER R 90 112.70 29.70 -29.64
C SER R 90 113.08 28.34 -29.06
N THR R 91 113.34 28.29 -27.75
CA THR R 91 113.90 27.12 -27.05
C THR R 91 112.90 26.56 -26.01
N ILE R 92 112.65 25.25 -26.14
CA ILE R 92 112.09 24.36 -25.10
C ILE R 92 113.22 23.92 -24.16
N THR R 93 113.17 24.37 -22.92
CA THR R 93 114.05 23.94 -21.82
C THR R 93 113.25 22.97 -20.95
N SER R 94 113.94 22.17 -20.14
CA SER R 94 113.41 21.51 -18.92
C SER R 94 112.30 22.37 -18.27
N ARG R 95 112.54 23.67 -18.11
CA ARG R 95 111.57 24.59 -17.46
C ARG R 95 110.21 24.47 -18.15
N GLU R 96 110.18 24.51 -19.49
CA GLU R 96 108.91 24.34 -20.24
C GLU R 96 108.36 22.96 -19.85
N ILE R 97 109.15 21.91 -20.07
CA ILE R 97 108.76 20.50 -19.79
C ILE R 97 108.17 20.42 -18.38
N GLN R 98 108.75 21.14 -17.42
CA GLN R 98 108.21 21.15 -16.05
C GLN R 98 106.78 21.73 -16.04
N THR R 99 106.65 23.02 -16.38
CA THR R 99 105.36 23.75 -16.36
C THR R 99 104.34 22.91 -17.12
N ALA R 100 104.69 22.39 -18.30
CA ALA R 100 103.83 21.48 -19.08
C ALA R 100 103.28 20.38 -18.15
N VAL R 101 104.17 19.65 -17.49
CA VAL R 101 103.83 18.52 -16.58
C VAL R 101 102.88 19.03 -15.50
N ARG R 102 103.23 20.16 -14.88
CA ARG R 102 102.40 20.80 -13.84
C ARG R 102 100.96 20.97 -14.33
N LEU R 103 100.78 21.54 -15.54
CA LEU R 103 99.47 21.82 -16.20
C LEU R 103 98.73 20.50 -16.50
N LEU R 104 99.35 19.64 -17.29
CA LEU R 104 98.79 18.36 -17.78
C LEU R 104 98.49 17.36 -16.64
N LEU R 105 99.34 17.26 -15.62
CA LEU R 105 99.20 16.13 -14.67
C LEU R 105 98.43 16.58 -13.43
N PRO R 106 97.66 15.64 -12.82
CA PRO R 106 96.96 15.87 -11.56
C PRO R 106 97.87 16.12 -10.35
N GLY R 107 97.32 16.78 -9.33
CA GLY R 107 97.95 17.11 -8.03
C GLY R 107 99.12 16.19 -7.69
N GLU R 108 98.85 14.94 -7.36
CA GLU R 108 99.90 14.05 -6.78
C GLU R 108 100.84 13.56 -7.90
N LEU R 109 100.30 12.94 -8.95
CA LEU R 109 101.13 12.50 -10.10
C LEU R 109 102.07 13.66 -10.51
N ALA R 110 101.59 14.90 -10.52
CA ALA R 110 102.39 16.08 -10.98
C ALA R 110 103.55 16.31 -10.01
N LYS R 111 103.29 16.46 -8.71
CA LYS R 111 104.35 16.60 -7.66
C LYS R 111 105.50 15.62 -7.93
N HIS R 112 105.19 14.31 -7.93
CA HIS R 112 106.16 13.20 -8.05
C HIS R 112 106.88 13.30 -9.40
N ALA R 113 106.13 13.55 -10.48
CA ALA R 113 106.64 13.59 -11.87
C ALA R 113 107.65 14.73 -12.02
N VAL R 114 107.35 15.89 -11.43
CA VAL R 114 108.25 17.09 -11.37
C VAL R 114 109.57 16.69 -10.73
N SER R 115 109.50 15.90 -9.66
CA SER R 115 110.63 15.48 -8.79
C SER R 115 111.50 14.45 -9.52
N GLU R 116 110.93 13.35 -10.03
CA GLU R 116 111.75 12.37 -10.80
C GLU R 116 112.40 13.15 -11.96
N GLY R 117 111.65 14.08 -12.54
CA GLY R 117 112.11 15.04 -13.57
C GLY R 117 113.32 15.82 -13.10
N THR R 118 113.15 16.64 -12.08
CA THR R 118 114.18 17.52 -11.44
C THR R 118 115.32 16.68 -10.85
N LYS R 119 114.99 15.56 -10.20
CA LYS R 119 115.98 14.54 -9.76
C LYS R 119 116.82 14.18 -10.99
N ALA R 120 116.26 13.53 -12.02
CA ALA R 120 116.99 13.00 -13.21
C ALA R 120 117.91 14.04 -13.86
N VAL R 121 117.51 15.31 -13.91
CA VAL R 121 118.23 16.40 -14.64
C VAL R 121 119.52 16.74 -13.90
N THR R 122 119.42 16.90 -12.57
CA THR R 122 120.57 17.12 -11.64
C THR R 122 121.54 15.94 -11.75
N LYS R 123 121.09 14.73 -11.43
CA LYS R 123 121.89 13.48 -11.60
C LYS R 123 122.62 13.51 -12.97
N TYR R 124 122.06 14.18 -13.97
CA TYR R 124 122.64 14.27 -15.34
C TYR R 124 123.76 15.32 -15.38
N THR R 125 123.46 16.55 -14.99
CA THR R 125 124.41 17.68 -15.01
C THR R 125 125.59 17.41 -14.06
N SER R 126 125.42 16.55 -13.06
CA SER R 126 126.52 16.07 -12.18
C SER R 126 127.29 14.97 -12.91
N ALA R 127 126.73 13.75 -13.03
CA ALA R 127 127.34 12.56 -13.66
C ALA R 127 128.58 12.97 -14.43
N LYS R 128 128.40 13.81 -15.47
CA LYS R 128 129.49 14.49 -16.23
C LYS R 128 128.92 15.76 -16.89
N THR S 24 -18.63 -22.84 8.29
CA THR S 24 -20.06 -22.52 8.64
C THR S 24 -20.06 -21.35 9.63
N ASP S 25 -20.46 -20.15 9.17
CA ASP S 25 -20.44 -18.91 9.99
C ASP S 25 -21.46 -17.91 9.43
N HIS S 26 -21.98 -17.02 10.30
CA HIS S 26 -22.85 -15.85 10.02
C HIS S 26 -21.97 -14.60 9.92
N PRO S 27 -21.38 -14.26 8.74
CA PRO S 27 -20.67 -12.99 8.58
C PRO S 27 -21.50 -11.78 9.03
N LYS S 28 -20.82 -10.71 9.45
CA LYS S 28 -21.38 -9.43 9.99
C LYS S 28 -22.81 -9.22 9.50
N TYR S 29 -23.70 -8.77 10.40
CA TYR S 29 -25.10 -8.39 10.07
C TYR S 29 -25.18 -8.01 8.59
N SER S 30 -24.56 -6.87 8.25
CA SER S 30 -24.59 -6.23 6.91
C SER S 30 -23.94 -7.13 5.85
N ASP S 31 -22.84 -7.82 6.18
CA ASP S 31 -22.13 -8.75 5.26
C ASP S 31 -22.95 -10.04 5.05
N MET S 32 -24.14 -10.15 5.67
CA MET S 32 -25.09 -11.27 5.45
C MET S 32 -26.32 -10.79 4.67
N ILE S 33 -26.80 -9.57 4.94
CA ILE S 33 -27.97 -8.95 4.26
C ILE S 33 -27.51 -8.53 2.85
N VAL S 34 -26.38 -7.81 2.77
CA VAL S 34 -25.68 -7.39 1.52
C VAL S 34 -25.75 -8.55 0.51
N ALA S 35 -25.50 -9.78 0.96
CA ALA S 35 -25.37 -11.00 0.12
C ALA S 35 -26.74 -11.47 -0.41
N ALA S 36 -27.83 -11.23 0.34
CA ALA S 36 -29.18 -11.78 0.06
C ALA S 36 -30.04 -10.73 -0.66
N ILE S 37 -30.08 -9.49 -0.14
CA ILE S 37 -30.71 -8.32 -0.83
C ILE S 37 -30.13 -8.20 -2.24
N GLN S 38 -28.88 -8.66 -2.43
CA GLN S 38 -28.10 -8.53 -3.71
C GLN S 38 -28.68 -9.46 -4.78
N ALA S 39 -29.29 -10.59 -4.40
CA ALA S 39 -29.99 -11.52 -5.31
C ALA S 39 -31.50 -11.51 -5.05
N GLU S 40 -32.19 -10.43 -5.48
CA GLU S 40 -33.66 -10.23 -5.37
C GLU S 40 -34.00 -8.81 -5.84
N LYS S 41 -33.85 -8.55 -7.14
CA LYS S 41 -34.15 -7.22 -7.74
C LYS S 41 -35.64 -6.92 -7.60
N ASN S 42 -35.99 -5.75 -7.04
CA ASN S 42 -37.38 -5.28 -6.83
C ASN S 42 -37.40 -3.74 -6.83
N ARG S 43 -38.43 -3.14 -7.44
CA ARG S 43 -38.63 -1.66 -7.53
C ARG S 43 -38.94 -1.08 -6.16
N ALA S 44 -39.71 -1.80 -5.33
CA ALA S 44 -39.94 -1.48 -3.90
C ALA S 44 -38.71 -1.91 -3.09
N GLY S 45 -37.98 -2.92 -3.57
CA GLY S 45 -36.73 -3.43 -2.95
C GLY S 45 -36.96 -4.78 -2.27
N SER S 46 -36.23 -5.05 -1.18
CA SER S 46 -36.40 -6.27 -0.35
C SER S 46 -36.82 -5.87 1.07
N SER S 47 -37.77 -6.63 1.62
CA SER S 47 -38.45 -6.33 2.90
C SER S 47 -38.21 -7.49 3.87
N ARG S 48 -38.05 -7.17 5.16
CA ARG S 48 -37.47 -8.05 6.22
C ARG S 48 -37.96 -9.48 6.02
N GLN S 49 -39.24 -9.68 5.72
CA GLN S 49 -39.86 -11.02 5.57
C GLN S 49 -39.03 -11.79 4.54
N SER S 50 -38.85 -11.20 3.34
CA SER S 50 -38.11 -11.76 2.18
C SER S 50 -36.69 -12.15 2.60
N ILE S 51 -35.96 -11.18 3.16
CA ILE S 51 -34.53 -11.25 3.56
C ILE S 51 -34.33 -12.48 4.45
N GLN S 52 -35.09 -12.53 5.56
CA GLN S 52 -35.05 -13.55 6.64
C GLN S 52 -35.25 -14.95 6.04
N LYS S 53 -36.09 -15.03 5.00
CA LYS S 53 -36.48 -16.31 4.35
C LYS S 53 -35.28 -16.82 3.53
N TYR S 54 -34.46 -15.92 3.00
CA TYR S 54 -33.22 -16.24 2.23
C TYR S 54 -32.18 -16.90 3.15
N ILE S 55 -31.84 -16.23 4.26
CA ILE S 55 -30.67 -16.55 5.12
C ILE S 55 -30.76 -18.02 5.55
N LYS S 56 -31.91 -18.42 6.12
CA LYS S 56 -32.20 -19.83 6.54
C LYS S 56 -32.10 -20.76 5.32
N SER S 57 -32.51 -20.31 4.13
CA SER S 57 -32.60 -21.13 2.89
C SER S 57 -31.23 -21.71 2.52
N HIS S 58 -30.17 -20.88 2.48
CA HIS S 58 -28.85 -21.21 1.89
C HIS S 58 -27.71 -21.14 2.92
N TYR S 59 -27.74 -20.16 3.83
CA TYR S 59 -26.65 -19.87 4.81
C TYR S 59 -26.88 -20.81 6.01
N LYS S 60 -26.80 -20.30 7.25
CA LYS S 60 -26.99 -21.09 8.50
C LYS S 60 -27.14 -20.13 9.68
N VAL S 61 -27.98 -20.45 10.67
CA VAL S 61 -28.13 -19.63 11.92
C VAL S 61 -28.87 -20.44 12.99
N GLY S 62 -28.75 -20.00 14.25
CA GLY S 62 -29.45 -20.55 15.43
C GLY S 62 -30.86 -20.03 15.51
N GLU S 63 -31.04 -18.78 15.94
CA GLU S 63 -32.33 -18.04 15.85
C GLU S 63 -32.02 -16.54 15.94
N ASN S 64 -32.40 -15.86 17.05
CA ASN S 64 -32.44 -14.38 17.24
C ASN S 64 -32.28 -13.62 15.91
N ALA S 65 -31.38 -14.08 15.03
CA ALA S 65 -31.15 -13.61 13.65
C ALA S 65 -32.16 -12.53 13.26
N ASP S 66 -33.46 -12.85 13.30
CA ASP S 66 -34.57 -11.95 12.89
C ASP S 66 -34.50 -10.64 13.68
N SER S 67 -34.25 -10.71 15.00
CA SER S 67 -34.10 -9.55 15.92
C SER S 67 -32.78 -8.82 15.65
N GLN S 68 -31.73 -9.58 15.31
CA GLN S 68 -30.42 -9.05 14.88
C GLN S 68 -30.59 -8.29 13.56
N ILE S 69 -31.24 -8.93 12.58
CA ILE S 69 -31.48 -8.40 11.20
C ILE S 69 -32.10 -7.01 11.32
N LYS S 70 -33.00 -6.82 12.29
CA LYS S 70 -33.78 -5.59 12.54
C LYS S 70 -32.84 -4.45 12.97
N LEU S 71 -32.12 -4.63 14.08
CA LEU S 71 -31.16 -3.62 14.63
C LEU S 71 -30.16 -3.25 13.53
N SER S 72 -29.60 -4.24 12.84
CA SER S 72 -28.64 -4.09 11.71
C SER S 72 -29.21 -3.15 10.65
N ILE S 73 -30.46 -3.42 10.24
CA ILE S 73 -31.22 -2.63 9.23
C ILE S 73 -31.52 -1.24 9.79
N LYS S 74 -31.73 -1.13 11.11
CA LYS S 74 -31.90 0.17 11.83
C LYS S 74 -30.59 0.97 11.78
N ARG S 75 -29.44 0.29 11.83
CA ARG S 75 -28.08 0.90 11.74
C ARG S 75 -27.86 1.45 10.33
N LEU S 76 -28.43 0.78 9.32
CA LEU S 76 -28.32 1.13 7.89
C LEU S 76 -29.30 2.27 7.55
N VAL S 77 -30.40 2.38 8.29
CA VAL S 77 -31.46 3.44 8.11
C VAL S 77 -30.88 4.78 8.56
N THR S 78 -30.39 4.86 9.81
CA THR S 78 -29.87 6.08 10.47
C THR S 78 -28.68 6.64 9.69
N THR S 79 -27.64 5.81 9.49
CA THR S 79 -26.33 6.18 8.89
C THR S 79 -26.48 6.54 7.41
N GLY S 80 -27.31 5.77 6.68
CA GLY S 80 -27.54 5.88 5.23
C GLY S 80 -26.77 4.84 4.44
N VAL S 81 -26.74 3.58 4.92
CA VAL S 81 -26.06 2.42 4.28
C VAL S 81 -27.02 1.75 3.30
N LEU S 82 -28.26 1.47 3.76
CA LEU S 82 -29.36 0.80 3.01
C LEU S 82 -30.67 1.58 3.18
N LYS S 83 -31.24 2.08 2.08
CA LYS S 83 -32.36 3.05 2.08
C LYS S 83 -33.64 2.35 2.56
N GLN S 84 -34.64 3.15 2.93
CA GLN S 84 -36.02 2.74 3.30
C GLN S 84 -36.96 3.19 2.19
N THR S 85 -37.75 2.26 1.63
CA THR S 85 -38.70 2.55 0.52
C THR S 85 -39.98 3.17 1.12
N LYS S 86 -40.68 2.41 1.97
CA LYS S 86 -41.89 2.87 2.72
C LYS S 86 -41.92 2.17 4.10
N GLY S 87 -42.33 2.90 5.16
CA GLY S 87 -42.55 2.35 6.51
C GLY S 87 -41.45 2.75 7.51
N VAL S 88 -41.75 2.64 8.81
CA VAL S 88 -40.87 3.06 9.95
C VAL S 88 -40.30 1.81 10.64
N GLY S 89 -39.25 1.99 11.45
CA GLY S 89 -38.54 0.90 12.17
C GLY S 89 -38.09 -0.20 11.23
N ALA S 90 -38.36 -1.47 11.59
CA ALA S 90 -38.12 -2.67 10.75
C ALA S 90 -39.43 -3.11 10.08
N SER S 91 -40.32 -2.17 9.76
CA SER S 91 -41.53 -2.38 8.93
C SER S 91 -41.41 -1.51 7.66
N GLY S 92 -41.52 -2.15 6.50
CA GLY S 92 -41.32 -1.51 5.19
C GLY S 92 -40.38 -2.31 4.30
N SER S 93 -39.92 -1.67 3.22
CA SER S 93 -39.02 -2.23 2.18
C SER S 93 -37.66 -1.51 2.24
N PHE S 94 -36.57 -2.29 2.30
CA PHE S 94 -35.18 -1.78 2.48
C PHE S 94 -34.27 -2.30 1.35
N ARG S 95 -33.84 -1.39 0.45
CA ARG S 95 -33.03 -1.66 -0.77
C ARG S 95 -31.53 -1.70 -0.39
N LEU S 96 -30.61 -1.49 -1.35
CA LEU S 96 -29.14 -1.37 -1.14
C LEU S 96 -28.67 0.06 -1.44
N ALA S 97 -27.40 0.35 -1.14
CA ALA S 97 -26.76 1.70 -1.04
C ALA S 97 -27.04 2.56 -2.27
N LYS S 98 -26.66 2.10 -3.47
CA LYS S 98 -26.94 2.82 -4.75
C LYS S 98 -27.16 1.81 -5.88
N THR T 24 18.11 8.97 -23.40
CA THR T 24 19.48 9.40 -22.96
C THR T 24 19.38 10.11 -21.60
N ASP T 25 19.26 9.35 -20.50
CA ASP T 25 19.06 9.86 -19.12
C ASP T 25 20.31 9.56 -18.27
N HIS T 26 20.88 10.61 -17.65
CA HIS T 26 22.00 10.59 -16.67
C HIS T 26 21.45 10.95 -15.30
N PRO T 27 20.88 9.98 -14.54
CA PRO T 27 20.26 10.27 -13.24
C PRO T 27 21.14 10.97 -12.18
N LYS T 28 20.63 11.02 -10.94
CA LYS T 28 21.29 11.62 -9.76
C LYS T 28 22.63 10.94 -9.49
N TYR T 29 23.48 11.57 -8.68
CA TYR T 29 24.74 10.99 -8.13
C TYR T 29 24.43 10.19 -6.87
N SER T 30 23.14 10.16 -6.45
CA SER T 30 22.57 9.24 -5.43
C SER T 30 21.75 8.13 -6.10
N ASP T 31 22.02 7.86 -7.39
CA ASP T 31 21.49 6.69 -8.16
C ASP T 31 21.83 6.83 -9.66
N MET T 32 23.10 7.10 -9.99
CA MET T 32 23.60 7.29 -11.39
C MET T 32 24.07 5.95 -11.95
N ILE T 33 25.25 5.46 -11.52
CA ILE T 33 25.88 4.23 -12.06
C ILE T 33 26.06 3.20 -10.93
N VAL T 34 25.02 3.04 -10.10
CA VAL T 34 24.93 2.00 -9.03
C VAL T 34 24.98 0.61 -9.71
N ALA T 35 24.51 0.52 -10.96
CA ALA T 35 24.47 -0.72 -11.75
C ALA T 35 25.89 -1.20 -12.07
N ALA T 36 26.81 -0.30 -12.46
CA ALA T 36 28.22 -0.64 -12.76
C ALA T 36 28.94 -1.11 -11.49
N ILE T 37 28.74 -0.39 -10.37
CA ILE T 37 29.38 -0.68 -9.04
C ILE T 37 28.91 -2.06 -8.57
N GLN T 38 27.58 -2.31 -8.57
CA GLN T 38 26.91 -3.55 -8.07
C GLN T 38 27.10 -4.69 -9.09
N ALA T 39 27.25 -4.37 -10.39
CA ALA T 39 27.54 -5.33 -11.49
C ALA T 39 29.06 -5.43 -11.70
N GLU T 40 29.81 -5.54 -10.60
CA GLU T 40 31.29 -5.65 -10.59
C GLU T 40 31.70 -6.08 -9.17
N LYS T 41 31.19 -7.22 -8.70
CA LYS T 41 31.46 -7.74 -7.33
C LYS T 41 32.98 -7.96 -7.19
N ASN T 42 33.60 -7.18 -6.29
CA ASN T 42 35.06 -7.25 -5.98
C ASN T 42 35.21 -7.24 -4.45
N ARG T 43 36.37 -7.69 -3.96
CA ARG T 43 36.69 -7.83 -2.51
C ARG T 43 37.34 -6.53 -2.03
N ALA T 44 38.15 -5.90 -2.88
CA ALA T 44 38.69 -4.53 -2.73
C ALA T 44 37.59 -3.51 -3.07
N GLY T 45 36.46 -3.97 -3.62
CA GLY T 45 35.35 -3.12 -4.10
C GLY T 45 35.65 -2.56 -5.47
N SER T 46 34.93 -1.51 -5.87
CA SER T 46 35.15 -0.78 -7.15
C SER T 46 36.07 0.42 -6.90
N SER T 47 36.94 0.73 -7.86
CA SER T 47 37.81 1.94 -7.89
C SER T 47 37.09 3.05 -8.66
N ARG T 48 37.77 4.19 -8.86
CA ARG T 48 37.23 5.40 -9.53
C ARG T 48 37.47 5.30 -11.05
N GLN T 49 38.54 4.61 -11.47
CA GLN T 49 38.85 4.34 -12.90
C GLN T 49 37.82 3.37 -13.47
N SER T 50 37.81 2.13 -12.99
CA SER T 50 36.88 1.04 -13.42
C SER T 50 35.44 1.56 -13.53
N ILE T 51 34.96 2.35 -12.56
CA ILE T 51 33.59 2.95 -12.53
C ILE T 51 33.46 4.04 -13.60
N GLN T 52 34.49 4.88 -13.77
CA GLN T 52 34.54 5.93 -14.83
C GLN T 52 34.39 5.27 -16.22
N LYS T 53 34.89 4.03 -16.35
CA LYS T 53 34.98 3.28 -17.64
C LYS T 53 33.68 2.52 -17.91
N TYR T 54 32.66 2.66 -17.05
CA TYR T 54 31.33 2.04 -17.22
C TYR T 54 30.30 3.11 -17.62
N ILE T 55 30.27 4.29 -16.98
CA ILE T 55 29.26 5.37 -17.28
C ILE T 55 29.28 5.66 -18.78
N LYS T 56 30.46 5.60 -19.42
CA LYS T 56 30.65 5.93 -20.85
C LYS T 56 30.52 4.69 -21.75
N SER T 57 30.33 3.50 -21.16
CA SER T 57 30.23 2.22 -21.91
C SER T 57 28.77 1.75 -22.06
N HIS T 58 27.79 2.44 -21.46
CA HIS T 58 26.34 2.08 -21.52
C HIS T 58 25.40 3.29 -21.30
N TYR T 59 25.64 4.16 -20.30
CA TYR T 59 24.74 5.26 -19.89
C TYR T 59 25.10 6.55 -20.65
N LYS T 60 24.62 7.72 -20.20
CA LYS T 60 25.02 9.06 -20.72
C LYS T 60 25.62 9.90 -19.59
N VAL T 61 26.45 10.88 -19.96
CA VAL T 61 27.20 11.77 -19.02
C VAL T 61 27.81 12.93 -19.82
N GLY T 62 28.20 14.01 -19.13
CA GLY T 62 28.83 15.20 -19.73
C GLY T 62 30.33 15.02 -19.90
N GLU T 63 31.10 16.08 -19.61
CA GLU T 63 32.59 16.08 -19.61
C GLU T 63 33.10 16.19 -18.16
N ASN T 64 32.44 17.01 -17.32
CA ASN T 64 32.71 17.12 -15.86
C ASN T 64 32.46 15.77 -15.17
N ALA T 65 31.52 14.97 -15.68
CA ALA T 65 31.13 13.62 -15.20
C ALA T 65 32.03 13.14 -14.05
N ASP T 66 33.32 13.03 -14.32
CA ASP T 66 34.36 12.44 -13.43
C ASP T 66 34.50 13.29 -12.15
N SER T 67 34.53 14.63 -12.28
CA SER T 67 34.66 15.60 -11.16
C SER T 67 33.36 15.68 -10.34
N GLN T 68 32.25 15.16 -10.89
CA GLN T 68 30.93 15.07 -10.21
C GLN T 68 30.84 13.72 -9.50
N ILE T 69 31.39 12.66 -10.12
CA ILE T 69 31.53 11.29 -9.53
C ILE T 69 32.34 11.41 -8.23
N LYS T 70 33.40 12.23 -8.22
CA LYS T 70 34.34 12.43 -7.09
C LYS T 70 33.62 13.11 -5.91
N LEU T 71 32.95 14.24 -6.16
CA LEU T 71 32.14 14.98 -5.15
C LEU T 71 31.00 14.08 -4.65
N SER T 72 30.62 13.06 -5.43
CA SER T 72 29.52 12.11 -5.15
C SER T 72 30.01 10.87 -4.38
N ILE T 73 31.31 10.59 -4.40
CA ILE T 73 31.97 9.50 -3.60
C ILE T 73 32.53 10.11 -2.31
N LYS T 74 32.67 11.44 -2.26
CA LYS T 74 33.10 12.22 -1.06
C LYS T 74 31.91 12.45 -0.11
N ARG T 75 30.70 12.62 -0.67
CA ARG T 75 29.43 12.79 0.10
C ARG T 75 28.97 11.43 0.65
N LEU T 76 29.49 10.32 0.11
CA LEU T 76 29.26 8.93 0.60
C LEU T 76 30.30 8.56 1.66
N VAL T 77 31.52 9.12 1.56
CA VAL T 77 32.69 8.80 2.44
C VAL T 77 32.44 9.40 3.84
N THR T 78 31.96 10.64 3.93
CA THR T 78 31.78 11.42 5.19
C THR T 78 30.50 10.97 5.93
N THR T 79 29.42 10.72 5.18
CA THR T 79 28.07 10.36 5.72
C THR T 79 28.07 8.90 6.18
N GLY T 80 28.55 7.98 5.34
CA GLY T 80 28.53 6.52 5.57
C GLY T 80 27.54 5.81 4.64
N VAL T 81 27.44 6.27 3.38
CA VAL T 81 26.55 5.71 2.32
C VAL T 81 27.31 4.58 1.60
N LEU T 82 28.54 4.89 1.15
CA LEU T 82 29.49 3.93 0.49
C LEU T 82 30.83 4.01 1.22
N LYS T 83 31.35 2.86 1.65
CA LYS T 83 32.60 2.73 2.45
C LYS T 83 33.81 2.98 1.53
N GLN T 84 34.99 3.10 2.11
CA GLN T 84 36.28 3.33 1.40
C GLN T 84 37.30 2.27 1.89
N THR T 85 37.70 1.37 1.00
CA THR T 85 38.58 0.21 1.31
C THR T 85 39.95 0.71 1.79
N LYS T 86 40.66 1.46 0.92
CA LYS T 86 42.00 2.05 1.17
C LYS T 86 42.08 3.41 0.47
N GLY T 87 43.14 4.18 0.72
CA GLY T 87 43.39 5.50 0.10
C GLY T 87 42.66 6.62 0.83
N VAL T 88 42.69 7.84 0.26
CA VAL T 88 42.02 9.05 0.81
C VAL T 88 41.21 9.73 -0.33
N GLY T 89 40.25 10.58 0.02
CA GLY T 89 39.41 11.37 -0.90
C GLY T 89 38.70 10.50 -1.92
N ALA T 90 38.85 10.81 -3.22
CA ALA T 90 38.43 9.94 -4.34
C ALA T 90 39.38 8.75 -4.46
N SER T 91 40.67 8.95 -4.19
CA SER T 91 41.76 7.96 -4.37
C SER T 91 41.52 6.73 -3.50
N GLY T 92 41.74 5.53 -4.07
CA GLY T 92 41.49 4.23 -3.43
C GLY T 92 40.10 3.71 -3.76
N SER T 93 39.86 2.43 -3.52
CA SER T 93 38.60 1.72 -3.86
C SER T 93 37.49 2.09 -2.87
N PHE T 94 36.23 2.06 -3.32
CA PHE T 94 35.01 2.39 -2.54
C PHE T 94 33.91 1.36 -2.88
N ARG T 95 33.48 0.58 -1.88
CA ARG T 95 32.41 -0.46 -2.01
C ARG T 95 31.05 0.17 -1.67
N LEU T 96 29.96 -0.62 -1.73
CA LEU T 96 28.56 -0.15 -1.48
C LEU T 96 28.23 -0.26 0.01
N ALA T 97 27.15 0.40 0.44
CA ALA T 97 26.64 0.45 1.84
C ALA T 97 26.80 -0.94 2.48
N LYS T 98 26.16 -1.94 1.87
CA LYS T 98 26.15 -3.36 2.31
C LYS T 98 25.99 -4.26 1.09
CA CA U . 84.74 -25.85 -17.96
CA CA V . -88.40 -11.15 -17.09
K K W . -105.58 -39.46 6.15
K K X . 100.63 -5.00 -49.02
CA CA Y . -108.26 -45.09 15.38
K K Z . -96.15 -3.57 57.65
K K AA . 101.01 47.88 -15.19
K K BA . 110.17 17.50 -57.22
CL CL CA . -115.81 -9.10 34.39
CL CL DA . -104.03 -41.08 36.53
CL CL EA . 102.14 24.88 -51.90
CL CL FA . 117.33 22.27 -20.93
#